data_9W5X
#
_entry.id   9W5X
#
_cell.length_a   64.061
_cell.length_b   104.737
_cell.length_c   119.668
_cell.angle_alpha   109.31
_cell.angle_beta   101.55
_cell.angle_gamma   89.97
#
_symmetry.space_group_name_H-M   'P 1'
#
loop_
_entity.id
_entity.type
_entity.pdbx_description
1 polymer 'Nicotinamide phosphoribosyltransferase'
2 non-polymer GLYCEROL
3 non-polymer NICOTINAMIDE
4 non-polymer 'SULFATE ION'
5 water water
#
_entity_poly.entity_id   1
_entity_poly.type   'polypeptide(L)'
_entity_poly.pdbx_seq_one_letter_code
;MTKYTYPATLLCDFYKVSHKEQYPEGTELIYSTWTPRTSRVEDIDRVVAFGFQGFIKKYLIDYFNENFFKRPKQDVVNEY
KRVIKHTLQVDDPDASHIESLHELGYLPIKIKAVKEGTFIPIKVPMLTIENTIPEFFWITNYLETLMSNEIWQPTTSATL
AYEYRKILDEYAMETVGNKLAVDFQGHDFSMRGMSSLESTKLSGAGHLLSFTGTDTIPAILYHEEFYNANIENELVGSSI
PATEHSVMCANGQDEYVVFKKLITETYPEGFVSIVSDTWDFWNVIDTVVRKLKGDILKRDGKVVIRPDSGDPVKIICGDP
EAKDELVRKGLIEVLWDIFGGNVTDKGYKVLDPHIGAIYGDAITISRCKEICKKLAAKGFASVNVVFGIGSFTYQYNTRD
TFGFAMKATYTVVNGEERQIFKNPKTDDGTKKSQKGLVAVVNNGNELSLVDELDRNAYKQLSNDDILEDVFINGQLLRNQ
TLSEIRELLLD
;
_entity_poly.pdbx_strand_id   A,B,C,D
#
# COMPACT_ATOMS: atom_id res chain seq x y z
N THR A 2 5.60 -4.89 5.75
CA THR A 2 6.53 -4.91 6.88
C THR A 2 6.95 -6.27 7.44
N LYS A 3 5.95 -7.14 7.63
CA LYS A 3 5.99 -8.36 8.44
C LYS A 3 6.54 -8.04 9.84
N TYR A 4 5.75 -7.27 10.62
CA TYR A 4 6.15 -6.97 11.99
C TYR A 4 5.99 -8.18 12.89
N THR A 5 7.04 -8.50 13.64
CA THR A 5 7.07 -9.64 14.56
C THR A 5 7.10 -9.12 15.99
N TYR A 6 6.06 -9.45 16.76
CA TYR A 6 6.09 -9.19 18.19
C TYR A 6 6.91 -10.30 18.83
N PRO A 7 8.06 -9.99 19.41
CA PRO A 7 8.94 -11.04 19.94
C PRO A 7 8.23 -11.95 20.92
N ALA A 8 8.37 -13.25 20.71
CA ALA A 8 7.76 -14.23 21.60
C ALA A 8 8.26 -14.09 23.03
N THR A 9 9.41 -13.46 23.21
CA THR A 9 10.03 -13.26 24.53
C THR A 9 9.58 -11.97 25.20
N LEU A 10 8.68 -11.20 24.58
CA LEU A 10 8.25 -9.92 25.12
C LEU A 10 6.73 -9.80 25.15
N LEU A 11 6.04 -10.93 25.32
CA LEU A 11 4.59 -10.94 25.47
C LEU A 11 4.25 -11.02 26.96
N CYS A 12 4.56 -9.94 27.68
CA CYS A 12 4.49 -9.97 29.14
C CYS A 12 4.46 -8.55 29.69
N ASP A 13 4.21 -8.47 31.00
CA ASP A 13 4.49 -7.24 31.73
C ASP A 13 5.99 -6.99 31.72
N PHE A 14 6.37 -5.70 31.71
CA PHE A 14 7.78 -5.34 31.64
C PHE A 14 8.58 -5.93 32.80
N TYR A 15 8.03 -5.91 34.01
CA TYR A 15 8.80 -6.29 35.19
C TYR A 15 9.03 -7.79 35.27
N LYS A 16 8.27 -8.58 34.50
CA LYS A 16 8.62 -9.99 34.30
C LYS A 16 10.04 -10.12 33.77
N VAL A 17 10.47 -9.20 32.91
CA VAL A 17 11.82 -9.24 32.36
C VAL A 17 12.86 -9.01 33.45
N SER A 18 12.55 -8.20 34.47
CA SER A 18 13.51 -7.92 35.53
C SER A 18 13.50 -8.97 36.64
N HIS A 19 12.48 -9.82 36.71
CA HIS A 19 12.40 -10.74 37.85
C HIS A 19 13.53 -11.77 37.89
N LYS A 20 14.07 -12.17 36.73
CA LYS A 20 15.05 -13.26 36.72
C LYS A 20 16.21 -12.99 37.67
N GLU A 21 16.78 -11.79 37.62
CA GLU A 21 17.93 -11.46 38.47
C GLU A 21 17.54 -11.19 39.91
N GLN A 22 16.25 -11.09 40.23
CA GLN A 22 15.84 -10.81 41.61
C GLN A 22 15.61 -12.06 42.45
N TYR A 23 15.47 -13.23 41.82
CA TYR A 23 15.31 -14.46 42.57
C TYR A 23 16.59 -14.78 43.33
N PRO A 24 16.50 -15.54 44.42
CA PRO A 24 17.70 -15.91 45.18
C PRO A 24 18.62 -16.80 44.36
N GLU A 25 19.90 -16.79 44.76
CA GLU A 25 20.86 -17.68 44.14
C GLU A 25 20.40 -19.13 44.26
N GLY A 26 20.57 -19.89 43.19
CA GLY A 26 20.22 -21.29 43.22
C GLY A 26 18.75 -21.60 43.10
N THR A 27 17.92 -20.63 42.68
CA THR A 27 16.54 -20.95 42.37
C THR A 27 16.51 -21.92 41.20
N GLU A 28 15.90 -23.09 41.42
CA GLU A 28 15.85 -24.14 40.43
C GLU A 28 14.44 -24.47 39.98
N LEU A 29 13.41 -24.08 40.73
CA LEU A 29 12.06 -24.37 40.26
C LEU A 29 11.09 -23.32 40.76
N ILE A 30 10.23 -22.84 39.86
CA ILE A 30 9.08 -22.01 40.22
C ILE A 30 7.83 -22.69 39.68
N TYR A 31 6.82 -22.84 40.53
CA TYR A 31 5.61 -23.58 40.22
C TYR A 31 4.41 -22.74 40.61
N SER A 32 3.51 -22.53 39.63
CA SER A 32 2.41 -21.58 39.72
C SER A 32 1.10 -22.27 39.35
N THR A 33 0.01 -21.77 39.92
CA THR A 33 -1.33 -22.29 39.71
C THR A 33 -2.25 -21.19 39.20
N TRP A 34 -3.34 -21.61 38.56
CA TRP A 34 -4.35 -20.73 37.98
C TRP A 34 -5.65 -21.05 38.68
N THR A 35 -6.16 -20.11 39.47
CA THR A 35 -7.34 -20.42 40.26
C THR A 35 -8.40 -19.34 40.12
N PRO A 36 -9.68 -19.73 39.97
CA PRO A 36 -10.78 -18.79 40.18
C PRO A 36 -11.10 -18.68 41.67
N ARG A 37 -10.72 -17.56 42.27
CA ARG A 37 -10.74 -17.46 43.73
C ARG A 37 -12.08 -17.01 44.30
N THR A 38 -12.91 -16.34 43.52
CA THR A 38 -14.20 -15.86 44.02
C THR A 38 -15.16 -15.75 42.85
N SER A 39 -16.45 -15.68 43.16
CA SER A 39 -17.50 -15.53 42.16
C SER A 39 -18.27 -14.24 42.40
N ARG A 40 -18.39 -13.42 41.35
CA ARG A 40 -19.16 -12.19 41.41
C ARG A 40 -20.46 -12.28 40.62
N VAL A 41 -20.83 -13.48 40.16
CA VAL A 41 -22.09 -13.72 39.48
C VAL A 41 -22.97 -14.54 40.41
N GLU A 42 -24.21 -14.10 40.60
CA GLU A 42 -25.12 -14.77 41.51
C GLU A 42 -25.41 -16.18 41.03
N ASP A 43 -25.54 -17.10 42.00
CA ASP A 43 -25.90 -18.50 41.79
C ASP A 43 -24.85 -19.30 41.02
N ILE A 44 -23.65 -18.77 40.85
CA ILE A 44 -22.57 -19.46 40.15
C ILE A 44 -21.42 -19.66 41.15
N ASP A 45 -21.17 -20.91 41.52
CA ASP A 45 -20.04 -21.23 42.38
C ASP A 45 -19.06 -22.23 41.74
N ARG A 46 -19.22 -22.50 40.44
CA ARG A 46 -18.27 -23.30 39.68
C ARG A 46 -18.11 -22.68 38.30
N VAL A 47 -16.93 -22.86 37.72
CA VAL A 47 -16.64 -22.40 36.37
C VAL A 47 -16.47 -23.60 35.45
N VAL A 48 -16.72 -23.36 34.17
CA VAL A 48 -16.46 -24.35 33.12
C VAL A 48 -15.03 -24.14 32.63
N ALA A 49 -14.16 -25.10 32.92
CA ALA A 49 -12.77 -24.99 32.50
C ALA A 49 -12.69 -25.05 30.97
N PHE A 50 -12.24 -23.95 30.37
CA PHE A 50 -12.13 -23.91 28.92
C PHE A 50 -11.04 -22.91 28.51
N GLY A 51 -10.22 -23.33 27.54
CA GLY A 51 -9.30 -22.41 26.91
C GLY A 51 -7.86 -22.87 26.80
N PHE A 52 -7.44 -23.79 27.68
CA PHE A 52 -6.02 -24.11 27.82
C PHE A 52 -5.44 -24.61 26.50
N GLN A 53 -6.16 -25.52 25.83
CA GLN A 53 -5.65 -26.12 24.60
C GLN A 53 -5.43 -25.06 23.53
N GLY A 54 -6.37 -24.12 23.39
CA GLY A 54 -6.22 -23.08 22.39
C GLY A 54 -5.00 -22.21 22.62
N PHE A 55 -4.80 -21.78 23.87
CA PHE A 55 -3.61 -20.99 24.19
C PHE A 55 -2.33 -21.78 23.96
N ILE A 56 -2.32 -23.06 24.39
CA ILE A 56 -1.12 -23.86 24.29
C ILE A 56 -0.74 -24.09 22.83
N LYS A 57 -1.72 -24.44 22.00
CA LYS A 57 -1.43 -24.66 20.58
C LYS A 57 -1.05 -23.35 19.89
N LYS A 58 -1.78 -22.27 20.16
CA LYS A 58 -1.56 -21.04 19.40
C LYS A 58 -0.24 -20.37 19.78
N TYR A 59 0.05 -20.26 21.07
CA TYR A 59 1.19 -19.46 21.52
C TYR A 59 2.38 -20.31 21.94
N LEU A 60 2.17 -21.32 22.77
CA LEU A 60 3.30 -22.10 23.25
C LEU A 60 3.87 -23.00 22.16
N ILE A 61 3.05 -23.50 21.24
CA ILE A 61 3.56 -24.34 20.16
C ILE A 61 3.74 -23.53 18.90
N ASP A 62 2.64 -23.01 18.34
CA ASP A 62 2.69 -22.35 17.04
C ASP A 62 3.53 -21.08 17.10
N TYR A 63 3.18 -20.15 17.99
CA TYR A 63 3.84 -18.85 18.01
C TYR A 63 5.32 -18.99 18.32
N PHE A 64 5.66 -19.76 19.35
CA PHE A 64 7.06 -19.86 19.76
C PHE A 64 7.89 -20.56 18.70
N ASN A 65 7.36 -21.61 18.07
CA ASN A 65 8.13 -22.31 17.04
C ASN A 65 8.32 -21.42 15.82
N GLU A 66 7.24 -20.77 15.36
CA GLU A 66 7.31 -20.00 14.11
C GLU A 66 8.10 -18.72 14.27
N ASN A 67 7.94 -18.03 15.39
CA ASN A 67 8.53 -16.72 15.57
C ASN A 67 9.76 -16.71 16.47
N PHE A 68 10.03 -17.80 17.20
CA PHE A 68 11.26 -17.84 18.00
C PHE A 68 12.20 -18.97 17.60
N PHE A 69 11.76 -20.22 17.65
CA PHE A 69 12.72 -21.34 17.58
C PHE A 69 13.21 -21.59 16.16
N LYS A 70 12.39 -21.34 15.16
CA LYS A 70 12.78 -21.56 13.77
C LYS A 70 13.51 -20.37 13.16
N ARG A 71 13.65 -19.28 13.89
CA ARG A 71 14.32 -18.12 13.35
C ARG A 71 15.79 -18.13 13.76
N PRO A 72 16.64 -17.37 13.06
CA PRO A 72 18.05 -17.31 13.47
C PRO A 72 18.19 -16.79 14.89
N LYS A 73 19.18 -17.34 15.60
CA LYS A 73 19.37 -16.97 17.01
C LYS A 73 19.71 -15.49 17.15
N GLN A 74 20.54 -14.98 16.24
CA GLN A 74 20.92 -13.57 16.30
C GLN A 74 19.71 -12.67 16.12
N ASP A 75 18.76 -13.08 15.28
CA ASP A 75 17.59 -12.24 15.02
C ASP A 75 16.72 -12.09 16.28
N VAL A 76 16.43 -13.21 16.95
CA VAL A 76 15.62 -13.12 18.16
C VAL A 76 16.38 -12.38 19.26
N VAL A 77 17.69 -12.60 19.36
CA VAL A 77 18.50 -11.89 20.36
C VAL A 77 18.44 -10.38 20.11
N ASN A 78 18.61 -9.98 18.85
CA ASN A 78 18.59 -8.56 18.51
C ASN A 78 17.22 -7.94 18.74
N GLU A 79 16.15 -8.66 18.38
CA GLU A 79 14.81 -8.13 18.61
C GLU A 79 14.53 -7.94 20.09
N TYR A 80 15.09 -8.81 20.94
CA TYR A 80 14.94 -8.65 22.38
C TYR A 80 15.75 -7.45 22.89
N LYS A 81 17.02 -7.37 22.47
CA LYS A 81 17.91 -6.33 22.97
C LYS A 81 17.42 -4.94 22.57
N ARG A 82 16.91 -4.81 21.34
CA ARG A 82 16.42 -3.52 20.87
C ARG A 82 15.34 -2.97 21.80
N VAL A 83 14.32 -3.78 22.09
CA VAL A 83 13.21 -3.34 22.92
C VAL A 83 13.70 -3.04 24.33
N ILE A 84 14.47 -3.95 24.92
CA ILE A 84 14.89 -3.75 26.31
C ILE A 84 15.77 -2.51 26.43
N LYS A 85 16.69 -2.32 25.49
CA LYS A 85 17.60 -1.18 25.52
C LYS A 85 16.84 0.13 25.39
N HIS A 86 15.90 0.21 24.45
CA HIS A 86 15.26 1.49 24.20
C HIS A 86 13.99 1.73 25.02
N THR A 87 13.59 0.76 25.84
CA THR A 87 12.42 0.93 26.70
C THR A 87 12.72 0.83 28.18
N LEU A 88 13.74 0.06 28.59
CA LEU A 88 14.18 0.03 29.97
C LEU A 88 15.45 0.84 30.19
N GLN A 89 15.89 1.56 29.15
CA GLN A 89 17.00 2.50 29.24
C GLN A 89 18.27 1.84 29.80
N VAL A 90 18.57 0.66 29.27
CA VAL A 90 19.80 -0.08 29.58
C VAL A 90 20.70 0.00 28.36
N ASP A 91 21.97 0.32 28.58
CA ASP A 91 22.88 0.47 27.46
C ASP A 91 23.17 -0.85 26.77
N ASP A 92 23.43 -1.91 27.56
CA ASP A 92 23.79 -3.22 27.02
C ASP A 92 22.99 -4.29 27.73
N PRO A 93 21.78 -4.59 27.27
CA PRO A 93 20.97 -5.62 27.94
C PRO A 93 21.60 -7.00 27.81
N ASP A 94 21.36 -7.83 28.83
CA ASP A 94 21.82 -9.21 28.81
C ASP A 94 20.74 -10.08 28.17
N ALA A 95 21.12 -10.80 27.12
CA ALA A 95 20.19 -11.71 26.44
C ALA A 95 20.75 -13.13 26.36
N SER A 96 21.70 -13.47 27.24
CA SER A 96 22.28 -14.81 27.22
C SER A 96 21.26 -15.88 27.56
N HIS A 97 20.25 -15.55 28.38
CA HIS A 97 19.21 -16.52 28.69
C HIS A 97 18.28 -16.76 27.50
N ILE A 98 17.97 -15.70 26.75
CA ILE A 98 17.25 -15.86 25.49
C ILE A 98 18.04 -16.75 24.55
N GLU A 99 19.36 -16.54 24.49
CA GLU A 99 20.23 -17.37 23.66
C GLU A 99 20.19 -18.83 24.10
N SER A 100 20.24 -19.08 25.41
CA SER A 100 20.20 -20.45 25.91
C SER A 100 18.86 -21.10 25.58
N LEU A 101 17.76 -20.36 25.73
CA LEU A 101 16.46 -20.90 25.36
C LEU A 101 16.41 -21.27 23.89
N HIS A 102 16.92 -20.40 23.02
CA HIS A 102 16.93 -20.71 21.59
C HIS A 102 17.80 -21.93 21.29
N GLU A 103 18.96 -22.03 21.94
CA GLU A 103 19.81 -23.20 21.72
C GLU A 103 19.12 -24.47 22.19
N LEU A 104 18.35 -24.39 23.28
CA LEU A 104 17.60 -25.54 23.76
C LEU A 104 16.63 -26.06 22.70
N GLY A 105 15.91 -25.15 22.05
CA GLY A 105 15.04 -25.50 20.95
C GLY A 105 13.60 -25.82 21.31
N TYR A 106 13.24 -25.74 22.59
CA TYR A 106 11.87 -26.01 23.01
C TYR A 106 11.63 -25.32 24.34
N LEU A 107 10.36 -25.18 24.70
CA LEU A 107 10.01 -24.56 25.97
C LEU A 107 10.13 -25.59 27.09
N PRO A 108 11.06 -25.42 28.03
CA PRO A 108 11.21 -26.39 29.13
C PRO A 108 10.21 -26.13 30.25
N ILE A 109 8.93 -26.35 29.95
CA ILE A 109 7.87 -26.15 30.93
C ILE A 109 6.98 -27.38 30.96
N LYS A 110 6.27 -27.53 32.07
CA LYS A 110 5.27 -28.57 32.29
C LYS A 110 3.99 -27.90 32.74
N ILE A 111 2.93 -28.09 31.98
CA ILE A 111 1.59 -27.59 32.29
C ILE A 111 0.67 -28.78 32.49
N LYS A 112 -0.02 -28.77 33.62
CA LYS A 112 -1.09 -29.69 33.96
C LYS A 112 -2.40 -28.93 34.01
N ALA A 113 -3.49 -29.57 33.60
CA ALA A 113 -4.78 -28.90 33.63
C ALA A 113 -5.89 -29.93 33.73
N VAL A 114 -6.98 -29.54 34.39
CA VAL A 114 -8.18 -30.38 34.37
C VAL A 114 -8.68 -30.47 32.93
N LYS A 115 -9.45 -31.53 32.66
CA LYS A 115 -10.08 -31.66 31.36
C LYS A 115 -11.01 -30.48 31.13
N GLU A 116 -10.94 -29.93 29.92
CA GLU A 116 -11.84 -28.84 29.57
C GLU A 116 -13.28 -29.36 29.44
N GLY A 117 -14.23 -28.58 29.95
CA GLY A 117 -15.58 -29.04 30.16
C GLY A 117 -15.89 -29.41 31.59
N THR A 118 -14.87 -29.59 32.42
CA THR A 118 -15.07 -29.93 33.82
C THR A 118 -15.58 -28.71 34.59
N PHE A 119 -16.44 -28.96 35.58
CA PHE A 119 -16.86 -27.93 36.52
C PHE A 119 -15.85 -27.84 37.65
N ILE A 120 -15.30 -26.66 37.86
CA ILE A 120 -14.30 -26.42 38.90
C ILE A 120 -14.91 -25.51 39.95
N PRO A 121 -15.02 -25.93 41.20
CA PRO A 121 -15.57 -25.04 42.24
C PRO A 121 -14.65 -23.86 42.48
N ILE A 122 -15.24 -22.76 42.95
CA ILE A 122 -14.48 -21.60 43.39
C ILE A 122 -13.43 -22.04 44.39
N LYS A 123 -12.23 -21.45 44.31
CA LYS A 123 -11.07 -21.71 45.16
C LYS A 123 -10.40 -23.04 44.86
N VAL A 124 -10.75 -23.69 43.77
CA VAL A 124 -10.11 -24.93 43.33
C VAL A 124 -9.22 -24.60 42.14
N PRO A 125 -7.93 -24.91 42.18
CA PRO A 125 -7.09 -24.67 41.00
C PRO A 125 -7.47 -25.59 39.86
N MET A 126 -7.19 -25.15 38.64
CA MET A 126 -7.49 -25.96 37.48
C MET A 126 -6.35 -26.03 36.46
N LEU A 127 -5.23 -25.35 36.72
CA LEU A 127 -4.06 -25.43 35.86
C LEU A 127 -2.83 -25.11 36.69
N THR A 128 -1.73 -25.81 36.40
CA THR A 128 -0.44 -25.50 36.99
C THR A 128 0.62 -25.49 35.89
N ILE A 129 1.67 -24.70 36.13
CA ILE A 129 2.79 -24.59 35.21
C ILE A 129 4.07 -24.53 36.04
N GLU A 130 5.12 -25.16 35.51
CA GLU A 130 6.42 -25.16 36.17
C GLU A 130 7.50 -25.30 35.09
N ASN A 131 8.74 -25.06 35.49
CA ASN A 131 9.87 -25.29 34.60
C ASN A 131 10.44 -26.68 34.84
N THR A 132 10.96 -27.29 33.76
CA THR A 132 11.48 -28.65 33.82
C THR A 132 13.00 -28.71 33.81
N ILE A 133 13.67 -27.59 33.65
CA ILE A 133 15.13 -27.52 33.74
C ILE A 133 15.48 -26.41 34.71
N PRO A 134 16.37 -26.65 35.69
CA PRO A 134 16.63 -25.61 36.70
C PRO A 134 17.07 -24.27 36.12
N GLU A 135 17.95 -24.29 35.10
CA GLU A 135 18.47 -23.04 34.54
C GLU A 135 17.35 -22.11 34.11
N PHE A 136 16.23 -22.66 33.63
CA PHE A 136 15.13 -21.89 33.11
C PHE A 136 14.02 -21.68 34.15
N PHE A 137 14.40 -21.62 35.43
CA PHE A 137 13.45 -21.25 36.47
C PHE A 137 12.64 -20.02 36.10
N TRP A 138 13.24 -19.07 35.39
CA TRP A 138 12.61 -17.81 35.07
C TRP A 138 11.51 -17.92 34.03
N ILE A 139 11.39 -19.06 33.33
CA ILE A 139 10.41 -19.14 32.26
C ILE A 139 8.99 -19.11 32.81
N THR A 140 8.74 -19.85 33.89
CA THR A 140 7.39 -19.94 34.47
C THR A 140 6.82 -18.56 34.72
N ASN A 141 7.49 -17.79 35.58
CA ASN A 141 7.07 -16.43 35.86
C ASN A 141 6.85 -15.64 34.59
N TYR A 142 7.78 -15.73 33.63
CA TYR A 142 7.66 -14.93 32.41
C TYR A 142 6.34 -15.21 31.71
N LEU A 143 5.91 -16.47 31.69
CA LEU A 143 4.73 -16.80 30.91
C LEU A 143 3.43 -16.45 31.60
N GLU A 144 3.48 -15.95 32.84
CA GLU A 144 2.26 -15.79 33.62
C GLU A 144 1.32 -14.75 33.00
N THR A 145 1.88 -13.63 32.53
CA THR A 145 1.04 -12.56 32.01
C THR A 145 0.22 -13.04 30.81
N LEU A 146 0.90 -13.49 29.75
CA LEU A 146 0.21 -13.85 28.51
C LEU A 146 -0.83 -14.95 28.75
N MET A 147 -0.45 -16.00 29.48
CA MET A 147 -1.40 -17.05 29.78
C MET A 147 -2.66 -16.46 30.43
N SER A 148 -2.46 -15.60 31.44
CA SER A 148 -3.62 -14.98 32.08
C SER A 148 -4.37 -14.12 31.08
N ASN A 149 -3.65 -13.43 30.21
CA ASN A 149 -4.26 -12.60 29.20
C ASN A 149 -5.18 -13.40 28.28
N GLU A 150 -4.92 -14.71 28.13
CA GLU A 150 -5.58 -15.46 27.07
C GLU A 150 -6.65 -16.44 27.54
N ILE A 151 -6.69 -16.83 28.81
CA ILE A 151 -7.53 -17.94 29.23
C ILE A 151 -8.62 -17.56 30.22
N TRP A 152 -8.64 -16.34 30.75
CA TRP A 152 -9.76 -16.02 31.64
C TRP A 152 -11.03 -15.78 30.85
N GLN A 153 -10.93 -15.14 29.68
CA GLN A 153 -12.13 -14.86 28.88
C GLN A 153 -12.80 -16.12 28.34
N PRO A 154 -12.09 -17.09 27.73
CA PRO A 154 -12.79 -18.28 27.24
C PRO A 154 -13.50 -19.06 28.32
N THR A 155 -12.93 -19.13 29.52
CA THR A 155 -13.62 -19.81 30.61
C THR A 155 -14.82 -19.00 31.07
N THR A 156 -14.62 -17.69 31.31
CA THR A 156 -15.72 -16.84 31.75
C THR A 156 -16.92 -16.97 30.83
N SER A 157 -16.71 -16.79 29.53
CA SER A 157 -17.79 -16.97 28.56
C SER A 157 -18.39 -18.36 28.70
N ALA A 158 -17.54 -19.39 28.70
CA ALA A 158 -18.04 -20.76 28.83
C ALA A 158 -18.87 -20.92 30.08
N THR A 159 -18.47 -20.26 31.17
CA THR A 159 -19.27 -20.33 32.38
C THR A 159 -20.59 -19.58 32.21
N LEU A 160 -20.54 -18.34 31.69
CA LEU A 160 -21.76 -17.56 31.56
C LEU A 160 -22.73 -18.26 30.61
N ALA A 161 -22.23 -18.71 29.46
CA ALA A 161 -23.04 -19.50 28.55
C ALA A 161 -23.72 -20.65 29.28
N TYR A 162 -22.94 -21.40 30.09
CA TYR A 162 -23.54 -22.57 30.72
C TYR A 162 -24.69 -22.17 31.62
N GLU A 163 -24.58 -21.02 32.29
CA GLU A 163 -25.68 -20.59 33.16
C GLU A 163 -26.97 -20.51 32.35
N TYR A 164 -26.93 -19.85 31.18
CA TYR A 164 -28.11 -19.85 30.32
C TYR A 164 -28.58 -21.27 30.07
N ARG A 165 -27.65 -22.12 29.62
CA ARG A 165 -27.99 -23.51 29.35
C ARG A 165 -28.66 -24.14 30.55
N LYS A 166 -28.10 -23.93 31.75
CA LYS A 166 -28.67 -24.53 32.95
C LYS A 166 -30.14 -24.18 33.05
N ILE A 167 -30.46 -22.88 32.98
CA ILE A 167 -31.86 -22.48 33.06
C ILE A 167 -32.64 -23.13 31.93
N LEU A 168 -32.13 -23.00 30.71
CA LEU A 168 -32.86 -23.51 29.55
C LEU A 168 -32.99 -25.02 29.62
N ASP A 169 -32.06 -25.70 30.27
CA ASP A 169 -32.22 -27.14 30.41
C ASP A 169 -33.37 -27.45 31.36
N GLU A 170 -33.35 -26.86 32.56
CA GLU A 170 -34.34 -27.22 33.56
C GLU A 170 -35.75 -26.97 33.04
N TYR A 171 -35.98 -25.77 32.51
CA TYR A 171 -37.30 -25.42 32.00
C TYR A 171 -37.70 -26.35 30.86
N ALA A 172 -36.76 -26.70 29.98
CA ALA A 172 -37.09 -27.67 28.94
C ALA A 172 -37.57 -28.96 29.57
N MET A 173 -36.76 -29.51 30.49
CA MET A 173 -37.16 -30.73 31.19
C MET A 173 -38.52 -30.58 31.85
N GLU A 174 -38.83 -29.36 32.31
CA GLU A 174 -40.06 -29.15 33.05
C GLU A 174 -41.25 -28.90 32.13
N THR A 175 -41.03 -28.32 30.95
CA THR A 175 -42.16 -27.95 30.11
C THR A 175 -42.28 -28.76 28.82
N VAL A 176 -41.24 -29.52 28.45
CA VAL A 176 -41.26 -30.36 27.27
C VAL A 176 -41.02 -31.82 27.61
N GLY A 177 -40.06 -32.09 28.49
CA GLY A 177 -39.67 -33.44 28.82
C GLY A 177 -38.39 -33.91 28.14
N ASN A 178 -37.80 -33.09 27.29
CA ASN A 178 -36.51 -33.38 26.67
C ASN A 178 -35.82 -32.05 26.40
N LYS A 179 -34.51 -32.13 26.12
CA LYS A 179 -33.70 -30.93 25.88
C LYS A 179 -33.30 -30.76 24.42
N LEU A 180 -34.07 -31.34 23.49
CA LEU A 180 -33.67 -31.33 22.09
C LEU A 180 -33.59 -29.91 21.52
N ALA A 181 -34.48 -29.02 21.96
CA ALA A 181 -34.53 -27.67 21.41
C ALA A 181 -33.49 -26.71 22.00
N VAL A 182 -32.83 -27.10 23.09
CA VAL A 182 -32.02 -26.15 23.85
C VAL A 182 -30.78 -25.70 23.07
N ASP A 183 -30.19 -26.59 22.26
CA ASP A 183 -28.93 -26.27 21.57
C ASP A 183 -29.00 -24.97 20.80
N PHE A 184 -30.17 -24.67 20.23
CA PHE A 184 -30.38 -23.48 19.41
C PHE A 184 -31.06 -22.36 20.16
N GLN A 185 -31.29 -22.53 21.47
CA GLN A 185 -31.97 -21.52 22.26
C GLN A 185 -31.03 -20.43 22.77
N GLY A 186 -29.74 -20.73 22.94
CA GLY A 186 -28.76 -19.70 23.24
C GLY A 186 -27.98 -19.32 22.01
N HIS A 187 -28.20 -18.12 21.49
CA HIS A 187 -27.62 -17.69 20.21
C HIS A 187 -26.70 -16.51 20.45
N ASP A 188 -25.43 -16.69 20.14
CA ASP A 188 -24.43 -15.63 20.32
C ASP A 188 -24.63 -14.52 19.29
N PHE A 189 -24.92 -13.31 19.78
CA PHE A 189 -25.08 -12.12 18.95
C PHE A 189 -23.96 -11.11 19.16
N SER A 190 -22.93 -11.45 19.93
CA SER A 190 -22.14 -10.45 20.64
C SER A 190 -20.94 -9.91 19.86
N MET A 191 -20.67 -10.41 18.66
CA MET A 191 -19.35 -10.21 18.07
C MET A 191 -19.02 -8.72 17.90
N ARG A 192 -19.99 -7.92 17.44
CA ARG A 192 -19.71 -6.51 17.20
C ARG A 192 -19.36 -5.77 18.49
N GLY A 193 -19.66 -6.34 19.65
CA GLY A 193 -19.40 -5.69 20.92
C GLY A 193 -18.23 -6.26 21.68
N MET A 194 -17.63 -7.34 21.19
CA MET A 194 -16.37 -7.82 21.73
C MET A 194 -15.27 -6.80 21.47
N SER A 195 -14.25 -6.83 22.33
CA SER A 195 -13.21 -5.80 22.27
C SER A 195 -12.18 -6.04 21.16
N SER A 196 -12.17 -7.22 20.56
CA SER A 196 -11.22 -7.55 19.51
C SER A 196 -11.66 -8.86 18.87
N LEU A 197 -11.12 -9.12 17.66
CA LEU A 197 -11.46 -10.35 16.96
C LEU A 197 -11.00 -11.57 17.74
N GLU A 198 -9.83 -11.50 18.38
CA GLU A 198 -9.36 -12.63 19.17
C GLU A 198 -10.26 -12.88 20.37
N SER A 199 -10.66 -11.81 21.08
CA SER A 199 -11.61 -11.97 22.18
C SER A 199 -12.94 -12.47 21.65
N THR A 200 -13.35 -12.00 20.47
CA THR A 200 -14.53 -12.56 19.81
C THR A 200 -14.43 -14.07 19.70
N LYS A 201 -13.30 -14.56 19.19
CA LYS A 201 -13.13 -15.99 18.96
C LYS A 201 -13.18 -16.76 20.27
N LEU A 202 -12.41 -16.32 21.27
CA LEU A 202 -12.34 -17.05 22.53
C LEU A 202 -13.69 -17.10 23.21
N SER A 203 -14.39 -15.95 23.27
CA SER A 203 -15.70 -15.90 23.91
C SER A 203 -16.72 -16.76 23.17
N GLY A 204 -16.76 -16.65 21.84
CA GLY A 204 -17.71 -17.44 21.07
C GLY A 204 -17.46 -18.93 21.16
N ALA A 205 -16.19 -19.34 21.25
CA ALA A 205 -15.89 -20.76 21.48
C ALA A 205 -16.43 -21.21 22.83
N GLY A 206 -16.22 -20.40 23.87
CA GLY A 206 -16.82 -20.71 25.15
C GLY A 206 -18.33 -20.87 25.05
N HIS A 207 -18.98 -19.98 24.31
CA HIS A 207 -20.43 -20.07 24.10
C HIS A 207 -20.81 -21.36 23.38
N LEU A 208 -20.03 -21.75 22.35
CA LEU A 208 -20.34 -22.93 21.57
C LEU A 208 -20.12 -24.22 22.32
N LEU A 209 -19.41 -24.17 23.46
CA LEU A 209 -19.39 -25.35 24.34
C LEU A 209 -20.81 -25.78 24.72
N SER A 210 -21.72 -24.82 24.94
CA SER A 210 -23.03 -25.10 25.50
C SER A 210 -24.15 -25.06 24.47
N PHE A 211 -23.98 -24.28 23.40
CA PHE A 211 -25.01 -24.10 22.39
C PHE A 211 -24.42 -24.33 21.01
N THR A 212 -25.31 -24.63 20.06
CA THR A 212 -24.93 -24.68 18.65
C THR A 212 -25.29 -23.40 17.90
N GLY A 213 -26.25 -22.63 18.40
CA GLY A 213 -26.66 -21.41 17.71
C GLY A 213 -25.67 -20.28 17.95
N THR A 214 -25.19 -19.67 16.86
CA THR A 214 -24.27 -18.55 16.95
C THR A 214 -24.30 -17.78 15.64
N ASP A 215 -24.12 -16.47 15.74
CA ASP A 215 -23.82 -15.66 14.57
C ASP A 215 -22.34 -15.33 14.45
N THR A 216 -21.52 -15.80 15.39
CA THR A 216 -20.09 -15.51 15.41
C THR A 216 -19.35 -16.60 14.63
N ILE A 217 -19.19 -16.37 13.32
CA ILE A 217 -18.50 -17.36 12.47
C ILE A 217 -17.08 -17.62 12.95
N PRO A 218 -16.27 -16.61 13.30
CA PRO A 218 -14.89 -16.91 13.73
C PRO A 218 -14.81 -17.85 14.91
N ALA A 219 -15.82 -17.89 15.78
CA ALA A 219 -15.81 -18.82 16.90
C ALA A 219 -15.91 -20.27 16.42
N ILE A 220 -16.85 -20.53 15.50
CA ILE A 220 -16.96 -21.85 14.88
C ILE A 220 -15.62 -22.25 14.30
N LEU A 221 -15.02 -21.33 13.52
CA LEU A 221 -13.76 -21.68 12.88
C LEU A 221 -12.62 -21.81 13.88
N TYR A 222 -12.72 -21.14 15.04
CA TYR A 222 -11.75 -21.34 16.11
C TYR A 222 -11.80 -22.76 16.62
N HIS A 223 -13.00 -23.27 16.84
CA HIS A 223 -13.12 -24.67 17.25
C HIS A 223 -12.58 -25.60 16.18
N GLU A 224 -12.69 -25.21 14.91
CA GLU A 224 -12.01 -25.97 13.87
C GLU A 224 -10.49 -25.91 14.03
N GLU A 225 -9.94 -24.72 14.33
CA GLU A 225 -8.49 -24.55 14.33
C GLU A 225 -7.83 -25.29 15.49
N PHE A 226 -8.40 -25.20 16.69
CA PHE A 226 -7.70 -25.67 17.87
C PHE A 226 -8.34 -26.84 18.60
N TYR A 227 -9.58 -27.20 18.28
CA TYR A 227 -10.26 -28.25 19.01
C TYR A 227 -10.82 -29.33 18.09
N ASN A 228 -10.18 -29.53 16.93
CA ASN A 228 -10.40 -30.67 16.05
C ASN A 228 -11.85 -30.77 15.54
N ALA A 229 -12.58 -29.67 15.52
CA ALA A 229 -13.92 -29.68 14.95
C ALA A 229 -13.84 -29.69 13.43
N ASN A 230 -14.89 -30.23 12.80
CA ASN A 230 -15.01 -30.20 11.35
C ASN A 230 -16.48 -29.99 11.03
N ILE A 231 -16.81 -28.81 10.49
CA ILE A 231 -18.20 -28.48 10.21
C ILE A 231 -18.79 -29.37 9.13
N GLU A 232 -17.95 -30.05 8.33
CA GLU A 232 -18.45 -30.97 7.33
C GLU A 232 -19.00 -32.25 7.94
N ASN A 233 -18.57 -32.61 9.15
CA ASN A 233 -18.96 -33.87 9.77
C ASN A 233 -19.72 -33.70 11.08
N GLU A 234 -19.76 -32.52 11.66
CA GLU A 234 -20.46 -32.28 12.91
C GLU A 234 -21.07 -30.89 12.89
N LEU A 235 -22.14 -30.72 13.66
CA LEU A 235 -22.76 -29.40 13.83
C LEU A 235 -21.98 -28.66 14.90
N VAL A 236 -21.06 -27.78 14.47
CA VAL A 236 -20.31 -26.96 15.41
C VAL A 236 -21.15 -25.75 15.79
N GLY A 237 -21.44 -24.91 14.81
CA GLY A 237 -22.30 -23.77 15.02
C GLY A 237 -23.27 -23.64 13.87
N SER A 238 -24.46 -23.14 14.17
CA SER A 238 -25.49 -23.00 13.17
C SER A 238 -26.18 -21.65 13.30
N SER A 239 -26.66 -21.14 12.17
CA SER A 239 -27.41 -19.89 12.13
C SER A 239 -28.35 -19.95 10.94
N ILE A 240 -29.16 -18.90 10.81
CA ILE A 240 -30.24 -18.87 9.83
C ILE A 240 -30.25 -17.51 9.17
N PRO A 241 -30.82 -17.41 7.96
CA PRO A 241 -30.98 -16.09 7.33
C PRO A 241 -31.78 -15.17 8.23
N ALA A 242 -31.32 -13.93 8.34
CA ALA A 242 -31.94 -12.97 9.23
C ALA A 242 -31.76 -11.56 8.67
N THR A 243 -32.79 -10.73 8.83
CA THR A 243 -32.72 -9.35 8.40
C THR A 243 -32.24 -8.46 9.54
N GLU A 244 -31.95 -7.20 9.19
CA GLU A 244 -31.53 -6.19 10.13
C GLU A 244 -32.29 -4.91 9.83
N HIS A 245 -32.14 -3.93 10.72
CA HIS A 245 -32.98 -2.74 10.66
C HIS A 245 -32.73 -1.92 9.40
N SER A 246 -31.47 -1.79 8.99
CA SER A 246 -31.17 -1.00 7.80
C SER A 246 -31.82 -1.59 6.55
N VAL A 247 -31.87 -2.92 6.45
CA VAL A 247 -32.50 -3.56 5.30
C VAL A 247 -34.02 -3.37 5.36
N MET A 248 -34.61 -3.49 6.55
CA MET A 248 -36.04 -3.26 6.69
C MET A 248 -36.39 -1.83 6.28
N CYS A 249 -35.58 -0.85 6.67
CA CYS A 249 -35.80 0.53 6.24
C CYS A 249 -35.62 0.67 4.74
N ALA A 250 -34.61 0.00 4.17
CA ALA A 250 -34.36 0.08 2.74
C ALA A 250 -35.53 -0.46 1.94
N ASN A 251 -36.25 -1.43 2.49
CA ASN A 251 -37.37 -2.02 1.76
C ASN A 251 -38.65 -1.20 1.84
N GLY A 252 -38.73 -0.21 2.72
CA GLY A 252 -39.88 0.67 2.76
C GLY A 252 -40.95 0.21 3.73
N GLN A 253 -41.97 1.05 3.87
CA GLN A 253 -42.94 0.95 4.95
C GLN A 253 -44.17 0.11 4.60
N ASP A 254 -44.27 -0.44 3.39
CA ASP A 254 -45.33 -1.38 3.09
C ASP A 254 -44.85 -2.77 3.51
N GLU A 255 -44.91 -3.01 4.82
CA GLU A 255 -44.33 -4.20 5.39
C GLU A 255 -45.05 -5.49 4.98
N TYR A 256 -46.32 -5.40 4.57
CA TYR A 256 -46.99 -6.59 4.06
C TYR A 256 -46.24 -7.16 2.86
N VAL A 257 -45.97 -6.32 1.86
CA VAL A 257 -45.33 -6.78 0.64
C VAL A 257 -43.89 -7.20 0.93
N VAL A 258 -43.20 -6.44 1.79
CA VAL A 258 -41.81 -6.76 2.11
C VAL A 258 -41.72 -8.14 2.77
N PHE A 259 -42.56 -8.38 3.78
CA PHE A 259 -42.57 -9.67 4.46
C PHE A 259 -42.97 -10.78 3.50
N LYS A 260 -43.98 -10.54 2.66
CA LYS A 260 -44.42 -11.57 1.71
C LYS A 260 -43.30 -11.95 0.75
N LYS A 261 -42.58 -10.95 0.23
CA LYS A 261 -41.44 -11.23 -0.63
C LYS A 261 -40.39 -12.04 0.11
N LEU A 262 -40.09 -11.64 1.35
CA LEU A 262 -39.04 -12.33 2.11
C LEU A 262 -39.40 -13.80 2.32
N ILE A 263 -40.66 -14.09 2.67
CA ILE A 263 -41.03 -15.43 3.10
C ILE A 263 -41.61 -16.30 1.98
N THR A 264 -41.89 -15.74 0.81
CA THR A 264 -42.36 -16.54 -0.32
C THR A 264 -41.43 -16.50 -1.51
N GLU A 265 -40.57 -15.49 -1.63
CA GLU A 265 -39.66 -15.37 -2.77
C GLU A 265 -38.20 -15.46 -2.38
N THR A 266 -37.75 -14.65 -1.42
CA THR A 266 -36.33 -14.63 -1.06
C THR A 266 -35.95 -15.89 -0.30
N TYR A 267 -36.77 -16.30 0.67
CA TYR A 267 -36.57 -17.53 1.42
C TYR A 267 -37.88 -18.31 1.44
N PRO A 268 -38.25 -18.91 0.31
CA PRO A 268 -39.52 -19.66 0.25
C PRO A 268 -39.56 -20.85 1.19
N GLU A 269 -38.41 -21.41 1.56
CA GLU A 269 -38.35 -22.53 2.49
C GLU A 269 -37.26 -22.25 3.51
N GLY A 270 -37.21 -23.09 4.54
CA GLY A 270 -36.19 -22.98 5.56
C GLY A 270 -36.55 -21.98 6.65
N PHE A 271 -35.52 -21.63 7.43
CA PHE A 271 -35.66 -20.66 8.50
C PHE A 271 -35.36 -19.26 7.96
N VAL A 272 -36.10 -18.28 8.46
CA VAL A 272 -35.76 -16.87 8.19
C VAL A 272 -36.22 -16.02 9.35
N SER A 273 -35.30 -15.22 9.89
CA SER A 273 -35.58 -14.32 11.01
C SER A 273 -35.79 -12.91 10.47
N ILE A 274 -36.94 -12.33 10.80
CA ILE A 274 -37.28 -10.98 10.34
C ILE A 274 -37.45 -10.10 11.57
N VAL A 275 -36.65 -9.05 11.66
CA VAL A 275 -36.78 -8.06 12.73
C VAL A 275 -37.94 -7.13 12.36
N SER A 276 -38.88 -6.96 13.30
CA SER A 276 -40.18 -6.42 12.97
C SER A 276 -40.54 -5.11 13.66
N ASP A 277 -39.63 -4.49 14.40
CA ASP A 277 -39.94 -3.29 15.15
C ASP A 277 -39.36 -2.03 14.50
N THR A 278 -39.13 -2.06 13.18
CA THR A 278 -38.51 -0.91 12.53
C THR A 278 -39.36 0.34 12.68
N TRP A 279 -40.68 0.20 12.54
CA TRP A 279 -41.59 1.32 12.74
C TRP A 279 -42.62 1.06 13.83
N ASP A 280 -43.30 -0.09 13.77
CA ASP A 280 -44.35 -0.41 14.75
C ASP A 280 -44.43 -1.93 14.83
N PHE A 281 -43.83 -2.50 15.87
CA PHE A 281 -43.80 -3.94 16.02
C PHE A 281 -45.21 -4.53 16.11
N TRP A 282 -46.03 -3.99 17.02
CA TRP A 282 -47.33 -4.59 17.28
C TRP A 282 -48.26 -4.46 16.10
N ASN A 283 -48.13 -3.37 15.32
CA ASN A 283 -48.87 -3.28 14.07
C ASN A 283 -48.45 -4.37 13.10
N VAL A 284 -47.14 -4.66 13.04
CA VAL A 284 -46.66 -5.73 12.18
C VAL A 284 -47.27 -7.06 12.59
N ILE A 285 -47.35 -7.32 13.89
CA ILE A 285 -47.95 -8.57 14.35
C ILE A 285 -49.43 -8.61 14.01
N ASP A 286 -50.15 -7.49 14.21
CA ASP A 286 -51.60 -7.50 14.07
C ASP A 286 -52.04 -7.53 12.61
N THR A 287 -51.29 -6.89 11.71
CA THR A 287 -51.74 -6.71 10.34
C THR A 287 -50.82 -7.31 9.28
N VAL A 288 -49.61 -7.71 9.63
CA VAL A 288 -48.71 -8.31 8.64
C VAL A 288 -48.64 -9.81 8.88
N VAL A 289 -48.20 -10.21 10.07
CA VAL A 289 -48.11 -11.64 10.40
C VAL A 289 -49.48 -12.28 10.36
N ARG A 290 -50.49 -11.59 10.90
CA ARG A 290 -51.85 -12.14 10.89
C ARG A 290 -52.35 -12.36 9.47
N LYS A 291 -52.11 -11.39 8.59
CA LYS A 291 -52.57 -11.53 7.22
C LYS A 291 -51.78 -12.58 6.45
N LEU A 292 -50.53 -12.80 6.84
CA LEU A 292 -49.65 -13.75 6.15
C LEU A 292 -49.72 -15.15 6.74
N LYS A 293 -50.73 -15.45 7.56
CA LYS A 293 -50.76 -16.72 8.28
C LYS A 293 -50.79 -17.90 7.32
N GLY A 294 -51.62 -17.82 6.27
CA GLY A 294 -51.66 -18.89 5.30
C GLY A 294 -50.33 -19.08 4.59
N ASP A 295 -49.70 -17.96 4.17
CA ASP A 295 -48.42 -18.05 3.50
C ASP A 295 -47.35 -18.63 4.42
N ILE A 296 -47.36 -18.23 5.69
CA ILE A 296 -46.40 -18.76 6.65
C ILE A 296 -46.62 -20.25 6.87
N LEU A 297 -47.88 -20.68 6.93
CA LEU A 297 -48.18 -22.08 7.19
C LEU A 297 -47.93 -22.99 6.00
N LYS A 298 -47.88 -22.45 4.78
CA LYS A 298 -47.58 -23.26 3.60
C LYS A 298 -46.09 -23.46 3.38
N ARG A 299 -45.24 -22.74 4.11
CA ARG A 299 -43.80 -22.87 3.94
C ARG A 299 -43.28 -24.15 4.56
N ASP A 300 -42.36 -24.82 3.86
CA ASP A 300 -41.57 -25.90 4.46
C ASP A 300 -40.42 -25.24 5.22
N GLY A 301 -40.75 -24.69 6.37
CA GLY A 301 -39.75 -23.98 7.15
C GLY A 301 -40.42 -23.16 8.24
N LYS A 302 -39.66 -22.20 8.77
CA LYS A 302 -40.10 -21.43 9.93
C LYS A 302 -39.73 -19.96 9.75
N VAL A 303 -40.72 -19.10 9.91
CA VAL A 303 -40.50 -17.67 9.99
C VAL A 303 -40.37 -17.31 11.46
N VAL A 304 -39.25 -16.70 11.82
CA VAL A 304 -38.97 -16.28 13.18
C VAL A 304 -39.18 -14.78 13.26
N ILE A 305 -39.91 -14.34 14.27
CA ILE A 305 -40.18 -12.93 14.51
C ILE A 305 -39.15 -12.43 15.52
N ARG A 306 -38.46 -11.35 15.17
CA ARG A 306 -37.45 -10.76 16.04
C ARG A 306 -37.87 -9.35 16.42
N PRO A 307 -38.45 -9.16 17.61
CA PRO A 307 -38.53 -7.81 18.16
C PRO A 307 -37.16 -7.34 18.61
N ASP A 308 -37.00 -6.03 18.73
CA ASP A 308 -35.71 -5.50 19.17
C ASP A 308 -35.81 -4.31 20.11
N SER A 309 -36.98 -4.01 20.68
CA SER A 309 -37.11 -2.86 21.56
C SER A 309 -38.22 -3.10 22.58
N GLY A 310 -38.16 -2.33 23.67
CA GLY A 310 -39.08 -2.49 24.78
C GLY A 310 -38.51 -3.37 25.87
N ASP A 311 -39.33 -3.60 26.89
CA ASP A 311 -38.96 -4.53 27.95
C ASP A 311 -39.05 -5.95 27.40
N PRO A 312 -37.96 -6.70 27.35
CA PRO A 312 -38.02 -8.05 26.75
C PRO A 312 -39.04 -8.96 27.44
N VAL A 313 -39.08 -8.94 28.76
CA VAL A 313 -40.02 -9.78 29.49
C VAL A 313 -41.45 -9.44 29.11
N LYS A 314 -41.75 -8.15 29.01
CA LYS A 314 -43.12 -7.73 28.69
C LYS A 314 -43.46 -8.00 27.23
N ILE A 315 -42.51 -7.80 26.32
CA ILE A 315 -42.80 -8.08 24.91
C ILE A 315 -43.06 -9.56 24.70
N ILE A 316 -42.25 -10.42 25.32
CA ILE A 316 -42.36 -11.86 25.08
C ILE A 316 -43.54 -12.45 25.86
N CYS A 317 -43.64 -12.13 27.14
CA CYS A 317 -44.63 -12.74 28.03
C CYS A 317 -45.87 -11.89 28.24
N GLY A 318 -45.83 -10.63 27.87
CA GLY A 318 -47.01 -9.80 28.05
C GLY A 318 -46.80 -8.73 29.11
N ASP A 319 -47.56 -7.64 28.98
CA ASP A 319 -47.60 -6.58 29.98
C ASP A 319 -48.95 -6.62 30.67
N PRO A 320 -49.04 -7.09 31.90
CA PRO A 320 -50.35 -7.23 32.55
C PRO A 320 -51.13 -5.92 32.64
N GLU A 321 -50.44 -4.78 32.73
CA GLU A 321 -51.08 -3.50 32.94
C GLU A 321 -51.53 -2.81 31.65
N ALA A 322 -51.17 -3.35 30.49
CA ALA A 322 -51.51 -2.70 29.23
C ALA A 322 -52.99 -2.92 28.90
N LYS A 323 -53.57 -1.94 28.21
CA LYS A 323 -54.97 -2.03 27.81
C LYS A 323 -55.17 -2.64 26.43
N ASP A 324 -54.18 -2.51 25.55
CA ASP A 324 -54.26 -3.19 24.25
C ASP A 324 -54.09 -4.68 24.45
N GLU A 325 -54.99 -5.47 23.83
CA GLU A 325 -55.00 -6.91 24.06
C GLU A 325 -53.70 -7.57 23.61
N LEU A 326 -53.16 -7.11 22.48
CA LEU A 326 -51.92 -7.71 21.97
C LEU A 326 -50.75 -7.41 22.89
N VAL A 327 -50.61 -6.16 23.34
CA VAL A 327 -49.52 -5.81 24.25
C VAL A 327 -49.69 -6.54 25.58
N ARG A 328 -50.93 -6.67 26.05
CA ARG A 328 -51.18 -7.36 27.31
C ARG A 328 -50.84 -8.84 27.20
N LYS A 329 -51.13 -9.47 26.07
CA LYS A 329 -50.92 -10.90 25.92
C LYS A 329 -49.44 -11.26 25.75
N GLY A 330 -48.70 -10.47 25.00
CA GLY A 330 -47.33 -10.79 24.68
C GLY A 330 -47.21 -11.55 23.36
N LEU A 331 -45.99 -11.59 22.84
CA LEU A 331 -45.76 -12.14 21.52
C LEU A 331 -46.10 -13.63 21.45
N ILE A 332 -45.66 -14.40 22.45
CA ILE A 332 -45.85 -15.85 22.40
C ILE A 332 -47.33 -16.19 22.40
N GLU A 333 -48.11 -15.54 23.28
CA GLU A 333 -49.54 -15.85 23.35
C GLU A 333 -50.28 -15.40 22.09
N VAL A 334 -49.92 -14.24 21.53
CA VAL A 334 -50.59 -13.76 20.33
C VAL A 334 -50.29 -14.69 19.14
N LEU A 335 -49.02 -15.08 19.01
CA LEU A 335 -48.65 -16.05 17.98
C LEU A 335 -49.41 -17.36 18.17
N TRP A 336 -49.57 -17.79 19.43
CA TRP A 336 -50.37 -18.97 19.70
C TRP A 336 -51.81 -18.79 19.26
N ASP A 337 -52.38 -17.61 19.52
CA ASP A 337 -53.75 -17.33 19.14
C ASP A 337 -53.93 -17.44 17.62
N ILE A 338 -52.97 -16.91 16.87
CA ILE A 338 -53.10 -16.95 15.41
C ILE A 338 -52.83 -18.36 14.88
N PHE A 339 -51.68 -18.93 15.21
CA PHE A 339 -51.19 -20.15 14.58
C PHE A 339 -51.54 -21.41 15.34
N GLY A 340 -51.80 -21.32 16.64
CA GLY A 340 -51.99 -22.54 17.39
C GLY A 340 -50.68 -23.32 17.51
N GLY A 341 -50.82 -24.61 17.77
CA GLY A 341 -49.65 -25.47 17.88
C GLY A 341 -49.92 -26.80 18.55
N ASN A 342 -49.01 -27.23 19.41
CA ASN A 342 -49.11 -28.54 20.06
C ASN A 342 -49.02 -28.38 21.57
N VAL A 343 -49.33 -29.46 22.27
CA VAL A 343 -49.17 -29.56 23.71
C VAL A 343 -48.13 -30.64 23.98
N THR A 344 -47.20 -30.34 24.90
CA THR A 344 -46.11 -31.26 25.20
C THR A 344 -46.59 -32.34 26.18
N ASP A 345 -45.69 -33.27 26.49
CA ASP A 345 -45.99 -34.33 27.45
C ASP A 345 -46.21 -33.77 28.86
N LYS A 346 -45.69 -32.59 29.15
CA LYS A 346 -45.89 -31.97 30.46
C LYS A 346 -47.12 -31.08 30.52
N GLY A 347 -47.82 -30.90 29.41
CA GLY A 347 -49.01 -30.08 29.38
C GLY A 347 -48.81 -28.63 29.00
N TYR A 348 -47.70 -28.29 28.38
CA TYR A 348 -47.39 -26.91 28.02
C TYR A 348 -47.54 -26.71 26.51
N LYS A 349 -47.93 -25.49 26.13
CA LYS A 349 -48.17 -25.17 24.74
C LYS A 349 -46.87 -24.81 24.03
N VAL A 350 -46.71 -25.34 22.81
CA VAL A 350 -45.59 -25.02 21.95
C VAL A 350 -46.13 -24.54 20.61
N LEU A 351 -45.53 -23.48 20.08
CA LEU A 351 -46.02 -22.86 18.86
C LEU A 351 -45.96 -23.83 17.69
N ASP A 352 -46.85 -23.62 16.73
CA ASP A 352 -46.78 -24.34 15.47
C ASP A 352 -45.38 -24.15 14.88
N PRO A 353 -44.72 -25.21 14.40
CA PRO A 353 -43.32 -25.09 13.99
C PRO A 353 -43.09 -24.18 12.79
N HIS A 354 -44.15 -23.63 12.19
CA HIS A 354 -44.00 -22.69 11.08
C HIS A 354 -43.73 -21.26 11.53
N ILE A 355 -43.91 -20.96 12.82
CA ILE A 355 -43.67 -19.63 13.36
C ILE A 355 -42.74 -19.76 14.57
N GLY A 356 -42.03 -18.69 14.87
CA GLY A 356 -41.15 -18.71 16.02
C GLY A 356 -40.83 -17.31 16.49
N ALA A 357 -40.06 -17.24 17.59
CA ALA A 357 -39.70 -15.96 18.20
C ALA A 357 -38.23 -15.98 18.60
N ILE A 358 -37.57 -14.84 18.42
CA ILE A 358 -36.22 -14.65 18.92
C ILE A 358 -36.08 -13.23 19.47
N TYR A 359 -35.38 -13.10 20.59
CA TYR A 359 -35.14 -11.81 21.22
C TYR A 359 -33.66 -11.70 21.57
N GLY A 360 -32.99 -10.70 21.02
CA GLY A 360 -31.55 -10.58 21.18
C GLY A 360 -31.04 -9.23 21.64
N ASP A 361 -31.91 -8.44 22.28
CA ASP A 361 -31.52 -7.15 22.84
C ASP A 361 -31.81 -7.13 24.34
N ALA A 362 -30.81 -6.73 25.12
CA ALA A 362 -30.93 -6.56 26.57
C ALA A 362 -31.29 -7.87 27.27
N ILE A 363 -30.92 -9.01 26.69
CA ILE A 363 -31.09 -10.30 27.35
C ILE A 363 -30.01 -10.44 28.41
N THR A 364 -30.41 -10.87 29.61
CA THR A 364 -29.49 -11.26 30.67
C THR A 364 -29.92 -12.62 31.21
N ILE A 365 -29.03 -13.23 32.01
CA ILE A 365 -29.36 -14.50 32.65
C ILE A 365 -30.64 -14.34 33.46
N SER A 366 -30.73 -13.24 34.21
CA SER A 366 -31.92 -12.98 35.01
C SER A 366 -33.16 -12.84 34.13
N ARG A 367 -33.05 -12.12 33.02
CA ARG A 367 -34.19 -11.95 32.14
C ARG A 367 -34.56 -13.24 31.42
N CYS A 368 -33.58 -14.08 31.08
CA CYS A 368 -33.90 -15.37 30.48
C CYS A 368 -34.67 -16.25 31.46
N LYS A 369 -34.21 -16.29 32.72
CA LYS A 369 -34.95 -17.03 33.74
C LYS A 369 -36.35 -16.47 33.94
N GLU A 370 -36.48 -15.13 33.96
CA GLU A 370 -37.78 -14.52 34.18
C GLU A 370 -38.73 -14.80 33.02
N ILE A 371 -38.22 -14.74 31.79
CA ILE A 371 -39.05 -15.04 30.63
C ILE A 371 -39.52 -16.48 30.68
N CYS A 372 -38.61 -17.41 30.98
CA CYS A 372 -39.01 -18.82 31.09
C CYS A 372 -40.07 -19.01 32.18
N LYS A 373 -39.85 -18.39 33.34
CA LYS A 373 -40.77 -18.55 34.47
C LYS A 373 -42.15 -18.02 34.14
N LYS A 374 -42.22 -16.82 33.55
CA LYS A 374 -43.51 -16.21 33.27
C LYS A 374 -44.22 -16.91 32.14
N LEU A 375 -43.47 -17.39 31.12
CA LEU A 375 -44.08 -18.19 30.07
C LEU A 375 -44.67 -19.47 30.64
N ALA A 376 -43.94 -20.12 31.54
CA ALA A 376 -44.46 -21.33 32.16
C ALA A 376 -45.73 -21.04 32.97
N ALA A 377 -45.74 -19.91 33.68
CA ALA A 377 -46.92 -19.55 34.45
C ALA A 377 -48.15 -19.33 33.57
N LYS A 378 -47.96 -19.00 32.29
CA LYS A 378 -49.07 -18.86 31.36
C LYS A 378 -49.35 -20.15 30.60
N GLY A 379 -48.63 -21.22 30.90
CA GLY A 379 -48.80 -22.49 30.22
C GLY A 379 -48.00 -22.66 28.95
N PHE A 380 -47.03 -21.79 28.68
CA PHE A 380 -46.24 -21.84 27.47
C PHE A 380 -44.87 -22.43 27.77
N ALA A 381 -44.44 -23.36 26.94
CA ALA A 381 -43.14 -23.99 27.13
C ALA A 381 -42.01 -22.99 26.87
N SER A 382 -40.89 -23.19 27.56
CA SER A 382 -39.74 -22.30 27.42
C SER A 382 -39.13 -22.37 26.04
N VAL A 383 -39.36 -23.45 25.28
CA VAL A 383 -38.75 -23.61 23.97
C VAL A 383 -39.40 -22.74 22.91
N ASN A 384 -40.37 -21.91 23.28
CA ASN A 384 -41.01 -20.99 22.35
C ASN A 384 -40.17 -19.75 22.06
N VAL A 385 -39.03 -19.59 22.73
CA VAL A 385 -38.21 -18.39 22.59
C VAL A 385 -36.75 -18.81 22.42
N VAL A 386 -36.10 -18.26 21.41
CA VAL A 386 -34.64 -18.31 21.28
C VAL A 386 -34.08 -17.03 21.86
N PHE A 387 -32.99 -17.14 22.60
CA PHE A 387 -32.39 -16.00 23.29
C PHE A 387 -31.10 -15.62 22.58
N GLY A 388 -31.07 -14.39 22.06
CA GLY A 388 -29.83 -13.84 21.55
C GLY A 388 -29.01 -13.27 22.68
N ILE A 389 -27.82 -13.83 22.90
CA ILE A 389 -26.94 -13.41 23.98
C ILE A 389 -25.88 -12.48 23.38
N GLY A 390 -25.81 -11.26 23.91
CA GLY A 390 -24.98 -10.22 23.37
C GLY A 390 -23.79 -9.88 24.25
N SER A 391 -23.15 -8.76 23.91
CA SER A 391 -21.88 -8.40 24.52
C SER A 391 -22.00 -8.00 25.98
N PHE A 392 -23.19 -7.60 26.44
CA PHE A 392 -23.35 -7.30 27.86
C PHE A 392 -23.06 -8.53 28.70
N THR A 393 -23.42 -9.71 28.21
CA THR A 393 -23.05 -10.95 28.89
C THR A 393 -21.56 -11.22 28.75
N TYR A 394 -21.06 -11.32 27.52
CA TYR A 394 -19.74 -11.88 27.27
C TYR A 394 -18.60 -10.86 27.38
N GLN A 395 -18.84 -9.59 27.03
CA GLN A 395 -17.78 -8.60 27.06
C GLN A 395 -17.63 -7.93 28.42
N TYR A 396 -18.75 -7.56 29.05
CA TYR A 396 -18.73 -6.78 30.28
C TYR A 396 -18.33 -7.68 31.46
N ASN A 397 -17.06 -8.09 31.44
CA ASN A 397 -16.47 -8.84 32.53
C ASN A 397 -15.02 -8.40 32.73
N THR A 398 -14.46 -8.79 33.86
CA THR A 398 -13.03 -8.77 34.09
C THR A 398 -12.57 -10.17 34.45
N ARG A 399 -11.24 -10.34 34.42
CA ARG A 399 -10.60 -11.51 35.03
C ARG A 399 -11.06 -11.70 36.47
N ASP A 400 -11.49 -10.63 37.14
CA ASP A 400 -11.95 -10.67 38.52
C ASP A 400 -13.39 -11.10 38.65
N THR A 401 -14.12 -11.22 37.54
CA THR A 401 -15.51 -11.69 37.61
C THR A 401 -15.58 -13.05 38.27
N PHE A 402 -14.67 -13.95 37.91
CA PHE A 402 -14.50 -15.21 38.63
C PHE A 402 -13.17 -15.26 39.37
N GLY A 403 -12.59 -14.09 39.66
CA GLY A 403 -11.47 -14.00 40.59
C GLY A 403 -10.24 -14.76 40.14
N PHE A 404 -9.98 -14.79 38.85
CA PHE A 404 -8.85 -15.57 38.34
C PHE A 404 -7.53 -14.97 38.76
N ALA A 405 -6.59 -15.84 39.13
CA ALA A 405 -5.25 -15.37 39.45
C ALA A 405 -4.24 -16.47 39.18
N MET A 406 -3.08 -16.07 38.64
CA MET A 406 -1.91 -16.91 38.52
C MET A 406 -0.99 -16.62 39.69
N LYS A 407 -0.79 -17.63 40.54
CA LYS A 407 -0.02 -17.47 41.76
C LYS A 407 1.12 -18.49 41.78
N ALA A 408 2.34 -18.00 41.91
CA ALA A 408 3.42 -18.88 42.29
C ALA A 408 3.14 -19.39 43.69
N THR A 409 3.20 -20.71 43.86
CA THR A 409 2.99 -21.32 45.16
C THR A 409 4.18 -22.16 45.61
N TYR A 410 5.10 -22.52 44.73
CA TYR A 410 6.12 -23.47 45.15
C TYR A 410 7.44 -23.13 44.48
N THR A 411 8.54 -23.23 45.23
CA THR A 411 9.84 -23.00 44.63
C THR A 411 10.84 -24.00 45.19
N VAL A 412 11.87 -24.25 44.40
CA VAL A 412 13.02 -25.03 44.86
C VAL A 412 14.25 -24.16 44.66
N VAL A 413 14.98 -23.93 45.76
CA VAL A 413 16.17 -23.09 45.81
C VAL A 413 17.29 -23.90 46.45
N ASN A 414 18.36 -24.15 45.69
CA ASN A 414 19.51 -24.94 46.17
C ASN A 414 19.06 -26.28 46.75
N GLY A 415 18.11 -26.91 46.06
CA GLY A 415 17.59 -28.20 46.48
C GLY A 415 16.55 -28.14 47.57
N GLU A 416 16.33 -26.98 48.18
CA GLU A 416 15.36 -26.86 49.27
C GLU A 416 13.98 -26.53 48.69
N GLU A 417 13.01 -27.39 48.97
CA GLU A 417 11.62 -27.08 48.70
C GLU A 417 11.16 -25.95 49.61
N ARG A 418 10.39 -25.02 49.06
CA ARG A 418 9.88 -23.89 49.82
C ARG A 418 8.49 -23.52 49.31
N GLN A 419 7.68 -22.99 50.22
CA GLN A 419 6.34 -22.55 49.91
C GLN A 419 6.34 -21.04 49.69
N ILE A 420 5.57 -20.59 48.70
CA ILE A 420 5.46 -19.18 48.36
C ILE A 420 4.05 -18.73 48.65
N PHE A 421 3.92 -17.67 49.45
CA PHE A 421 2.63 -17.07 49.75
C PHE A 421 2.85 -15.76 50.49
N LYS A 422 2.01 -14.77 50.20
CA LYS A 422 2.02 -13.51 50.91
C LYS A 422 0.91 -13.48 51.96
N ASN A 423 1.17 -12.76 53.04
CA ASN A 423 0.16 -12.50 54.07
C ASN A 423 0.24 -11.02 54.41
N PRO A 424 -0.31 -10.15 53.56
CA PRO A 424 -0.20 -8.70 53.73
C PRO A 424 -1.03 -8.16 54.90
N SER A 433 -4.77 -19.13 51.47
CA SER A 433 -4.03 -19.08 50.22
C SER A 433 -3.39 -20.43 49.91
N GLN A 434 -3.05 -20.64 48.63
CA GLN A 434 -2.42 -21.88 48.21
C GLN A 434 -0.93 -21.86 48.53
N LYS A 435 -0.45 -22.94 49.14
CA LYS A 435 0.97 -23.09 49.48
C LYS A 435 1.45 -24.45 48.99
N GLY A 436 2.68 -24.49 48.49
CA GLY A 436 3.27 -25.73 48.05
C GLY A 436 2.64 -26.25 46.77
N LEU A 437 2.94 -27.52 46.48
CA LEU A 437 2.35 -28.18 45.32
C LEU A 437 0.88 -28.46 45.57
N VAL A 438 0.09 -28.41 44.51
CA VAL A 438 -1.35 -28.57 44.62
C VAL A 438 -1.81 -29.76 43.80
N ALA A 439 -2.90 -30.36 44.24
CA ALA A 439 -3.60 -31.42 43.53
C ALA A 439 -5.09 -31.22 43.73
N VAL A 440 -5.90 -31.71 42.82
CA VAL A 440 -7.35 -31.65 42.94
C VAL A 440 -7.87 -33.07 42.86
N VAL A 441 -8.60 -33.50 43.89
CA VAL A 441 -8.99 -34.90 44.01
C VAL A 441 -10.50 -35.00 44.15
N ASN A 442 -11.02 -36.15 43.69
CA ASN A 442 -12.43 -36.47 43.92
C ASN A 442 -12.63 -36.81 45.39
N ASN A 443 -13.45 -36.03 46.07
CA ASN A 443 -13.71 -36.12 47.51
C ASN A 443 -15.22 -36.34 47.64
N GLY A 444 -15.62 -37.59 47.84
CA GLY A 444 -17.03 -37.92 47.79
C GLY A 444 -17.63 -37.51 46.46
N ASN A 445 -18.55 -36.55 46.49
CA ASN A 445 -19.20 -36.06 45.28
C ASN A 445 -18.58 -34.78 44.73
N GLU A 446 -17.73 -34.10 45.49
CA GLU A 446 -17.18 -32.83 45.06
C GLU A 446 -15.70 -32.97 44.71
N LEU A 447 -15.15 -31.92 44.12
CA LEU A 447 -13.71 -31.83 43.89
C LEU A 447 -13.08 -30.96 44.96
N SER A 448 -11.96 -31.42 45.50
CA SER A 448 -11.33 -30.74 46.63
C SER A 448 -9.88 -30.41 46.31
N LEU A 449 -9.46 -29.24 46.75
CA LEU A 449 -8.06 -28.84 46.67
C LEU A 449 -7.26 -29.50 47.79
N VAL A 450 -6.10 -30.03 47.43
CA VAL A 450 -5.06 -30.46 48.36
C VAL A 450 -3.85 -29.59 48.10
N ASP A 451 -3.33 -28.95 49.15
CA ASP A 451 -2.13 -28.17 48.99
C ASP A 451 -1.16 -28.46 50.12
N GLU A 452 -0.11 -27.66 50.25
CA GLU A 452 0.97 -27.89 51.23
C GLU A 452 1.69 -29.21 50.98
N LEU A 453 1.55 -29.74 49.78
CA LEU A 453 2.23 -30.97 49.39
C LEU A 453 3.69 -30.68 49.03
N ASP A 454 4.59 -31.53 49.49
CA ASP A 454 5.93 -31.52 48.93
C ASP A 454 5.97 -32.46 47.73
N ARG A 455 7.13 -32.56 47.07
CA ARG A 455 7.20 -33.33 45.84
C ARG A 455 6.86 -34.79 46.07
N ASN A 456 7.34 -35.37 47.18
CA ASN A 456 7.08 -36.78 47.45
C ASN A 456 5.59 -37.05 47.61
N ALA A 457 4.92 -36.26 48.47
CA ALA A 457 3.48 -36.44 48.68
C ALA A 457 2.71 -36.20 47.38
N TYR A 458 3.15 -35.23 46.59
CA TYR A 458 2.51 -34.92 45.31
C TYR A 458 2.60 -36.10 44.35
N LYS A 459 3.79 -36.69 44.22
CA LYS A 459 3.93 -37.89 43.39
C LYS A 459 3.06 -39.01 43.93
N GLN A 460 2.99 -39.14 45.25
CA GLN A 460 2.13 -40.17 45.84
C GLN A 460 0.67 -39.96 45.45
N LEU A 461 0.24 -38.71 45.34
CA LEU A 461 -1.14 -38.39 45.02
C LEU A 461 -1.42 -38.31 43.53
N SER A 462 -0.38 -38.38 42.68
CA SER A 462 -0.53 -38.10 41.25
C SER A 462 -1.66 -38.89 40.60
N ASN A 463 -1.84 -40.16 40.98
CA ASN A 463 -2.87 -40.98 40.35
C ASN A 463 -4.28 -40.50 40.67
N ASP A 464 -4.47 -39.75 41.76
CA ASP A 464 -5.78 -39.24 42.13
C ASP A 464 -6.01 -37.80 41.69
N ASP A 465 -4.95 -37.10 41.27
CA ASP A 465 -5.07 -35.72 40.80
C ASP A 465 -5.82 -35.70 39.48
N ILE A 466 -6.90 -34.90 39.41
CA ILE A 466 -7.63 -34.78 38.15
C ILE A 466 -6.98 -33.76 37.22
N LEU A 467 -6.06 -32.94 37.73
CA LEU A 467 -5.13 -32.23 36.86
C LEU A 467 -4.30 -33.25 36.09
N GLU A 468 -4.22 -33.09 34.77
CA GLU A 468 -3.51 -34.04 33.93
C GLU A 468 -2.42 -33.35 33.14
N ASP A 469 -1.37 -34.11 32.81
CA ASP A 469 -0.32 -33.62 31.94
C ASP A 469 -0.88 -33.17 30.60
N VAL A 470 -0.72 -31.89 30.28
CA VAL A 470 -1.21 -31.34 29.03
C VAL A 470 -0.04 -30.90 28.12
N PHE A 471 1.00 -30.32 28.69
CA PHE A 471 2.10 -29.84 27.86
C PHE A 471 3.44 -30.00 28.56
N ILE A 472 4.40 -30.64 27.91
CA ILE A 472 5.75 -30.79 28.47
C ILE A 472 6.77 -30.66 27.35
N ASN A 473 7.72 -29.75 27.52
CA ASN A 473 8.93 -29.67 26.68
C ASN A 473 8.59 -29.65 25.19
N GLY A 474 7.55 -28.89 24.84
CA GLY A 474 7.12 -28.78 23.46
C GLY A 474 6.17 -29.85 22.99
N GLN A 475 5.88 -30.84 23.83
CA GLN A 475 5.02 -31.95 23.45
C GLN A 475 3.60 -31.68 23.90
N LEU A 476 2.65 -31.72 22.98
CA LEU A 476 1.25 -31.77 23.35
C LEU A 476 0.96 -33.16 23.91
N LEU A 477 0.39 -33.21 25.12
CA LEU A 477 0.10 -34.47 25.78
C LEU A 477 -1.38 -34.80 25.86
N ARG A 478 -2.25 -33.81 25.66
CA ARG A 478 -3.69 -34.04 25.64
C ARG A 478 -4.30 -33.19 24.54
N ASN A 479 -5.14 -33.81 23.70
CA ASN A 479 -5.77 -33.16 22.55
C ASN A 479 -7.26 -33.47 22.60
N GLN A 480 -8.03 -32.60 23.24
CA GLN A 480 -9.46 -32.77 23.36
C GLN A 480 -10.18 -32.21 22.14
N THR A 481 -11.26 -32.86 21.75
CA THR A 481 -12.11 -32.39 20.67
C THR A 481 -13.30 -31.61 21.25
N LEU A 482 -13.89 -30.77 20.40
CA LEU A 482 -15.07 -30.02 20.83
C LEU A 482 -16.19 -30.97 21.23
N SER A 483 -16.38 -32.05 20.49
CA SER A 483 -17.44 -33.01 20.82
C SER A 483 -17.20 -33.63 22.18
N GLU A 484 -15.95 -33.99 22.50
CA GLU A 484 -15.65 -34.55 23.81
C GLU A 484 -15.91 -33.53 24.91
N ILE A 485 -15.55 -32.26 24.68
CA ILE A 485 -15.76 -31.25 25.70
C ILE A 485 -17.25 -31.00 25.93
N ARG A 486 -18.02 -30.93 24.84
CA ARG A 486 -19.47 -30.81 24.95
C ARG A 486 -20.06 -32.00 25.70
N GLU A 487 -19.52 -33.19 25.46
CA GLU A 487 -20.01 -34.38 26.15
C GLU A 487 -19.69 -34.33 27.64
N LEU A 488 -18.48 -33.87 27.99
CA LEU A 488 -18.13 -33.74 29.40
C LEU A 488 -19.00 -32.70 30.10
N LEU A 489 -19.25 -31.57 29.43
CA LEU A 489 -20.00 -30.48 30.06
C LEU A 489 -21.44 -30.86 30.33
N LEU A 490 -22.14 -31.38 29.31
CA LEU A 490 -23.58 -31.55 29.37
C LEU A 490 -24.02 -32.91 29.86
N ASP A 491 -23.08 -33.82 30.13
CA ASP A 491 -23.46 -35.21 30.36
C ASP A 491 -22.64 -35.86 31.47
N LYS B 3 -1.36 -23.91 7.58
CA LYS B 3 -1.94 -22.97 8.52
C LYS B 3 -3.45 -22.89 8.33
N TYR B 4 -4.17 -22.53 9.37
CA TYR B 4 -5.62 -22.39 9.31
C TYR B 4 -5.98 -20.95 8.98
N THR B 5 -6.77 -20.76 7.94
CA THR B 5 -7.17 -19.44 7.47
C THR B 5 -8.62 -19.17 7.87
N TYR B 6 -8.84 -18.07 8.59
CA TYR B 6 -10.18 -17.53 8.76
C TYR B 6 -10.46 -16.67 7.54
N PRO B 7 -11.41 -17.04 6.68
CA PRO B 7 -11.63 -16.29 5.44
C PRO B 7 -12.00 -14.83 5.74
N ALA B 8 -11.38 -13.93 4.98
CA ALA B 8 -11.65 -12.51 5.15
C ALA B 8 -13.10 -12.17 4.81
N THR B 9 -13.81 -13.06 4.14
CA THR B 9 -15.20 -12.84 3.74
C THR B 9 -16.19 -13.30 4.80
N LEU B 10 -15.71 -13.87 5.92
CA LEU B 10 -16.62 -14.40 6.93
C LEU B 10 -16.30 -13.87 8.34
N LEU B 11 -15.61 -12.73 8.44
CA LEU B 11 -15.35 -12.10 9.73
C LEU B 11 -16.52 -11.15 10.05
N CYS B 12 -17.65 -11.75 10.40
CA CYS B 12 -18.88 -10.99 10.56
C CYS B 12 -19.91 -11.82 11.32
N ASP B 13 -21.03 -11.18 11.63
CA ASP B 13 -22.22 -11.91 12.03
C ASP B 13 -22.75 -12.71 10.84
N PHE B 14 -23.44 -13.81 11.14
CA PHE B 14 -23.90 -14.70 10.07
C PHE B 14 -24.89 -14.01 9.15
N TYR B 15 -25.75 -13.15 9.68
CA TYR B 15 -26.81 -12.56 8.87
C TYR B 15 -26.29 -11.47 7.93
N LYS B 16 -25.10 -10.94 8.17
CA LYS B 16 -24.45 -10.07 7.20
C LYS B 16 -24.31 -10.80 5.85
N VAL B 17 -24.06 -12.11 5.90
CA VAL B 17 -23.97 -12.91 4.68
C VAL B 17 -25.29 -12.90 3.94
N SER B 18 -26.40 -13.04 4.67
CA SER B 18 -27.72 -13.14 4.05
C SER B 18 -28.26 -11.80 3.57
N HIS B 19 -27.72 -10.68 4.08
CA HIS B 19 -28.35 -9.39 3.79
C HIS B 19 -28.31 -8.99 2.32
N LYS B 20 -27.31 -9.45 1.55
CA LYS B 20 -27.14 -8.95 0.19
C LYS B 20 -28.40 -9.17 -0.66
N GLU B 21 -28.98 -10.37 -0.58
CA GLU B 21 -30.14 -10.68 -1.40
C GLU B 21 -31.43 -10.03 -0.87
N GLN B 22 -31.39 -9.42 0.32
CA GLN B 22 -32.58 -8.83 0.91
C GLN B 22 -32.77 -7.36 0.55
N TYR B 23 -31.73 -6.68 0.08
CA TYR B 23 -31.85 -5.27 -0.27
C TYR B 23 -32.76 -5.10 -1.47
N PRO B 24 -33.34 -3.91 -1.64
CA PRO B 24 -34.18 -3.66 -2.83
C PRO B 24 -33.38 -3.85 -4.10
N GLU B 25 -34.09 -4.21 -5.17
CA GLU B 25 -33.45 -4.30 -6.48
C GLU B 25 -32.87 -2.95 -6.87
N GLY B 26 -31.65 -2.98 -7.40
CA GLY B 26 -31.01 -1.76 -7.84
C GLY B 26 -30.37 -0.94 -6.74
N THR B 27 -30.20 -1.48 -5.54
CA THR B 27 -29.42 -0.79 -4.52
C THR B 27 -28.02 -0.58 -5.05
N GLU B 28 -27.58 0.68 -5.06
CA GLU B 28 -26.29 1.04 -5.63
C GLU B 28 -25.30 1.58 -4.61
N LEU B 29 -25.77 2.17 -3.51
CA LEU B 29 -24.83 2.69 -2.52
C LEU B 29 -25.38 2.51 -1.12
N ILE B 30 -24.52 2.09 -0.19
CA ILE B 30 -24.82 2.06 1.24
C ILE B 30 -23.73 2.82 1.98
N TYR B 31 -24.14 3.76 2.83
CA TYR B 31 -23.25 4.68 3.52
C TYR B 31 -23.57 4.65 5.00
N SER B 32 -22.58 4.25 5.81
CA SER B 32 -22.73 4.05 7.25
C SER B 32 -21.77 4.95 8.02
N THR B 33 -22.20 5.35 9.20
CA THR B 33 -21.43 6.19 10.11
C THR B 33 -21.12 5.42 11.40
N TRP B 34 -20.08 5.87 12.10
CA TRP B 34 -19.63 5.31 13.36
C TRP B 34 -19.75 6.41 14.42
N THR B 35 -20.64 6.22 15.39
CA THR B 35 -20.96 7.31 16.30
C THR B 35 -20.95 6.85 17.75
N PRO B 36 -20.28 7.60 18.65
CA PRO B 36 -20.51 7.41 20.08
C PRO B 36 -21.77 8.13 20.51
N ARG B 37 -22.85 7.38 20.73
CA ARG B 37 -24.18 7.98 20.83
C ARG B 37 -24.53 8.47 22.22
N THR B 38 -23.76 8.10 23.24
CA THR B 38 -24.04 8.52 24.61
C THR B 38 -22.77 8.33 25.44
N SER B 39 -22.80 8.80 26.68
CA SER B 39 -21.68 8.64 27.59
C SER B 39 -22.18 8.04 28.90
N ARG B 40 -21.49 6.99 29.36
CA ARG B 40 -21.81 6.35 30.62
C ARG B 40 -20.70 6.51 31.65
N VAL B 41 -19.74 7.39 31.41
CA VAL B 41 -18.73 7.77 32.38
C VAL B 41 -19.00 9.19 32.82
N GLU B 42 -19.01 9.41 34.14
CA GLU B 42 -19.32 10.73 34.67
C GLU B 42 -18.26 11.74 34.24
N ASP B 43 -18.72 12.95 33.91
CA ASP B 43 -17.88 14.08 33.53
C ASP B 43 -17.11 13.84 32.22
N ILE B 44 -17.52 12.85 31.42
CA ILE B 44 -16.93 12.61 30.11
C ILE B 44 -18.01 12.87 29.07
N ASP B 45 -17.82 13.91 28.25
CA ASP B 45 -18.76 14.28 27.21
C ASP B 45 -18.11 14.27 25.83
N ARG B 46 -16.86 13.83 25.73
CA ARG B 46 -16.16 13.70 24.47
C ARG B 46 -15.30 12.44 24.52
N VAL B 47 -14.99 11.91 23.35
CA VAL B 47 -14.13 10.74 23.24
C VAL B 47 -12.91 11.10 22.41
N VAL B 48 -11.81 10.39 22.67
CA VAL B 48 -10.56 10.57 21.94
C VAL B 48 -10.57 9.57 20.78
N ALA B 49 -10.83 10.08 19.58
CA ALA B 49 -10.86 9.22 18.40
C ALA B 49 -9.50 8.56 18.20
N PHE B 50 -9.49 7.24 18.15
CA PHE B 50 -8.25 6.50 17.99
C PHE B 50 -8.54 5.06 17.56
N GLY B 51 -7.75 4.56 16.62
CA GLY B 51 -7.76 3.15 16.26
C GLY B 51 -8.06 2.85 14.82
N PHE B 52 -8.70 3.78 14.09
CA PHE B 52 -9.13 3.47 12.72
C PHE B 52 -7.95 3.05 11.86
N GLN B 53 -6.81 3.75 11.98
CA GLN B 53 -5.65 3.46 11.16
C GLN B 53 -5.15 2.04 11.40
N GLY B 54 -5.08 1.62 12.66
CA GLY B 54 -4.63 0.27 12.95
C GLY B 54 -5.54 -0.78 12.35
N PHE B 55 -6.86 -0.56 12.44
CA PHE B 55 -7.80 -1.52 11.87
C PHE B 55 -7.69 -1.56 10.35
N ILE B 56 -7.59 -0.40 9.70
CA ILE B 56 -7.48 -0.34 8.25
C ILE B 56 -6.21 -1.04 7.79
N LYS B 57 -5.09 -0.77 8.47
CA LYS B 57 -3.82 -1.36 8.06
C LYS B 57 -3.81 -2.88 8.29
N LYS B 58 -4.27 -3.34 9.46
CA LYS B 58 -4.16 -4.75 9.79
C LYS B 58 -5.14 -5.60 8.98
N TYR B 59 -6.38 -5.13 8.85
CA TYR B 59 -7.45 -5.98 8.33
C TYR B 59 -7.86 -5.64 6.91
N LEU B 60 -8.18 -4.37 6.64
CA LEU B 60 -8.66 -4.00 5.31
C LEU B 60 -7.54 -4.06 4.29
N ILE B 61 -6.30 -3.79 4.69
CA ILE B 61 -5.17 -3.82 3.76
C ILE B 61 -4.45 -5.16 3.86
N ASP B 62 -3.85 -5.43 5.02
CA ASP B 62 -2.97 -6.59 5.14
C ASP B 62 -3.74 -7.90 5.11
N TYR B 63 -4.80 -8.02 5.92
CA TYR B 63 -5.49 -9.29 6.01
C TYR B 63 -6.17 -9.66 4.70
N PHE B 64 -6.83 -8.69 4.04
CA PHE B 64 -7.52 -8.99 2.79
C PHE B 64 -6.53 -9.28 1.67
N ASN B 65 -5.39 -8.59 1.64
CA ASN B 65 -4.39 -8.88 0.62
C ASN B 65 -3.80 -10.26 0.81
N GLU B 66 -3.27 -10.53 2.01
CA GLU B 66 -2.52 -11.76 2.22
C GLU B 66 -3.42 -12.99 2.26
N ASN B 67 -4.63 -12.84 2.80
CA ASN B 67 -5.51 -13.99 2.97
C ASN B 67 -6.61 -14.09 1.92
N PHE B 68 -6.92 -13.02 1.18
CA PHE B 68 -7.93 -13.10 0.14
C PHE B 68 -7.38 -12.81 -1.25
N PHE B 69 -6.82 -11.62 -1.48
CA PHE B 69 -6.59 -11.17 -2.85
C PHE B 69 -5.41 -11.86 -3.51
N LYS B 70 -4.36 -12.17 -2.75
CA LYS B 70 -3.18 -12.79 -3.32
C LYS B 70 -3.33 -14.31 -3.46
N ARG B 71 -4.40 -14.89 -2.93
CA ARG B 71 -4.65 -16.32 -3.00
C ARG B 71 -5.45 -16.65 -4.25
N PRO B 72 -5.40 -17.91 -4.72
CA PRO B 72 -6.19 -18.28 -5.90
C PRO B 72 -7.69 -18.11 -5.67
N LYS B 73 -8.39 -17.74 -6.74
CA LYS B 73 -9.82 -17.45 -6.65
C LYS B 73 -10.61 -18.67 -6.17
N GLN B 74 -10.28 -19.85 -6.70
CA GLN B 74 -11.00 -21.07 -6.34
C GLN B 74 -10.88 -21.33 -4.84
N ASP B 75 -9.73 -21.02 -4.25
CA ASP B 75 -9.53 -21.30 -2.83
C ASP B 75 -10.46 -20.45 -1.95
N VAL B 76 -10.49 -19.14 -2.19
CA VAL B 76 -11.33 -18.28 -1.37
C VAL B 76 -12.81 -18.59 -1.60
N VAL B 77 -13.17 -18.86 -2.86
CA VAL B 77 -14.55 -19.25 -3.17
C VAL B 77 -14.92 -20.50 -2.39
N ASN B 78 -14.01 -21.49 -2.36
CA ASN B 78 -14.31 -22.77 -1.72
C ASN B 78 -14.40 -22.65 -0.21
N GLU B 79 -13.50 -21.89 0.41
CA GLU B 79 -13.60 -21.72 1.86
C GLU B 79 -14.93 -21.06 2.23
N TYR B 80 -15.32 -20.02 1.49
CA TYR B 80 -16.60 -19.36 1.74
C TYR B 80 -17.75 -20.33 1.60
N LYS B 81 -17.77 -21.07 0.47
CA LYS B 81 -18.89 -21.97 0.19
C LYS B 81 -18.96 -23.09 1.21
N ARG B 82 -17.81 -23.61 1.64
CA ARG B 82 -17.80 -24.66 2.65
C ARG B 82 -18.46 -24.19 3.94
N VAL B 83 -18.05 -23.01 4.42
CA VAL B 83 -18.63 -22.52 5.68
C VAL B 83 -20.13 -22.28 5.53
N ILE B 84 -20.53 -21.64 4.42
CA ILE B 84 -21.97 -21.35 4.24
C ILE B 84 -22.77 -22.64 4.14
N LYS B 85 -22.27 -23.60 3.36
CA LYS B 85 -22.99 -24.85 3.15
C LYS B 85 -23.21 -25.60 4.46
N HIS B 86 -22.18 -25.65 5.31
CA HIS B 86 -22.30 -26.49 6.50
C HIS B 86 -22.75 -25.73 7.74
N THR B 87 -22.92 -24.41 7.67
CA THR B 87 -23.44 -23.66 8.80
C THR B 87 -24.79 -22.99 8.55
N LEU B 88 -25.14 -22.71 7.29
CA LEU B 88 -26.45 -22.15 6.97
C LEU B 88 -27.34 -23.14 6.23
N GLN B 89 -26.90 -24.40 6.12
CA GLN B 89 -27.66 -25.46 5.47
C GLN B 89 -28.15 -25.04 4.09
N VAL B 90 -27.19 -24.70 3.24
CA VAL B 90 -27.42 -24.37 1.84
C VAL B 90 -26.65 -25.36 0.99
N ASP B 91 -27.34 -26.04 0.08
CA ASP B 91 -26.68 -27.04 -0.75
C ASP B 91 -25.64 -26.42 -1.67
N ASP B 92 -26.02 -25.34 -2.36
CA ASP B 92 -25.16 -24.70 -3.36
C ASP B 92 -25.15 -23.19 -3.08
N PRO B 93 -24.31 -22.74 -2.15
CA PRO B 93 -24.26 -21.31 -1.84
C PRO B 93 -23.78 -20.49 -3.03
N ASP B 94 -24.35 -19.30 -3.17
CA ASP B 94 -23.92 -18.39 -4.21
C ASP B 94 -22.67 -17.64 -3.74
N ALA B 95 -21.57 -17.79 -4.47
CA ALA B 95 -20.32 -17.12 -4.16
C ALA B 95 -19.85 -16.24 -5.31
N SER B 96 -20.76 -15.92 -6.24
CA SER B 96 -20.36 -15.12 -7.40
C SER B 96 -19.91 -13.73 -6.99
N HIS B 97 -20.50 -13.17 -5.93
CA HIS B 97 -20.05 -11.87 -5.46
C HIS B 97 -18.63 -11.94 -4.89
N ILE B 98 -18.31 -13.02 -4.18
CA ILE B 98 -16.94 -13.24 -3.71
C ILE B 98 -15.99 -13.33 -4.90
N GLU B 99 -16.39 -14.10 -5.91
CA GLU B 99 -15.58 -14.26 -7.11
C GLU B 99 -15.33 -12.92 -7.79
N SER B 100 -16.38 -12.10 -7.90
CA SER B 100 -16.27 -10.80 -8.55
C SER B 100 -15.38 -9.85 -7.74
N LEU B 101 -15.49 -9.88 -6.41
CA LEU B 101 -14.61 -9.05 -5.59
C LEU B 101 -13.16 -9.48 -5.76
N HIS B 102 -12.90 -10.78 -5.77
CA HIS B 102 -11.53 -11.26 -5.97
C HIS B 102 -11.00 -10.87 -7.34
N GLU B 103 -11.85 -10.95 -8.37
CA GLU B 103 -11.46 -10.52 -9.71
C GLU B 103 -11.14 -9.03 -9.74
N LEU B 104 -11.91 -8.22 -9.01
CA LEU B 104 -11.63 -6.79 -8.95
C LEU B 104 -10.23 -6.52 -8.38
N GLY B 105 -9.82 -7.31 -7.39
CA GLY B 105 -8.47 -7.24 -6.88
C GLY B 105 -8.23 -6.27 -5.75
N TYR B 106 -9.24 -5.49 -5.37
CA TYR B 106 -9.10 -4.51 -4.29
C TYR B 106 -10.46 -4.26 -3.69
N LEU B 107 -10.47 -3.67 -2.49
CA LEU B 107 -11.72 -3.35 -1.83
C LEU B 107 -12.27 -2.04 -2.37
N PRO B 108 -13.40 -2.05 -3.07
CA PRO B 108 -13.98 -0.79 -3.59
C PRO B 108 -14.70 -0.02 -2.47
N ILE B 109 -13.90 0.63 -1.63
CA ILE B 109 -14.36 1.14 -0.35
C ILE B 109 -13.81 2.55 -0.14
N LYS B 110 -14.63 3.42 0.44
CA LYS B 110 -14.22 4.77 0.84
C LYS B 110 -14.52 4.93 2.32
N ILE B 111 -13.46 5.10 3.11
CA ILE B 111 -13.55 5.37 4.54
C ILE B 111 -12.99 6.76 4.79
N LYS B 112 -13.79 7.60 5.44
CA LYS B 112 -13.41 8.93 5.89
C LYS B 112 -13.47 8.96 7.41
N ALA B 113 -12.64 9.80 8.01
CA ALA B 113 -12.61 9.86 9.47
C ALA B 113 -11.97 11.16 9.93
N VAL B 114 -12.34 11.57 11.14
CA VAL B 114 -11.64 12.66 11.80
C VAL B 114 -10.21 12.23 12.13
N LYS B 115 -9.33 13.22 12.26
CA LYS B 115 -7.96 12.93 12.66
C LYS B 115 -7.95 12.23 14.02
N GLU B 116 -7.14 11.18 14.11
CA GLU B 116 -6.99 10.50 15.38
C GLU B 116 -6.24 11.41 16.36
N GLY B 117 -6.73 11.45 17.60
CA GLY B 117 -6.33 12.44 18.56
C GLY B 117 -7.33 13.55 18.78
N THR B 118 -8.34 13.66 17.90
CA THR B 118 -9.35 14.69 18.03
C THR B 118 -10.33 14.36 19.15
N PHE B 119 -10.74 15.38 19.90
CA PHE B 119 -11.84 15.27 20.83
C PHE B 119 -13.15 15.35 20.05
N ILE B 120 -13.93 14.28 20.07
CA ILE B 120 -15.20 14.20 19.34
C ILE B 120 -16.33 14.24 20.37
N PRO B 121 -17.25 15.19 20.27
CA PRO B 121 -18.37 15.23 21.22
C PRO B 121 -19.29 14.03 21.07
N ILE B 122 -19.98 13.72 22.17
CA ILE B 122 -21.02 12.70 22.15
C ILE B 122 -22.06 13.07 21.10
N LYS B 123 -22.56 12.07 20.37
CA LYS B 123 -23.55 12.17 19.31
C LYS B 123 -23.00 12.76 18.02
N VAL B 124 -21.69 12.85 17.88
CA VAL B 124 -21.04 13.37 16.68
C VAL B 124 -20.34 12.21 15.99
N PRO B 125 -20.57 11.99 14.69
CA PRO B 125 -19.91 10.87 14.02
C PRO B 125 -18.43 11.14 13.81
N MET B 126 -17.63 10.08 13.96
CA MET B 126 -16.18 10.19 13.75
C MET B 126 -15.71 9.58 12.45
N LEU B 127 -16.51 8.72 11.83
CA LEU B 127 -16.05 7.96 10.68
C LEU B 127 -17.25 7.59 9.81
N THR B 128 -17.01 7.48 8.50
CA THR B 128 -18.00 6.99 7.57
C THR B 128 -17.34 6.03 6.59
N ILE B 129 -18.18 5.14 6.04
CA ILE B 129 -17.74 4.12 5.10
C ILE B 129 -18.82 3.96 4.03
N GLU B 130 -18.37 3.74 2.79
CA GLU B 130 -19.28 3.55 1.67
C GLU B 130 -18.58 2.73 0.59
N ASN B 131 -19.38 2.11 -0.27
CA ASN B 131 -18.83 1.45 -1.45
C ASN B 131 -18.66 2.46 -2.57
N THR B 132 -17.61 2.25 -3.38
CA THR B 132 -17.34 3.15 -4.49
C THR B 132 -17.77 2.56 -5.84
N ILE B 133 -18.22 1.31 -5.87
CA ILE B 133 -18.76 0.70 -7.09
C ILE B 133 -20.14 0.14 -6.74
N PRO B 134 -21.18 0.45 -7.51
CA PRO B 134 -22.54 0.02 -7.12
C PRO B 134 -22.69 -1.47 -6.90
N GLU B 135 -22.08 -2.31 -7.74
CA GLU B 135 -22.25 -3.76 -7.62
C GLU B 135 -21.88 -4.25 -6.23
N PHE B 136 -20.96 -3.57 -5.56
CA PHE B 136 -20.48 -3.98 -4.25
C PHE B 136 -21.11 -3.19 -3.12
N PHE B 137 -22.36 -2.75 -3.29
CA PHE B 137 -23.07 -2.11 -2.17
C PHE B 137 -23.00 -2.99 -0.93
N TRP B 138 -23.22 -4.29 -1.10
CA TRP B 138 -23.25 -5.23 0.02
C TRP B 138 -21.97 -5.22 0.83
N ILE B 139 -20.87 -4.75 0.24
CA ILE B 139 -19.60 -4.80 0.97
C ILE B 139 -19.66 -3.88 2.19
N THR B 140 -20.31 -2.72 2.07
CA THR B 140 -20.35 -1.79 3.20
C THR B 140 -20.92 -2.46 4.43
N ASN B 141 -22.17 -2.93 4.33
CA ASN B 141 -22.79 -3.64 5.43
C ASN B 141 -21.90 -4.77 5.94
N TYR B 142 -21.27 -5.51 5.01
CA TYR B 142 -20.47 -6.66 5.42
C TYR B 142 -19.43 -6.27 6.45
N LEU B 143 -18.77 -5.13 6.25
CA LEU B 143 -17.63 -4.79 7.10
C LEU B 143 -18.05 -4.22 8.44
N GLU B 144 -19.36 -4.01 8.67
CA GLU B 144 -19.78 -3.29 9.87
C GLU B 144 -19.38 -4.03 11.15
N THR B 145 -19.62 -5.34 11.20
CA THR B 145 -19.32 -6.11 12.39
C THR B 145 -17.85 -5.98 12.77
N LEU B 146 -16.97 -6.47 11.90
CA LEU B 146 -15.54 -6.53 12.22
C LEU B 146 -15.03 -5.17 12.64
N MET B 147 -15.31 -4.13 11.85
CA MET B 147 -14.81 -2.80 12.18
C MET B 147 -15.27 -2.37 13.56
N SER B 148 -16.57 -2.54 13.85
CA SER B 148 -17.03 -2.23 15.19
C SER B 148 -16.23 -3.04 16.21
N ASN B 149 -16.20 -4.37 16.01
CA ASN B 149 -15.46 -5.28 16.88
C ASN B 149 -14.06 -4.77 17.15
N GLU B 150 -13.46 -4.02 16.23
CA GLU B 150 -12.06 -3.68 16.37
C GLU B 150 -11.79 -2.28 16.87
N ILE B 151 -12.72 -1.32 16.71
CA ILE B 151 -12.32 0.07 16.93
C ILE B 151 -12.94 0.71 18.16
N TRP B 152 -13.86 0.05 18.86
CA TRP B 152 -14.40 0.68 20.06
C TRP B 152 -13.42 0.61 21.22
N GLN B 153 -12.68 -0.49 21.35
CA GLN B 153 -11.73 -0.61 22.45
C GLN B 153 -10.60 0.41 22.39
N PRO B 154 -9.87 0.60 21.28
CA PRO B 154 -8.78 1.59 21.30
C PRO B 154 -9.24 3.01 21.61
N THR B 155 -10.41 3.41 21.10
CA THR B 155 -10.92 4.73 21.43
C THR B 155 -11.32 4.80 22.90
N THR B 156 -12.08 3.81 23.37
CA THR B 156 -12.54 3.81 24.76
C THR B 156 -11.36 3.95 25.72
N SER B 157 -10.36 3.07 25.59
CA SER B 157 -9.18 3.19 26.43
C SER B 157 -8.55 4.57 26.28
N ALA B 158 -8.42 5.04 25.05
CA ALA B 158 -7.82 6.35 24.82
C ALA B 158 -8.55 7.43 25.60
N THR B 159 -9.88 7.35 25.65
CA THR B 159 -10.61 8.34 26.40
C THR B 159 -10.38 8.17 27.89
N LEU B 160 -10.44 6.93 28.39
CA LEU B 160 -10.31 6.71 29.82
C LEU B 160 -8.94 7.16 30.30
N ALA B 161 -7.88 6.80 29.56
CA ALA B 161 -6.55 7.28 29.89
C ALA B 161 -6.51 8.79 29.96
N TYR B 162 -7.14 9.48 29.00
CA TYR B 162 -7.08 10.93 29.02
C TYR B 162 -7.74 11.48 30.28
N GLU B 163 -8.78 10.81 30.77
CA GLU B 163 -9.41 11.26 32.01
C GLU B 163 -8.40 11.30 33.15
N TYR B 164 -7.51 10.31 33.20
CA TYR B 164 -6.42 10.37 34.17
C TYR B 164 -5.51 11.56 33.88
N ARG B 165 -5.08 11.71 32.62
CA ARG B 165 -4.13 12.75 32.27
C ARG B 165 -4.65 14.13 32.65
N LYS B 166 -5.90 14.41 32.26
CA LYS B 166 -6.54 15.67 32.60
C LYS B 166 -6.45 15.95 34.09
N ILE B 167 -6.72 14.94 34.93
CA ILE B 167 -6.59 15.14 36.36
C ILE B 167 -5.14 15.42 36.72
N LEU B 168 -4.23 14.54 36.26
CA LEU B 168 -2.83 14.62 36.68
C LEU B 168 -2.19 15.91 36.19
N ASP B 169 -2.56 16.37 35.00
CA ASP B 169 -2.09 17.67 34.56
C ASP B 169 -2.53 18.77 35.52
N GLU B 170 -3.84 18.83 35.82
CA GLU B 170 -4.36 19.98 36.54
C GLU B 170 -3.73 20.09 37.92
N TYR B 171 -3.77 19.00 38.69
CA TYR B 171 -3.13 19.02 40.00
C TYR B 171 -1.63 19.30 39.87
N ALA B 172 -0.98 18.77 38.83
CA ALA B 172 0.42 19.13 38.62
C ALA B 172 0.56 20.64 38.51
N MET B 173 -0.20 21.25 37.58
CA MET B 173 -0.15 22.69 37.45
C MET B 173 -0.53 23.37 38.75
N GLU B 174 -1.38 22.72 39.55
CA GLU B 174 -1.85 23.31 40.78
C GLU B 174 -0.80 23.26 41.89
N THR B 175 0.08 22.26 41.86
CA THR B 175 1.01 22.07 42.97
C THR B 175 2.46 22.27 42.60
N VAL B 176 2.82 22.04 41.34
CA VAL B 176 4.21 22.15 40.89
C VAL B 176 4.41 23.34 39.97
N GLY B 177 3.47 23.61 39.08
CA GLY B 177 3.58 24.67 38.11
C GLY B 177 3.96 24.20 36.71
N ASN B 178 4.32 22.94 36.56
CA ASN B 178 4.64 22.37 35.25
C ASN B 178 4.10 20.95 35.18
N LYS B 179 4.04 20.42 33.96
CA LYS B 179 3.49 19.08 33.70
C LYS B 179 4.58 18.07 33.34
N LEU B 180 5.82 18.28 33.78
CA LEU B 180 6.92 17.45 33.30
C LEU B 180 6.82 16.02 33.78
N ALA B 181 6.30 15.79 34.99
CA ALA B 181 6.23 14.44 35.54
C ALA B 181 5.01 13.65 35.09
N VAL B 182 4.02 14.31 34.47
CA VAL B 182 2.72 13.68 34.24
C VAL B 182 2.82 12.52 33.26
N ASP B 183 3.73 12.60 32.27
CA ASP B 183 3.83 11.55 31.27
C ASP B 183 4.05 10.17 31.89
N PHE B 184 4.75 10.12 33.02
CA PHE B 184 5.05 8.87 33.70
C PHE B 184 4.14 8.60 34.89
N GLN B 185 3.20 9.51 35.17
CA GLN B 185 2.34 9.35 36.34
C GLN B 185 1.18 8.40 36.09
N GLY B 186 0.87 8.07 34.84
CA GLY B 186 -0.12 7.06 34.54
C GLY B 186 0.50 5.86 33.88
N HIS B 187 0.54 4.72 34.58
CA HIS B 187 1.30 3.56 34.16
C HIS B 187 0.36 2.38 33.96
N ASP B 188 0.34 1.85 32.74
CA ASP B 188 -0.54 0.75 32.39
C ASP B 188 -0.07 -0.55 33.03
N PHE B 189 -0.90 -1.14 33.89
CA PHE B 189 -0.62 -2.42 34.53
C PHE B 189 -1.56 -3.52 34.07
N SER B 190 -2.35 -3.29 33.02
CA SER B 190 -3.60 -4.01 32.81
C SER B 190 -3.47 -5.28 31.97
N MET B 191 -2.29 -5.58 31.41
CA MET B 191 -2.23 -6.56 30.32
C MET B 191 -2.78 -7.92 30.74
N ARG B 192 -2.43 -8.39 31.94
CA ARG B 192 -2.89 -9.71 32.39
C ARG B 192 -4.40 -9.78 32.57
N GLY B 193 -5.08 -8.63 32.62
CA GLY B 193 -6.52 -8.61 32.83
C GLY B 193 -7.33 -8.26 31.60
N MET B 194 -6.66 -7.95 30.50
CA MET B 194 -7.38 -7.80 29.24
C MET B 194 -7.83 -9.17 28.73
N SER B 195 -8.82 -9.16 27.84
CA SER B 195 -9.49 -10.39 27.46
C SER B 195 -8.75 -11.19 26.39
N SER B 196 -7.70 -10.62 25.80
CA SER B 196 -6.91 -11.28 24.77
C SER B 196 -5.74 -10.39 24.44
N LEU B 197 -4.72 -10.97 23.79
CA LEU B 197 -3.54 -10.20 23.43
C LEU B 197 -3.87 -9.05 22.47
N GLU B 198 -4.79 -9.29 21.53
CA GLU B 198 -5.17 -8.25 20.58
C GLU B 198 -5.81 -7.06 21.31
N SER B 199 -6.75 -7.34 22.21
CA SER B 199 -7.34 -6.29 23.03
C SER B 199 -6.29 -5.63 23.91
N THR B 200 -5.30 -6.40 24.37
CA THR B 200 -4.19 -5.82 25.12
C THR B 200 -3.48 -4.76 24.28
N LYS B 201 -3.19 -5.10 23.02
CA LYS B 201 -2.51 -4.15 22.13
C LYS B 201 -3.36 -2.91 21.91
N LEU B 202 -4.65 -3.10 21.60
CA LEU B 202 -5.48 -1.94 21.29
C LEU B 202 -5.64 -1.03 22.51
N SER B 203 -5.90 -1.61 23.68
CA SER B 203 -6.10 -0.79 24.88
C SER B 203 -4.82 -0.09 25.28
N GLY B 204 -3.70 -0.82 25.34
CA GLY B 204 -2.44 -0.19 25.71
C GLY B 204 -2.00 0.88 24.72
N ALA B 205 -2.28 0.67 23.43
CA ALA B 205 -2.01 1.70 22.44
C ALA B 205 -2.83 2.94 22.74
N GLY B 206 -4.10 2.76 23.13
CA GLY B 206 -4.88 3.90 23.58
C GLY B 206 -4.28 4.60 24.78
N HIS B 207 -3.78 3.82 25.74
CA HIS B 207 -3.16 4.39 26.93
C HIS B 207 -1.94 5.23 26.57
N LEU B 208 -1.18 4.80 25.57
CA LEU B 208 0.08 5.46 25.25
C LEU B 208 -0.08 6.81 24.56
N LEU B 209 -1.30 7.20 24.17
CA LEU B 209 -1.51 8.55 23.65
C LEU B 209 -1.32 9.59 24.73
N SER B 210 -1.74 9.29 25.95
CA SER B 210 -1.70 10.24 27.06
C SER B 210 -0.45 10.10 27.90
N PHE B 211 0.08 8.89 28.05
CA PHE B 211 1.21 8.62 28.91
C PHE B 211 2.27 7.83 28.16
N THR B 212 3.48 7.86 28.69
CA THR B 212 4.56 7.02 28.20
C THR B 212 4.89 5.85 29.13
N GLY B 213 4.41 5.88 30.37
CA GLY B 213 4.66 4.78 31.28
C GLY B 213 3.71 3.63 31.02
N THR B 214 4.27 2.44 30.84
CA THR B 214 3.48 1.24 30.65
C THR B 214 4.34 0.02 30.91
N ASP B 215 3.68 -1.06 31.36
CA ASP B 215 4.27 -2.38 31.40
C ASP B 215 3.80 -3.24 30.25
N THR B 216 2.94 -2.71 29.38
CA THR B 216 2.37 -3.45 28.24
C THR B 216 3.30 -3.30 27.05
N ILE B 217 4.28 -4.20 26.96
CA ILE B 217 5.23 -4.17 25.83
C ILE B 217 4.53 -4.28 24.48
N PRO B 218 3.57 -5.20 24.27
CA PRO B 218 2.93 -5.28 22.94
C PRO B 218 2.24 -4.01 22.53
N ALA B 219 1.86 -3.12 23.45
CA ALA B 219 1.25 -1.86 23.05
C ALA B 219 2.27 -0.91 22.41
N ILE B 220 3.45 -0.80 23.03
CA ILE B 220 4.55 -0.05 22.42
C ILE B 220 4.84 -0.60 21.04
N LEU B 221 4.96 -1.92 20.94
CA LEU B 221 5.26 -2.51 19.64
C LEU B 221 4.10 -2.33 18.65
N TYR B 222 2.86 -2.25 19.15
CA TYR B 222 1.72 -1.96 18.30
C TYR B 222 1.85 -0.58 17.65
N HIS B 223 2.25 0.41 18.44
CA HIS B 223 2.47 1.73 17.85
C HIS B 223 3.61 1.69 16.84
N GLU B 224 4.61 0.85 17.08
CA GLU B 224 5.63 0.66 16.04
C GLU B 224 5.02 0.07 14.78
N GLU B 225 4.12 -0.90 14.92
CA GLU B 225 3.61 -1.63 13.76
C GLU B 225 2.67 -0.80 12.91
N PHE B 226 1.80 -0.01 13.53
CA PHE B 226 0.74 0.64 12.78
C PHE B 226 0.77 2.17 12.78
N TYR B 227 1.58 2.80 13.63
CA TYR B 227 1.54 4.25 13.74
C TYR B 227 2.93 4.89 13.56
N ASN B 228 3.84 4.18 12.88
CA ASN B 228 5.12 4.71 12.42
C ASN B 228 6.03 5.15 13.57
N ALA B 229 5.82 4.61 14.77
CA ALA B 229 6.72 4.91 15.87
C ALA B 229 7.97 4.05 15.78
N ASN B 230 9.06 4.55 16.38
CA ASN B 230 10.30 3.81 16.47
C ASN B 230 10.93 4.11 17.82
N ILE B 231 11.09 3.07 18.65
CA ILE B 231 11.62 3.26 19.99
C ILE B 231 13.08 3.68 19.98
N GLU B 232 13.78 3.53 18.85
CA GLU B 232 15.15 4.00 18.76
C GLU B 232 15.24 5.51 18.64
N ASN B 233 14.19 6.17 18.15
CA ASN B 233 14.23 7.60 17.85
C ASN B 233 13.28 8.44 18.68
N GLU B 234 12.29 7.85 19.35
CA GLU B 234 11.35 8.58 20.17
C GLU B 234 11.00 7.73 21.39
N LEU B 235 10.58 8.40 22.45
CA LEU B 235 10.10 7.70 23.65
C LEU B 235 8.65 7.29 23.41
N VAL B 236 8.45 6.05 22.95
CA VAL B 236 7.11 5.51 22.82
C VAL B 236 6.55 5.11 24.16
N GLY B 237 7.21 4.14 24.80
CA GLY B 237 6.84 3.72 26.14
C GLY B 237 8.09 3.30 26.88
N SER B 238 8.01 3.36 28.19
CA SER B 238 9.16 2.99 29.02
C SER B 238 8.67 2.50 30.37
N SER B 239 9.54 1.77 31.05
CA SER B 239 9.22 1.19 32.34
C SER B 239 10.52 1.07 33.14
N ILE B 240 10.42 0.47 34.32
CA ILE B 240 11.56 0.34 35.23
C ILE B 240 11.56 -1.06 35.81
N PRO B 241 12.72 -1.53 36.28
CA PRO B 241 12.75 -2.83 36.98
C PRO B 241 11.89 -2.76 38.22
N ALA B 242 11.18 -3.86 38.50
CA ALA B 242 10.22 -3.88 39.59
C ALA B 242 10.05 -5.30 40.08
N THR B 243 9.94 -5.45 41.40
CA THR B 243 9.74 -6.75 42.00
C THR B 243 8.25 -7.08 42.09
N GLU B 244 7.97 -8.34 42.39
CA GLU B 244 6.62 -8.85 42.55
C GLU B 244 6.58 -9.70 43.80
N HIS B 245 5.35 -9.96 44.28
CA HIS B 245 5.19 -10.61 45.58
C HIS B 245 5.90 -11.95 45.66
N SER B 246 5.87 -12.72 44.57
CA SER B 246 6.51 -14.04 44.61
C SER B 246 8.03 -13.92 44.72
N VAL B 247 8.62 -12.92 44.07
CA VAL B 247 10.06 -12.69 44.21
C VAL B 247 10.40 -12.33 45.65
N MET B 248 9.64 -11.40 46.24
CA MET B 248 9.90 -10.98 47.61
C MET B 248 9.78 -12.15 48.57
N CYS B 249 8.75 -12.99 48.38
CA CYS B 249 8.58 -14.15 49.23
C CYS B 249 9.74 -15.14 49.06
N ALA B 250 10.14 -15.39 47.81
CA ALA B 250 11.25 -16.31 47.58
C ALA B 250 12.53 -15.82 48.24
N ASN B 251 12.73 -14.50 48.29
CA ASN B 251 13.95 -13.98 48.88
C ASN B 251 13.94 -13.98 50.41
N GLY B 252 12.80 -14.21 51.06
CA GLY B 252 12.79 -14.42 52.48
C GLY B 252 12.46 -13.18 53.31
N GLN B 253 12.37 -13.40 54.61
CA GLN B 253 11.85 -12.41 55.55
C GLN B 253 12.91 -11.49 56.13
N ASP B 254 14.19 -11.71 55.87
CA ASP B 254 15.22 -10.75 56.26
C ASP B 254 15.17 -9.61 55.24
N GLU B 255 14.16 -8.75 55.42
CA GLU B 255 13.83 -7.78 54.39
C GLU B 255 14.88 -6.68 54.26
N TYR B 256 15.61 -6.38 55.33
CA TYR B 256 16.71 -5.43 55.20
C TYR B 256 17.76 -5.94 54.23
N VAL B 257 18.17 -7.20 54.38
CA VAL B 257 19.18 -7.79 53.50
C VAL B 257 18.68 -7.82 52.06
N VAL B 258 17.42 -8.23 51.87
CA VAL B 258 16.88 -8.34 50.52
C VAL B 258 16.79 -6.97 49.84
N PHE B 259 16.26 -5.98 50.57
CA PHE B 259 16.16 -4.63 50.00
C PHE B 259 17.54 -4.05 49.71
N LYS B 260 18.49 -4.25 50.62
CA LYS B 260 19.84 -3.74 50.43
C LYS B 260 20.49 -4.38 49.21
N LYS B 261 20.31 -5.69 49.03
CA LYS B 261 20.85 -6.35 47.84
C LYS B 261 20.19 -5.83 46.57
N LEU B 262 18.88 -5.59 46.62
CA LEU B 262 18.19 -5.09 45.44
C LEU B 262 18.69 -3.70 45.05
N ILE B 263 18.93 -2.83 46.02
CA ILE B 263 19.24 -1.44 45.69
C ILE B 263 20.73 -1.12 45.61
N THR B 264 21.62 -1.96 46.17
CA THR B 264 23.04 -1.69 46.12
C THR B 264 23.82 -2.63 45.21
N GLU B 265 23.28 -3.80 44.89
CA GLU B 265 23.98 -4.77 44.05
C GLU B 265 23.24 -5.08 42.77
N THR B 266 21.96 -5.46 42.86
CA THR B 266 21.23 -5.84 41.65
C THR B 266 20.91 -4.62 40.78
N TYR B 267 20.46 -3.54 41.39
CA TYR B 267 20.20 -2.28 40.70
C TYR B 267 20.88 -1.17 41.48
N PRO B 268 22.21 -1.06 41.37
CA PRO B 268 22.92 0.01 42.12
C PRO B 268 22.60 1.40 41.62
N GLU B 269 22.07 1.55 40.41
CA GLU B 269 21.73 2.84 39.84
C GLU B 269 20.39 2.73 39.12
N GLY B 270 19.87 3.87 38.69
CA GLY B 270 18.61 3.89 37.98
C GLY B 270 17.40 3.76 38.89
N PHE B 271 16.26 3.48 38.26
CA PHE B 271 15.01 3.28 38.96
C PHE B 271 14.85 1.82 39.36
N VAL B 272 14.21 1.59 40.50
CA VAL B 272 13.78 0.24 40.85
C VAL B 272 12.57 0.31 41.76
N SER B 273 11.52 -0.43 41.42
CA SER B 273 10.30 -0.49 42.21
C SER B 273 10.28 -1.76 43.04
N ILE B 274 10.02 -1.63 44.33
CA ILE B 274 10.02 -2.75 45.25
C ILE B 274 8.65 -2.81 45.92
N VAL B 275 7.91 -3.89 45.67
CA VAL B 275 6.65 -4.10 46.39
C VAL B 275 6.98 -4.51 47.83
N SER B 276 6.34 -3.83 48.79
CA SER B 276 6.80 -3.85 50.17
C SER B 276 5.75 -4.35 51.16
N ASP B 277 4.65 -4.94 50.70
CA ASP B 277 3.57 -5.34 51.59
C ASP B 277 3.46 -6.86 51.72
N THR B 278 4.50 -7.61 51.35
CA THR B 278 4.41 -9.06 51.35
C THR B 278 4.11 -9.60 52.74
N TRP B 279 4.73 -9.03 53.78
CA TRP B 279 4.41 -9.39 55.14
C TRP B 279 3.90 -8.21 55.97
N ASP B 280 4.65 -7.11 56.03
CA ASP B 280 4.29 -6.00 56.90
C ASP B 280 4.79 -4.71 56.25
N PHE B 281 3.89 -4.02 55.54
CA PHE B 281 4.28 -2.83 54.78
C PHE B 281 4.86 -1.76 55.70
N TRP B 282 4.13 -1.40 56.75
CA TRP B 282 4.58 -0.32 57.62
C TRP B 282 5.84 -0.70 58.39
N ASN B 283 6.04 -1.98 58.69
CA ASN B 283 7.32 -2.40 59.26
C ASN B 283 8.45 -2.22 58.27
N VAL B 284 8.20 -2.49 56.98
CA VAL B 284 9.22 -2.27 55.96
C VAL B 284 9.56 -0.79 55.86
N ILE B 285 8.55 0.07 55.91
CA ILE B 285 8.79 1.52 55.87
C ILE B 285 9.58 1.95 57.10
N ASP B 286 9.17 1.48 58.28
CA ASP B 286 9.71 1.98 59.54
C ASP B 286 11.11 1.45 59.83
N THR B 287 11.38 0.19 59.51
CA THR B 287 12.60 -0.47 59.93
C THR B 287 13.55 -0.85 58.81
N VAL B 288 13.06 -0.90 57.57
CA VAL B 288 13.89 -1.24 56.41
C VAL B 288 14.23 -0.02 55.57
N VAL B 289 13.20 0.68 55.08
CA VAL B 289 13.43 1.87 54.25
C VAL B 289 14.17 2.95 55.05
N ARG B 290 13.76 3.16 56.31
CA ARG B 290 14.43 4.16 57.14
C ARG B 290 15.90 3.80 57.34
N LYS B 291 16.18 2.53 57.67
CA LYS B 291 17.56 2.13 57.92
C LYS B 291 18.42 2.20 56.66
N LEU B 292 17.80 2.06 55.49
CA LEU B 292 18.52 2.14 54.22
C LEU B 292 18.58 3.55 53.67
N LYS B 293 18.24 4.56 54.48
CA LYS B 293 18.15 5.93 53.99
C LYS B 293 19.46 6.40 53.37
N GLY B 294 20.59 6.12 54.02
CA GLY B 294 21.87 6.51 53.47
C GLY B 294 22.15 5.83 52.13
N ASP B 295 21.94 4.53 52.07
CA ASP B 295 22.17 3.78 50.83
C ASP B 295 21.22 4.26 49.72
N ILE B 296 19.96 4.54 50.07
CA ILE B 296 19.02 5.05 49.08
C ILE B 296 19.47 6.42 48.56
N LEU B 297 19.91 7.30 49.47
CA LEU B 297 20.36 8.62 49.05
C LEU B 297 21.67 8.57 48.26
N LYS B 298 22.48 7.53 48.44
CA LYS B 298 23.76 7.42 47.76
C LYS B 298 23.64 6.90 46.33
N ARG B 299 22.50 6.34 45.95
CA ARG B 299 22.32 5.80 44.61
C ARG B 299 22.11 6.92 43.60
N ASP B 300 22.67 6.73 42.40
CA ASP B 300 22.34 7.59 41.27
C ASP B 300 21.08 7.03 40.61
N GLY B 301 19.95 7.35 41.22
CA GLY B 301 18.68 6.82 40.73
C GLY B 301 17.58 7.02 41.76
N LYS B 302 16.55 6.19 41.64
CA LYS B 302 15.36 6.31 42.48
C LYS B 302 14.89 4.94 42.93
N VAL B 303 14.56 4.83 44.22
CA VAL B 303 13.92 3.65 44.78
C VAL B 303 12.45 3.98 44.95
N VAL B 304 11.61 3.22 44.27
CA VAL B 304 10.16 3.42 44.28
C VAL B 304 9.56 2.38 45.21
N ILE B 305 8.78 2.85 46.19
CA ILE B 305 8.10 1.97 47.13
C ILE B 305 6.73 1.64 46.57
N ARG B 306 6.39 0.37 46.49
CA ARG B 306 5.09 -0.05 45.98
C ARG B 306 4.28 -0.79 47.03
N PRO B 307 3.31 -0.15 47.66
CA PRO B 307 2.30 -0.89 48.41
C PRO B 307 1.29 -1.51 47.46
N ASP B 308 0.69 -2.62 47.91
CA ASP B 308 -0.26 -3.31 47.05
C ASP B 308 -1.49 -3.79 47.82
N SER B 309 -1.74 -3.29 49.03
CA SER B 309 -2.91 -3.73 49.78
C SER B 309 -3.36 -2.62 50.72
N GLY B 310 -4.62 -2.71 51.12
CA GLY B 310 -5.26 -1.69 51.92
C GLY B 310 -6.13 -0.78 51.08
N ASP B 311 -6.51 0.34 51.68
CA ASP B 311 -7.18 1.41 50.96
C ASP B 311 -6.10 2.28 50.32
N PRO B 312 -6.03 2.33 48.98
CA PRO B 312 -4.96 3.13 48.36
C PRO B 312 -4.95 4.58 48.80
N VAL B 313 -6.12 5.20 48.94
CA VAL B 313 -6.20 6.58 49.39
C VAL B 313 -5.61 6.72 50.79
N LYS B 314 -5.98 5.81 51.70
CA LYS B 314 -5.52 5.91 53.07
C LYS B 314 -4.06 5.50 53.21
N ILE B 315 -3.60 4.56 52.39
CA ILE B 315 -2.19 4.18 52.44
C ILE B 315 -1.32 5.34 51.96
N ILE B 316 -1.76 6.04 50.91
CA ILE B 316 -0.92 7.06 50.31
C ILE B 316 -1.00 8.38 51.08
N CYS B 317 -2.22 8.81 51.42
CA CYS B 317 -2.44 10.10 52.06
C CYS B 317 -2.57 10.01 53.58
N GLY B 318 -2.77 8.83 54.14
CA GLY B 318 -2.89 8.70 55.57
C GLY B 318 -4.31 8.38 56.00
N ASP B 319 -4.43 7.65 57.11
CA ASP B 319 -5.72 7.33 57.71
C ASP B 319 -5.94 8.29 58.87
N PRO B 320 -6.85 9.25 58.76
CA PRO B 320 -6.99 10.26 59.83
C PRO B 320 -7.36 9.66 61.17
N GLU B 321 -8.11 8.56 61.20
CA GLU B 321 -8.58 7.97 62.44
C GLU B 321 -7.65 6.88 62.98
N ALA B 322 -6.60 6.53 62.25
CA ALA B 322 -5.62 5.59 62.75
C ALA B 322 -4.71 6.27 63.77
N LYS B 323 -4.28 5.51 64.78
CA LYS B 323 -3.52 6.07 65.88
C LYS B 323 -2.04 5.71 65.86
N ASP B 324 -1.63 4.69 65.11
CA ASP B 324 -0.22 4.55 64.79
C ASP B 324 0.20 5.72 63.91
N GLU B 325 1.34 6.35 64.26
CA GLU B 325 1.71 7.58 63.59
C GLU B 325 1.94 7.37 62.09
N LEU B 326 2.59 6.26 61.74
CA LEU B 326 2.89 6.00 60.32
C LEU B 326 1.63 5.77 59.51
N VAL B 327 0.66 5.03 60.07
CA VAL B 327 -0.57 4.78 59.34
C VAL B 327 -1.38 6.07 59.18
N ARG B 328 -1.43 6.89 60.22
CA ARG B 328 -2.17 8.14 60.14
C ARG B 328 -1.50 9.12 59.17
N LYS B 329 -0.16 9.15 59.15
CA LYS B 329 0.55 10.07 58.26
C LYS B 329 0.41 9.66 56.81
N GLY B 330 0.53 8.37 56.52
CA GLY B 330 0.50 7.89 55.16
C GLY B 330 1.90 7.79 54.56
N LEU B 331 1.98 7.06 53.45
CA LEU B 331 3.28 6.72 52.86
C LEU B 331 4.05 7.96 52.45
N ILE B 332 3.38 8.90 51.78
CA ILE B 332 4.08 10.08 51.24
C ILE B 332 4.65 10.93 52.38
N GLU B 333 3.86 11.17 53.42
CA GLU B 333 4.34 11.98 54.53
C GLU B 333 5.47 11.29 55.29
N VAL B 334 5.38 9.97 55.50
CA VAL B 334 6.44 9.25 56.19
C VAL B 334 7.73 9.28 55.37
N LEU B 335 7.61 9.09 54.05
CA LEU B 335 8.78 9.17 53.19
C LEU B 335 9.39 10.57 53.21
N TRP B 336 8.56 11.61 53.26
CA TRP B 336 9.09 12.95 53.43
C TRP B 336 9.81 13.10 54.77
N ASP B 337 9.21 12.56 55.84
CA ASP B 337 9.84 12.65 57.16
C ASP B 337 11.20 11.97 57.16
N ILE B 338 11.37 10.91 56.37
CA ILE B 338 12.65 10.21 56.33
C ILE B 338 13.64 10.93 55.42
N PHE B 339 13.21 11.27 54.21
CA PHE B 339 14.13 11.75 53.17
C PHE B 339 14.03 13.25 52.92
N GLY B 340 12.90 13.87 53.23
CA GLY B 340 12.76 15.27 52.87
C GLY B 340 12.64 15.44 51.37
N GLY B 341 12.95 16.64 50.91
CA GLY B 341 12.88 16.95 49.50
C GLY B 341 12.94 18.45 49.22
N ASN B 342 12.07 18.92 48.34
CA ASN B 342 12.05 20.31 47.94
C ASN B 342 10.65 20.88 48.09
N VAL B 343 10.57 22.21 48.08
CA VAL B 343 9.31 22.92 48.20
C VAL B 343 9.09 23.73 46.94
N THR B 344 7.92 23.58 46.34
CA THR B 344 7.61 24.31 45.12
C THR B 344 7.33 25.79 45.43
N ASP B 345 7.25 26.58 44.37
CA ASP B 345 6.95 28.00 44.51
C ASP B 345 5.56 28.25 45.07
N LYS B 346 4.67 27.26 44.99
CA LYS B 346 3.33 27.35 45.55
C LYS B 346 3.22 26.73 46.94
N GLY B 347 4.32 26.20 47.48
CA GLY B 347 4.34 25.71 48.84
C GLY B 347 4.07 24.23 49.02
N TYR B 348 4.13 23.43 47.97
CA TYR B 348 3.85 22.00 48.06
C TYR B 348 5.15 21.22 48.07
N LYS B 349 5.17 20.14 48.84
CA LYS B 349 6.36 19.34 49.05
C LYS B 349 6.52 18.31 47.94
N VAL B 350 7.73 18.19 47.41
CA VAL B 350 8.08 17.17 46.43
C VAL B 350 9.19 16.32 47.05
N LEU B 351 9.02 15.00 47.03
CA LEU B 351 9.98 14.11 47.68
C LEU B 351 11.35 14.25 47.04
N ASP B 352 12.37 14.02 47.86
CA ASP B 352 13.73 13.87 47.35
C ASP B 352 13.72 12.89 46.18
N PRO B 353 14.41 13.21 45.08
CA PRO B 353 14.33 12.35 43.88
C PRO B 353 14.93 10.97 44.05
N HIS B 354 15.56 10.66 45.19
CA HIS B 354 16.08 9.32 45.41
C HIS B 354 15.00 8.33 45.86
N ILE B 355 13.84 8.83 46.28
CA ILE B 355 12.74 8.00 46.76
C ILE B 355 11.49 8.37 45.98
N GLY B 356 10.54 7.43 45.93
CA GLY B 356 9.31 7.65 45.22
C GLY B 356 8.29 6.59 45.59
N ALA B 357 7.09 6.76 45.05
CA ALA B 357 5.98 5.85 45.35
C ALA B 357 5.19 5.55 44.09
N ILE B 358 4.60 4.36 44.05
CA ILE B 358 3.70 3.95 42.99
C ILE B 358 2.63 3.06 43.59
N TYR B 359 1.38 3.28 43.19
CA TYR B 359 0.28 2.44 43.62
C TYR B 359 -0.46 1.91 42.40
N GLY B 360 -0.42 0.60 42.21
CA GLY B 360 -1.00 -0.02 41.03
C GLY B 360 -2.00 -1.12 41.34
N ASP B 361 -2.80 -0.93 42.40
CA ASP B 361 -3.88 -1.84 42.73
C ASP B 361 -5.10 -1.02 43.12
N ALA B 362 -6.25 -1.37 42.53
CA ALA B 362 -7.54 -0.77 42.85
C ALA B 362 -7.58 0.74 42.58
N ILE B 363 -6.82 1.19 41.58
CA ILE B 363 -6.86 2.60 41.18
C ILE B 363 -8.06 2.84 40.27
N THR B 364 -8.76 3.94 40.50
CA THR B 364 -9.83 4.39 39.63
C THR B 364 -9.62 5.87 39.34
N ILE B 365 -10.34 6.37 38.33
CA ILE B 365 -10.29 7.79 38.02
C ILE B 365 -10.66 8.61 39.26
N SER B 366 -11.76 8.22 39.92
CA SER B 366 -12.20 8.90 41.12
C SER B 366 -11.16 8.80 42.23
N ARG B 367 -10.55 7.63 42.39
CA ARG B 367 -9.53 7.48 43.43
C ARG B 367 -8.27 8.25 43.09
N CYS B 368 -7.91 8.36 41.80
CA CYS B 368 -6.79 9.21 41.42
C CYS B 368 -7.06 10.67 41.80
N LYS B 369 -8.25 11.17 41.46
CA LYS B 369 -8.61 12.53 41.84
C LYS B 369 -8.59 12.72 43.35
N GLU B 370 -9.13 11.74 44.09
CA GLU B 370 -9.18 11.82 45.54
C GLU B 370 -7.77 11.84 46.14
N ILE B 371 -6.87 11.02 45.59
CA ILE B 371 -5.50 10.98 46.10
C ILE B 371 -4.80 12.31 45.87
N CYS B 372 -4.93 12.86 44.66
CA CYS B 372 -4.33 14.17 44.39
C CYS B 372 -4.92 15.23 45.33
N LYS B 373 -6.24 15.22 45.51
CA LYS B 373 -6.90 16.22 46.34
C LYS B 373 -6.43 16.13 47.79
N LYS B 374 -6.37 14.91 48.34
CA LYS B 374 -6.00 14.75 49.74
C LYS B 374 -4.52 14.99 49.97
N LEU B 375 -3.67 14.74 48.96
CA LEU B 375 -2.27 15.12 49.07
C LEU B 375 -2.12 16.63 49.09
N ALA B 376 -2.85 17.33 48.22
CA ALA B 376 -2.81 18.78 48.22
C ALA B 376 -3.35 19.36 49.52
N ALA B 377 -4.34 18.69 50.13
CA ALA B 377 -4.93 19.18 51.37
C ALA B 377 -3.93 19.20 52.52
N LYS B 378 -2.86 18.40 52.45
CA LYS B 378 -1.82 18.41 53.48
C LYS B 378 -0.49 18.93 52.94
N GLY B 379 -0.50 19.60 51.79
CA GLY B 379 0.69 20.27 51.30
C GLY B 379 1.68 19.40 50.57
N PHE B 380 1.24 18.29 49.97
CA PHE B 380 2.11 17.46 49.15
C PHE B 380 1.68 17.55 47.69
N ALA B 381 2.67 17.65 46.81
CA ALA B 381 2.39 17.77 45.39
C ALA B 381 1.87 16.45 44.81
N SER B 382 1.11 16.57 43.72
CA SER B 382 0.51 15.39 43.11
C SER B 382 1.55 14.48 42.45
N VAL B 383 2.68 15.04 42.02
CA VAL B 383 3.67 14.31 41.25
C VAL B 383 4.40 13.28 42.12
N ASN B 384 4.12 13.29 43.42
CA ASN B 384 4.80 12.39 44.33
C ASN B 384 4.34 10.94 44.21
N VAL B 385 3.27 10.66 43.46
CA VAL B 385 2.74 9.31 43.32
C VAL B 385 2.59 9.00 41.84
N VAL B 386 3.03 7.81 41.45
CA VAL B 386 2.74 7.24 40.14
C VAL B 386 1.56 6.30 40.31
N PHE B 387 0.59 6.37 39.40
CA PHE B 387 -0.62 5.57 39.47
C PHE B 387 -0.53 4.42 38.48
N GLY B 388 -0.67 3.19 38.99
CA GLY B 388 -0.75 2.02 38.15
C GLY B 388 -2.18 1.75 37.75
N ILE B 389 -2.49 1.91 36.47
CA ILE B 389 -3.85 1.78 35.95
C ILE B 389 -4.03 0.36 35.45
N GLY B 390 -5.07 -0.31 35.95
CA GLY B 390 -5.26 -1.72 35.74
C GLY B 390 -6.46 -2.06 34.87
N SER B 391 -6.76 -3.37 34.81
CA SER B 391 -7.77 -3.88 33.91
C SER B 391 -9.18 -3.47 34.31
N PHE B 392 -9.39 -3.00 35.55
CA PHE B 392 -10.70 -2.47 35.89
C PHE B 392 -11.02 -1.27 35.03
N THR B 393 -10.04 -0.41 34.79
CA THR B 393 -10.26 0.74 33.92
C THR B 393 -10.36 0.33 32.45
N TYR B 394 -9.44 -0.51 31.98
CA TYR B 394 -9.28 -0.71 30.54
C TYR B 394 -10.06 -1.90 30.00
N GLN B 395 -10.34 -2.92 30.82
CA GLN B 395 -11.09 -4.08 30.33
C GLN B 395 -12.59 -3.97 30.60
N TYR B 396 -12.98 -3.47 31.77
CA TYR B 396 -14.37 -3.51 32.22
C TYR B 396 -15.17 -2.36 31.59
N ASN B 397 -15.35 -2.46 30.27
CA ASN B 397 -16.21 -1.55 29.51
C ASN B 397 -17.03 -2.38 28.54
N THR B 398 -17.90 -1.69 27.80
CA THR B 398 -18.55 -2.26 26.63
C THR B 398 -18.43 -1.28 25.48
N ARG B 399 -18.88 -1.72 24.30
CA ARG B 399 -19.11 -0.80 23.19
C ARG B 399 -20.11 0.29 23.57
N ASP B 400 -20.97 0.01 24.55
CA ASP B 400 -22.01 0.92 25.01
C ASP B 400 -21.52 1.92 26.03
N THR B 401 -20.31 1.76 26.57
CA THR B 401 -19.80 2.71 27.54
C THR B 401 -19.75 4.12 26.96
N PHE B 402 -19.46 4.22 25.66
CA PHE B 402 -19.62 5.48 24.94
C PHE B 402 -20.63 5.36 23.80
N GLY B 403 -21.55 4.39 23.90
CA GLY B 403 -22.67 4.33 22.98
C GLY B 403 -22.29 4.17 21.53
N PHE B 404 -21.18 3.51 21.24
CA PHE B 404 -20.73 3.35 19.87
C PHE B 404 -21.70 2.48 19.09
N ALA B 405 -22.07 2.94 17.89
CA ALA B 405 -22.81 2.11 16.96
C ALA B 405 -22.47 2.55 15.55
N MET B 406 -22.44 1.58 14.64
CA MET B 406 -22.29 1.85 13.23
C MET B 406 -23.64 1.62 12.55
N LYS B 407 -24.14 2.68 11.91
CA LYS B 407 -25.48 2.67 11.37
C LYS B 407 -25.46 3.17 9.93
N ALA B 408 -26.16 2.44 9.07
CA ALA B 408 -26.34 2.89 7.69
C ALA B 408 -27.30 4.07 7.68
N THR B 409 -26.84 5.22 7.22
CA THR B 409 -27.66 6.41 7.18
C THR B 409 -28.06 6.80 5.76
N TYR B 410 -27.42 6.26 4.73
CA TYR B 410 -27.71 6.76 3.39
C TYR B 410 -27.63 5.61 2.39
N THR B 411 -28.58 5.57 1.45
CA THR B 411 -28.49 4.60 0.36
C THR B 411 -28.86 5.29 -0.94
N VAL B 412 -28.36 4.73 -2.03
CA VAL B 412 -28.77 5.12 -3.37
C VAL B 412 -29.31 3.87 -4.05
N VAL B 413 -30.56 3.95 -4.51
CA VAL B 413 -31.29 2.83 -5.09
C VAL B 413 -31.81 3.27 -6.46
N ASN B 414 -31.27 2.65 -7.51
CA ASN B 414 -31.63 2.98 -8.90
C ASN B 414 -31.47 4.48 -9.17
N GLY B 415 -30.45 5.07 -8.55
CA GLY B 415 -30.16 6.48 -8.71
C GLY B 415 -30.89 7.39 -7.75
N GLU B 416 -31.86 6.88 -6.99
CA GLU B 416 -32.62 7.70 -6.06
C GLU B 416 -31.91 7.73 -4.72
N GLU B 417 -31.62 8.95 -4.24
CA GLU B 417 -31.03 9.14 -2.94
C GLU B 417 -32.08 8.90 -1.86
N ARG B 418 -31.72 8.16 -0.81
CA ARG B 418 -32.67 7.74 0.21
C ARG B 418 -32.00 7.77 1.58
N GLN B 419 -32.80 8.06 2.60
CA GLN B 419 -32.38 8.08 3.99
C GLN B 419 -32.80 6.80 4.68
N ILE B 420 -32.00 6.36 5.64
CA ILE B 420 -32.23 5.13 6.39
C ILE B 420 -32.23 5.46 7.87
N PHE B 421 -33.26 5.00 8.58
CA PHE B 421 -33.34 5.17 10.02
C PHE B 421 -34.51 4.36 10.54
N LYS B 422 -34.31 3.73 11.70
CA LYS B 422 -35.41 3.09 12.40
C LYS B 422 -36.04 4.06 13.38
N ASN B 423 -37.27 3.72 13.79
CA ASN B 423 -38.03 4.53 14.74
C ASN B 423 -39.07 3.66 15.42
N PRO B 424 -38.67 2.75 16.31
CA PRO B 424 -39.63 1.80 16.88
C PRO B 424 -40.60 2.47 17.83
N LYS B 425 -41.88 2.07 17.71
CA LYS B 425 -42.90 2.54 18.64
C LYS B 425 -42.74 1.90 20.01
N THR B 426 -42.19 0.69 20.07
CA THR B 426 -41.88 0.04 21.33
C THR B 426 -40.62 0.61 21.99
N ASP B 427 -40.18 1.78 21.52
CA ASP B 427 -38.96 2.48 21.97
C ASP B 427 -37.73 1.92 21.28
N SER B 433 -31.94 10.72 15.52
CA SER B 433 -31.19 9.73 14.75
C SER B 433 -30.59 10.38 13.51
N GLN B 434 -29.45 9.86 13.06
CA GLN B 434 -28.79 10.39 11.88
C GLN B 434 -29.53 9.97 10.61
N LYS B 435 -29.60 10.90 9.65
CA LYS B 435 -30.27 10.67 8.38
C LYS B 435 -29.46 11.26 7.25
N GLY B 436 -29.31 10.50 6.16
CA GLY B 436 -28.58 10.97 4.99
C GLY B 436 -27.08 11.03 5.22
N LEU B 437 -26.40 11.65 4.27
CA LEU B 437 -24.97 11.91 4.42
C LEU B 437 -24.75 12.89 5.56
N VAL B 438 -23.61 12.75 6.23
CA VAL B 438 -23.31 13.54 7.42
C VAL B 438 -22.00 14.27 7.22
N ALA B 439 -21.81 15.32 8.01
CA ALA B 439 -20.59 16.12 8.02
C ALA B 439 -20.39 16.65 9.44
N VAL B 440 -19.14 16.93 9.79
CA VAL B 440 -18.80 17.47 11.10
C VAL B 440 -18.06 18.79 10.88
N VAL B 441 -18.64 19.88 11.37
CA VAL B 441 -18.12 21.21 11.10
C VAL B 441 -17.68 21.86 12.40
N ASN B 442 -16.65 22.69 12.31
CA ASN B 442 -16.22 23.51 13.42
C ASN B 442 -17.11 24.74 13.51
N ASN B 443 -17.91 24.83 14.58
CA ASN B 443 -18.82 25.96 14.77
C ASN B 443 -18.37 26.73 16.01
N GLY B 444 -17.49 27.70 15.81
CA GLY B 444 -16.99 28.47 16.93
C GLY B 444 -16.01 27.64 17.76
N ASN B 445 -16.46 27.18 18.93
CA ASN B 445 -15.59 26.43 19.82
C ASN B 445 -15.71 24.92 19.64
N GLU B 446 -16.89 24.41 19.31
CA GLU B 446 -17.13 22.97 19.31
C GLU B 446 -17.38 22.45 17.90
N LEU B 447 -17.31 21.13 17.76
CA LEU B 447 -17.68 20.45 16.53
C LEU B 447 -19.16 20.05 16.56
N SER B 448 -19.81 20.12 15.41
CA SER B 448 -21.22 19.83 15.31
C SER B 448 -21.50 18.91 14.12
N LEU B 449 -22.57 18.13 14.26
CA LEU B 449 -23.05 17.25 13.21
C LEU B 449 -24.05 18.00 12.33
N VAL B 450 -23.88 17.88 11.02
CA VAL B 450 -24.89 18.25 10.03
C VAL B 450 -25.30 16.98 9.32
N ASP B 451 -26.59 16.67 9.33
CA ASP B 451 -27.07 15.52 8.58
C ASP B 451 -28.20 15.94 7.66
N GLU B 452 -28.92 14.97 7.10
CA GLU B 452 -29.97 15.23 6.12
C GLU B 452 -29.38 15.86 4.86
N LEU B 453 -28.19 15.42 4.50
CA LEU B 453 -27.44 16.00 3.38
C LEU B 453 -27.49 15.05 2.19
N ASP B 454 -27.98 15.55 1.06
CA ASP B 454 -27.82 14.79 -0.17
C ASP B 454 -26.40 14.98 -0.71
N ARG B 455 -26.08 14.29 -1.80
CA ARG B 455 -24.72 14.34 -2.34
C ARG B 455 -24.34 15.77 -2.71
N ASN B 456 -25.27 16.52 -3.30
CA ASN B 456 -24.99 17.90 -3.66
C ASN B 456 -24.68 18.74 -2.43
N ALA B 457 -25.52 18.66 -1.40
CA ALA B 457 -25.30 19.44 -0.19
C ALA B 457 -24.05 18.98 0.55
N TYR B 458 -23.76 17.69 0.50
CA TYR B 458 -22.54 17.16 1.13
C TYR B 458 -21.29 17.70 0.45
N LYS B 459 -21.29 17.75 -0.89
CA LYS B 459 -20.17 18.36 -1.61
C LYS B 459 -20.09 19.86 -1.32
N GLN B 460 -21.25 20.52 -1.22
CA GLN B 460 -21.28 21.93 -0.88
C GLN B 460 -20.56 22.21 0.44
N LEU B 461 -20.61 21.26 1.38
CA LEU B 461 -20.04 21.41 2.70
C LEU B 461 -18.65 20.81 2.83
N SER B 462 -18.09 20.28 1.74
CA SER B 462 -16.84 19.53 1.82
C SER B 462 -15.70 20.34 2.43
N ASN B 463 -15.72 21.66 2.24
CA ASN B 463 -14.62 22.50 2.73
C ASN B 463 -14.66 22.70 4.24
N ASP B 464 -15.80 22.43 4.88
CA ASP B 464 -15.92 22.59 6.32
C ASP B 464 -15.96 21.25 7.06
N ASP B 465 -16.15 20.14 6.34
CA ASP B 465 -16.15 18.83 6.97
C ASP B 465 -14.74 18.50 7.46
N ILE B 466 -14.63 18.09 8.73
CA ILE B 466 -13.32 17.74 9.29
C ILE B 466 -13.02 16.25 9.18
N LEU B 467 -13.94 15.47 8.62
CA LEU B 467 -13.61 14.12 8.20
C LEU B 467 -12.80 14.17 6.92
N GLU B 468 -11.73 13.38 6.87
CA GLU B 468 -10.80 13.40 5.76
C GLU B 468 -10.75 12.03 5.11
N ASP B 469 -10.38 12.00 3.83
CA ASP B 469 -10.20 10.74 3.14
C ASP B 469 -9.08 9.94 3.82
N VAL B 470 -9.41 8.76 4.32
CA VAL B 470 -8.44 7.89 4.95
C VAL B 470 -8.12 6.67 4.09
N PHE B 471 -9.14 6.05 3.49
CA PHE B 471 -8.87 4.82 2.73
C PHE B 471 -9.82 4.73 1.55
N ILE B 472 -9.28 4.66 0.34
CA ILE B 472 -10.10 4.59 -0.87
C ILE B 472 -9.53 3.53 -1.80
N ASN B 473 -10.33 2.51 -2.11
CA ASN B 473 -10.03 1.53 -3.16
C ASN B 473 -8.67 0.88 -2.95
N GLY B 474 -8.34 0.55 -1.70
CA GLY B 474 -7.10 -0.13 -1.38
C GLY B 474 -5.94 0.76 -1.01
N GLN B 475 -6.03 2.06 -1.25
CA GLN B 475 -4.93 2.99 -1.00
C GLN B 475 -5.17 3.72 0.31
N LEU B 476 -4.20 3.65 1.22
CA LEU B 476 -4.25 4.45 2.43
C LEU B 476 -3.81 5.87 2.11
N LEU B 477 -4.70 6.84 2.37
CA LEU B 477 -4.44 8.22 2.00
C LEU B 477 -4.02 9.11 3.16
N ARG B 478 -4.18 8.64 4.40
CA ARG B 478 -3.71 9.40 5.57
C ARG B 478 -3.02 8.44 6.53
N ASN B 479 -1.78 8.75 6.88
CA ASN B 479 -0.92 7.87 7.67
C ASN B 479 -0.36 8.67 8.84
N GLN B 480 -1.12 8.72 9.94
CA GLN B 480 -0.74 9.51 11.10
C GLN B 480 0.34 8.80 11.91
N THR B 481 1.24 9.60 12.47
CA THR B 481 2.25 9.08 13.38
C THR B 481 1.77 9.22 14.83
N LEU B 482 2.38 8.43 15.71
CA LEU B 482 2.05 8.51 17.13
C LEU B 482 2.39 9.89 17.69
N SER B 483 3.52 10.47 17.25
CA SER B 483 3.90 11.80 17.71
C SER B 483 2.85 12.83 17.31
N GLU B 484 2.36 12.76 16.07
CA GLU B 484 1.33 13.70 15.62
C GLU B 484 0.05 13.56 16.45
N ILE B 485 -0.35 12.32 16.74
CA ILE B 485 -1.57 12.10 17.51
C ILE B 485 -1.41 12.62 18.92
N ARG B 486 -0.26 12.36 19.54
CA ARG B 486 -0.01 12.88 20.89
C ARG B 486 0.00 14.41 20.87
N GLU B 487 0.56 15.01 19.82
CA GLU B 487 0.53 16.46 19.68
C GLU B 487 -0.89 16.98 19.60
N LEU B 488 -1.73 16.32 18.79
CA LEU B 488 -3.11 16.77 18.63
C LEU B 488 -3.89 16.62 19.94
N LEU B 489 -3.62 15.55 20.68
CA LEU B 489 -4.35 15.32 21.94
C LEU B 489 -3.96 16.34 22.99
N LEU B 490 -2.66 16.55 23.19
CA LEU B 490 -2.15 17.38 24.29
C LEU B 490 -1.71 18.77 23.86
N ASP B 491 -1.77 19.07 22.56
CA ASP B 491 -1.36 20.38 22.04
C ASP B 491 0.06 20.77 22.48
N LYS C 3 6.45 21.90 -3.76
CA LYS C 3 6.86 21.25 -5.00
C LYS C 3 6.17 21.91 -6.20
N TYR C 4 6.76 21.76 -7.37
CA TYR C 4 6.21 22.30 -8.60
C TYR C 4 5.23 21.31 -9.19
N THR C 5 3.98 21.74 -9.37
CA THR C 5 2.92 20.90 -9.89
C THR C 5 2.68 21.19 -11.37
N TYR C 6 2.73 20.15 -12.18
CA TYR C 6 2.28 20.27 -13.56
C TYR C 6 0.77 20.08 -13.56
N PRO C 7 0.01 21.11 -13.88
CA PRO C 7 -1.45 21.01 -13.78
C PRO C 7 -1.98 19.86 -14.64
N ALA C 8 -2.86 19.06 -14.05
CA ALA C 8 -3.43 17.93 -14.76
C ALA C 8 -4.24 18.36 -15.97
N THR C 9 -4.67 19.62 -16.00
CA THR C 9 -5.47 20.18 -17.08
C THR C 9 -4.64 20.68 -18.25
N LEU C 10 -3.31 20.64 -18.15
CA LEU C 10 -2.45 21.19 -19.19
C LEU C 10 -1.42 20.17 -19.68
N LEU C 11 -1.71 18.89 -19.55
CA LEU C 11 -0.83 17.84 -20.07
C LEU C 11 -1.31 17.46 -21.48
N CYS C 12 -1.07 18.38 -22.42
CA CYS C 12 -1.63 18.24 -23.76
C CYS C 12 -0.87 19.13 -24.72
N ASP C 13 -1.14 18.93 -26.01
CA ASP C 13 -0.80 19.92 -27.01
C ASP C 13 -1.55 21.21 -26.72
N PHE C 14 -0.93 22.33 -27.07
CA PHE C 14 -1.53 23.59 -26.68
C PHE C 14 -2.90 23.79 -27.33
N TYR C 15 -3.03 23.46 -28.61
CA TYR C 15 -4.27 23.72 -29.31
C TYR C 15 -5.44 22.87 -28.82
N LYS C 16 -5.17 21.81 -28.04
CA LYS C 16 -6.26 21.10 -27.37
C LYS C 16 -7.03 22.02 -26.44
N VAL C 17 -6.37 23.05 -25.90
CA VAL C 17 -7.05 24.01 -25.05
C VAL C 17 -8.05 24.84 -25.84
N SER C 18 -7.73 25.15 -27.10
CA SER C 18 -8.58 26.02 -27.91
C SER C 18 -9.73 25.28 -28.59
N HIS C 19 -9.70 23.95 -28.65
CA HIS C 19 -10.68 23.22 -29.45
C HIS C 19 -12.10 23.35 -28.90
N LYS C 20 -12.24 23.59 -27.60
CA LYS C 20 -13.56 23.59 -26.98
C LYS C 20 -14.48 24.63 -27.60
N GLU C 21 -13.97 25.85 -27.81
CA GLU C 21 -14.79 26.89 -28.42
C GLU C 21 -15.07 26.62 -29.89
N GLN C 22 -14.32 25.73 -30.52
CA GLN C 22 -14.42 25.53 -31.96
C GLN C 22 -15.45 24.49 -32.38
N TYR C 23 -15.87 23.62 -31.47
CA TYR C 23 -16.85 22.60 -31.82
C TYR C 23 -18.19 23.26 -32.13
N PRO C 24 -19.02 22.63 -32.96
CA PRO C 24 -20.35 23.19 -33.23
C PRO C 24 -21.18 23.28 -31.95
N GLU C 25 -22.00 24.32 -31.89
CA GLU C 25 -22.90 24.51 -30.78
C GLU C 25 -23.82 23.30 -30.63
N GLY C 26 -23.96 22.81 -29.41
CA GLY C 26 -24.77 21.65 -29.12
C GLY C 26 -24.02 20.34 -29.07
N THR C 27 -22.70 20.34 -29.27
CA THR C 27 -21.91 19.12 -29.19
C THR C 27 -22.05 18.49 -27.81
N GLU C 28 -22.50 17.23 -27.77
CA GLU C 28 -22.72 16.53 -26.52
C GLU C 28 -21.82 15.31 -26.31
N LEU C 29 -21.39 14.64 -27.37
CA LEU C 29 -20.56 13.46 -27.17
C LEU C 29 -19.44 13.40 -28.21
N ILE C 30 -18.24 13.06 -27.77
CA ILE C 30 -17.10 12.79 -28.66
C ILE C 30 -16.50 11.45 -28.27
N TYR C 31 -16.32 10.58 -29.27
CA TYR C 31 -15.90 9.20 -29.10
C TYR C 31 -14.71 8.94 -30.01
N SER C 32 -13.61 8.47 -29.41
CA SER C 32 -12.33 8.30 -30.10
C SER C 32 -11.79 6.89 -29.86
N THR C 33 -11.01 6.41 -30.81
CA THR C 33 -10.43 5.08 -30.83
C THR C 33 -8.91 5.17 -30.92
N TRP C 34 -8.26 4.09 -30.46
CA TRP C 34 -6.80 3.96 -30.45
C TRP C 34 -6.45 2.78 -31.34
N THR C 35 -5.84 3.05 -32.50
CA THR C 35 -5.65 1.99 -33.48
C THR C 35 -4.19 1.92 -33.93
N PRO C 36 -3.60 0.71 -33.99
CA PRO C 36 -2.36 0.53 -34.74
C PRO C 36 -2.66 0.36 -36.22
N ARG C 37 -2.41 1.42 -37.00
CA ARG C 37 -2.97 1.48 -38.35
C ARG C 37 -2.11 0.80 -39.40
N THR C 38 -0.84 0.54 -39.11
CA THR C 38 0.06 -0.07 -40.07
C THR C 38 1.24 -0.67 -39.32
N SER C 39 2.00 -1.51 -40.00
CA SER C 39 3.19 -2.11 -39.41
C SER C 39 4.41 -1.76 -40.25
N ARG C 40 5.50 -1.38 -39.60
CA ARG C 40 6.76 -1.08 -40.26
C ARG C 40 7.87 -2.05 -39.87
N VAL C 41 7.52 -3.17 -39.23
CA VAL C 41 8.47 -4.21 -38.88
C VAL C 41 8.10 -5.46 -39.67
N GLU C 42 9.09 -6.06 -40.32
CA GLU C 42 8.85 -7.22 -41.16
C GLU C 42 8.29 -8.37 -40.34
N ASP C 43 7.31 -9.07 -40.93
CA ASP C 43 6.69 -10.28 -40.38
C ASP C 43 5.87 -10.02 -39.11
N ILE C 44 5.58 -8.77 -38.79
CA ILE C 44 4.73 -8.43 -37.65
C ILE C 44 3.45 -7.81 -38.21
N ASP C 45 2.34 -8.54 -38.08
CA ASP C 45 1.03 -8.05 -38.49
C ASP C 45 0.06 -7.94 -37.32
N ARG C 46 0.50 -8.26 -36.11
CA ARG C 46 -0.33 -8.14 -34.93
C ARG C 46 0.47 -7.49 -33.81
N VAL C 47 -0.23 -6.88 -32.87
CA VAL C 47 0.35 -6.09 -31.80
C VAL C 47 -0.15 -6.66 -30.48
N VAL C 48 0.73 -6.64 -29.48
CA VAL C 48 0.41 -7.13 -28.14
C VAL C 48 -0.14 -5.96 -27.33
N ALA C 49 -1.43 -6.02 -27.00
CA ALA C 49 -2.07 -4.93 -26.27
C ALA C 49 -1.49 -4.85 -24.87
N PHE C 50 -0.89 -3.71 -24.53
CA PHE C 50 -0.32 -3.54 -23.20
C PHE C 50 -0.16 -2.07 -22.87
N GLY C 51 -0.51 -1.72 -21.64
CA GLY C 51 -0.18 -0.40 -21.11
C GLY C 51 -1.34 0.41 -20.57
N PHE C 52 -2.56 0.11 -21.03
CA PHE C 52 -3.70 0.96 -20.72
C PHE C 52 -3.91 1.11 -19.23
N GLN C 53 -3.83 -0.01 -18.49
CA GLN C 53 -4.07 0.01 -17.06
C GLN C 53 -3.05 0.89 -16.34
N GLY C 54 -1.79 0.80 -16.75
CA GLY C 54 -0.77 1.65 -16.15
C GLY C 54 -1.06 3.13 -16.32
N PHE C 55 -1.45 3.53 -17.53
CA PHE C 55 -1.79 4.93 -17.76
C PHE C 55 -3.03 5.35 -16.98
N ILE C 56 -4.04 4.49 -16.93
CA ILE C 56 -5.28 4.85 -16.25
C ILE C 56 -5.02 5.05 -14.76
N LYS C 57 -4.36 4.07 -14.13
CA LYS C 57 -4.07 4.18 -12.70
C LYS C 57 -3.14 5.35 -12.41
N LYS C 58 -2.09 5.52 -13.22
CA LYS C 58 -1.07 6.50 -12.93
C LYS C 58 -1.58 7.92 -13.11
N TYR C 59 -2.27 8.19 -14.21
CA TYR C 59 -2.61 9.55 -14.61
C TYR C 59 -4.09 9.87 -14.47
N LEU C 60 -4.97 8.99 -14.94
CA LEU C 60 -6.39 9.27 -14.87
C LEU C 60 -6.92 9.20 -13.45
N ILE C 61 -6.35 8.32 -12.63
CA ILE C 61 -6.81 8.17 -11.25
C ILE C 61 -5.90 8.92 -10.30
N ASP C 62 -4.64 8.49 -10.20
CA ASP C 62 -3.76 9.02 -9.16
C ASP C 62 -3.40 10.47 -9.42
N TYR C 63 -2.95 10.80 -10.64
CA TYR C 63 -2.50 12.16 -10.91
C TYR C 63 -3.66 13.15 -10.81
N PHE C 64 -4.80 12.81 -11.42
CA PHE C 64 -5.94 13.73 -11.41
C PHE C 64 -6.54 13.87 -10.02
N ASN C 65 -6.49 12.82 -9.20
CA ASN C 65 -6.99 12.94 -7.83
C ASN C 65 -6.03 13.76 -6.97
N GLU C 66 -4.76 13.36 -6.94
CA GLU C 66 -3.78 14.00 -6.06
C GLU C 66 -3.56 15.46 -6.43
N ASN C 67 -3.47 15.77 -7.74
CA ASN C 67 -3.05 17.08 -8.17
C ASN C 67 -4.19 17.96 -8.68
N PHE C 68 -5.37 17.42 -8.92
CA PHE C 68 -6.49 18.25 -9.34
C PHE C 68 -7.68 18.17 -8.39
N PHE C 69 -8.22 16.98 -8.14
CA PHE C 69 -9.53 16.91 -7.48
C PHE C 69 -9.43 17.16 -5.98
N LYS C 70 -8.35 16.69 -5.33
CA LYS C 70 -8.20 16.85 -3.90
C LYS C 70 -7.64 18.21 -3.51
N ARG C 71 -7.25 19.05 -4.47
CA ARG C 71 -6.71 20.37 -4.21
C ARG C 71 -7.82 21.43 -4.24
N PRO C 72 -7.61 22.59 -3.62
CA PRO C 72 -8.63 23.64 -3.65
C PRO C 72 -8.93 24.08 -5.08
N LYS C 73 -10.21 24.36 -5.32
CA LYS C 73 -10.67 24.72 -6.66
C LYS C 73 -9.97 25.98 -7.18
N GLN C 74 -9.83 26.98 -6.30
CA GLN C 74 -9.19 28.23 -6.71
C GLN C 74 -7.77 27.99 -7.20
N ASP C 75 -7.05 27.05 -6.58
CA ASP C 75 -5.66 26.81 -6.94
C ASP C 75 -5.54 26.22 -8.35
N VAL C 76 -6.36 25.21 -8.67
CA VAL C 76 -6.28 24.61 -10.00
C VAL C 76 -6.75 25.63 -11.05
N VAL C 77 -7.78 26.40 -10.72
CA VAL C 77 -8.23 27.45 -11.64
C VAL C 77 -7.10 28.44 -11.91
N ASN C 78 -6.38 28.84 -10.86
CA ASN C 78 -5.34 29.86 -11.00
C ASN C 78 -4.13 29.32 -11.77
N GLU C 79 -3.73 28.08 -11.52
CA GLU C 79 -2.61 27.52 -12.27
C GLU C 79 -2.95 27.46 -13.76
N TYR C 80 -4.17 26.99 -14.09
CA TYR C 80 -4.58 26.92 -15.49
C TYR C 80 -4.61 28.31 -16.11
N LYS C 81 -5.23 29.27 -15.41
CA LYS C 81 -5.36 30.62 -15.93
C LYS C 81 -4.01 31.27 -16.15
N ARG C 82 -3.09 31.07 -15.20
CA ARG C 82 -1.77 31.68 -15.32
C ARG C 82 -1.05 31.17 -16.56
N VAL C 83 -1.06 29.85 -16.76
CA VAL C 83 -0.36 29.31 -17.94
C VAL C 83 -1.00 29.82 -19.23
N ILE C 84 -2.34 29.74 -19.32
CA ILE C 84 -3.00 30.17 -20.55
C ILE C 84 -2.77 31.66 -20.80
N LYS C 85 -2.87 32.48 -19.76
CA LYS C 85 -2.69 33.91 -19.89
C LYS C 85 -1.31 34.26 -20.42
N HIS C 86 -0.27 33.64 -19.87
CA HIS C 86 1.07 34.07 -20.22
C HIS C 86 1.68 33.29 -21.37
N THR C 87 0.95 32.32 -21.94
CA THR C 87 1.44 31.63 -23.13
C THR C 87 0.57 31.84 -24.37
N LEU C 88 -0.72 32.10 -24.22
CA LEU C 88 -1.60 32.42 -25.34
C LEU C 88 -1.91 33.90 -25.48
N GLN C 89 -1.32 34.74 -24.65
CA GLN C 89 -1.56 36.18 -24.69
C GLN C 89 -3.06 36.49 -24.58
N VAL C 90 -3.68 35.94 -23.55
CA VAL C 90 -5.07 36.21 -23.21
C VAL C 90 -5.08 36.92 -21.86
N ASP C 91 -5.83 38.02 -21.77
CA ASP C 91 -5.86 38.78 -20.52
C ASP C 91 -6.64 38.03 -19.44
N ASP C 92 -7.80 37.47 -19.79
CA ASP C 92 -8.64 36.74 -18.85
C ASP C 92 -9.09 35.43 -19.49
N PRO C 93 -8.29 34.37 -19.40
CA PRO C 93 -8.73 33.08 -19.94
C PRO C 93 -9.96 32.56 -19.20
N ASP C 94 -10.81 31.86 -19.95
CA ASP C 94 -11.99 31.24 -19.36
C ASP C 94 -11.60 29.90 -18.76
N ALA C 95 -11.94 29.71 -17.47
CA ALA C 95 -11.67 28.45 -16.79
C ALA C 95 -12.93 27.89 -16.14
N SER C 96 -14.10 28.32 -16.60
CA SER C 96 -15.35 27.85 -16.01
C SER C 96 -15.55 26.36 -16.24
N HIS C 97 -15.04 25.83 -17.35
CA HIS C 97 -15.12 24.38 -17.56
C HIS C 97 -14.20 23.63 -16.61
N ILE C 98 -13.02 24.18 -16.31
CA ILE C 98 -12.15 23.60 -15.30
C ILE C 98 -12.83 23.63 -13.94
N GLU C 99 -13.48 24.75 -13.61
CA GLU C 99 -14.25 24.86 -12.38
C GLU C 99 -15.33 23.80 -12.31
N SER C 100 -16.07 23.62 -13.40
CA SER C 100 -17.15 22.63 -13.42
C SER C 100 -16.60 21.22 -13.24
N LEU C 101 -15.48 20.91 -13.89
CA LEU C 101 -14.86 19.60 -13.72
C LEU C 101 -14.46 19.37 -12.27
N HIS C 102 -13.82 20.37 -11.66
CA HIS C 102 -13.41 20.23 -10.25
C HIS C 102 -14.62 20.04 -9.35
N GLU C 103 -15.71 20.76 -9.62
CA GLU C 103 -16.92 20.62 -8.82
C GLU C 103 -17.52 19.23 -8.99
N LEU C 104 -17.42 18.66 -10.20
CA LEU C 104 -17.93 17.31 -10.42
C LEU C 104 -17.25 16.30 -9.50
N GLY C 105 -15.94 16.42 -9.32
CA GLY C 105 -15.20 15.56 -8.43
C GLY C 105 -14.64 14.30 -9.05
N TYR C 106 -14.90 14.06 -10.33
CA TYR C 106 -14.40 12.87 -11.01
C TYR C 106 -14.36 13.15 -12.49
N LEU C 107 -13.58 12.34 -13.21
CA LEU C 107 -13.54 12.45 -14.66
C LEU C 107 -14.75 11.74 -15.26
N PRO C 108 -15.64 12.45 -15.95
CA PRO C 108 -16.81 11.80 -16.59
C PRO C 108 -16.43 11.14 -17.91
N ILE C 109 -15.77 9.99 -17.81
CA ILE C 109 -15.10 9.37 -18.94
C ILE C 109 -15.39 7.87 -18.94
N LYS C 110 -15.69 7.34 -20.12
CA LYS C 110 -15.80 5.90 -20.34
C LYS C 110 -14.64 5.47 -21.24
N ILE C 111 -13.82 4.56 -20.73
CA ILE C 111 -12.72 3.94 -21.47
C ILE C 111 -12.98 2.45 -21.51
N LYS C 112 -13.08 1.91 -22.72
CA LYS C 112 -13.18 0.48 -22.99
C LYS C 112 -11.91 0.03 -23.69
N ALA C 113 -11.50 -1.21 -23.44
CA ALA C 113 -10.28 -1.69 -24.08
C ALA C 113 -10.29 -3.21 -24.10
N VAL C 114 -9.58 -3.77 -25.09
CA VAL C 114 -9.37 -5.21 -25.12
C VAL C 114 -8.53 -5.62 -23.92
N LYS C 115 -8.64 -6.88 -23.54
CA LYS C 115 -7.79 -7.43 -22.49
C LYS C 115 -6.33 -7.26 -22.88
N GLU C 116 -5.53 -6.72 -21.96
CA GLU C 116 -4.12 -6.59 -22.23
C GLU C 116 -3.48 -7.98 -22.26
N GLY C 117 -2.59 -8.20 -23.23
CA GLY C 117 -2.11 -9.52 -23.59
C GLY C 117 -2.75 -10.08 -24.84
N THR C 118 -3.78 -9.43 -25.37
CA THR C 118 -4.44 -9.89 -26.57
C THR C 118 -3.65 -9.50 -27.81
N PHE C 119 -3.52 -10.43 -28.75
CA PHE C 119 -3.00 -10.11 -30.07
C PHE C 119 -4.11 -9.43 -30.87
N ILE C 120 -3.89 -8.19 -31.28
CA ILE C 120 -4.87 -7.60 -32.20
C ILE C 120 -4.19 -7.29 -33.52
N PRO C 121 -4.86 -7.54 -34.64
CA PRO C 121 -4.25 -7.27 -35.95
C PRO C 121 -4.15 -5.77 -36.23
N ILE C 122 -3.28 -5.47 -37.20
CA ILE C 122 -3.17 -4.11 -37.72
C ILE C 122 -4.52 -3.67 -38.28
N LYS C 123 -4.88 -2.41 -38.01
CA LYS C 123 -6.10 -1.71 -38.45
C LYS C 123 -7.33 -2.09 -37.62
N VAL C 124 -7.17 -2.78 -36.51
CA VAL C 124 -8.25 -3.09 -35.58
C VAL C 124 -8.08 -2.20 -34.36
N PRO C 125 -9.12 -1.50 -33.90
CA PRO C 125 -8.96 -0.69 -32.69
C PRO C 125 -8.85 -1.56 -31.45
N MET C 126 -8.11 -1.06 -30.45
CA MET C 126 -7.94 -1.77 -29.19
C MET C 126 -8.47 -1.01 -27.98
N LEU C 127 -8.76 0.28 -28.09
CA LEU C 127 -9.27 1.06 -26.98
C LEU C 127 -10.17 2.17 -27.52
N THR C 128 -11.19 2.53 -26.74
CA THR C 128 -12.04 3.68 -27.04
C THR C 128 -12.26 4.50 -25.77
N ILE C 129 -12.51 5.79 -25.99
CA ILE C 129 -12.74 6.74 -24.92
C ILE C 129 -13.83 7.72 -25.34
N GLU C 130 -14.71 8.03 -24.40
CA GLU C 130 -15.82 8.96 -24.64
C GLU C 130 -16.15 9.66 -23.33
N ASN C 131 -16.87 10.78 -23.43
CA ASN C 131 -17.37 11.44 -22.24
C ASN C 131 -18.73 10.85 -21.85
N THR C 132 -19.00 10.86 -20.54
CA THR C 132 -20.26 10.33 -20.02
C THR C 132 -21.26 11.41 -19.63
N ILE C 133 -20.88 12.67 -19.69
CA ILE C 133 -21.81 13.79 -19.47
C ILE C 133 -21.68 14.74 -20.65
N PRO C 134 -22.79 15.14 -21.27
CA PRO C 134 -22.69 16.00 -22.47
C PRO C 134 -21.84 17.25 -22.27
N GLU C 135 -21.99 17.94 -21.13
CA GLU C 135 -21.28 19.19 -20.90
C GLU C 135 -19.76 19.04 -20.99
N PHE C 136 -19.24 17.84 -20.76
CA PHE C 136 -17.81 17.60 -20.79
C PHE C 136 -17.36 16.91 -22.07
N PHE C 137 -18.08 17.13 -23.18
CA PHE C 137 -17.65 16.63 -24.48
C PHE C 137 -16.19 16.95 -24.76
N TRP C 138 -15.70 18.10 -24.25
CA TRP C 138 -14.35 18.56 -24.54
C TRP C 138 -13.28 17.72 -23.86
N ILE C 139 -13.63 16.96 -22.82
CA ILE C 139 -12.60 16.25 -22.07
C ILE C 139 -12.00 15.13 -22.91
N THR C 140 -12.83 14.44 -23.70
CA THR C 140 -12.35 13.36 -24.55
C THR C 140 -11.19 13.83 -25.41
N ASN C 141 -11.45 14.81 -26.27
CA ASN C 141 -10.41 15.38 -27.10
C ASN C 141 -9.22 15.79 -26.26
N TYR C 142 -9.48 16.42 -25.10
CA TYR C 142 -8.38 16.92 -24.27
C TYR C 142 -7.41 15.81 -23.92
N LEU C 143 -7.94 14.62 -23.61
CA LEU C 143 -7.07 13.57 -23.11
C LEU C 143 -6.30 12.85 -24.21
N GLU C 144 -6.55 13.19 -25.49
CA GLU C 144 -5.97 12.40 -26.57
C GLU C 144 -4.44 12.45 -26.57
N THR C 145 -3.86 13.64 -26.37
CA THR C 145 -2.41 13.77 -26.41
C THR C 145 -1.76 12.88 -25.34
N LEU C 146 -2.06 13.15 -24.07
CA LEU C 146 -1.40 12.45 -22.97
C LEU C 146 -1.51 10.94 -23.13
N MET C 147 -2.73 10.44 -23.33
CA MET C 147 -2.90 9.01 -23.48
C MET C 147 -2.02 8.46 -24.59
N SER C 148 -2.03 9.11 -25.77
CA SER C 148 -1.14 8.66 -26.83
C SER C 148 0.29 8.66 -26.33
N ASN C 149 0.70 9.77 -25.72
CA ASN C 149 2.06 9.93 -25.20
C ASN C 149 2.47 8.76 -24.31
N GLU C 150 1.51 8.19 -23.57
CA GLU C 150 1.86 7.19 -22.57
C GLU C 150 1.66 5.77 -23.04
N ILE C 151 0.97 5.54 -24.16
CA ILE C 151 0.45 4.20 -24.42
C ILE C 151 1.17 3.47 -25.55
N TRP C 152 1.74 4.18 -26.53
CA TRP C 152 2.33 3.49 -27.67
C TRP C 152 3.62 2.75 -27.29
N GLN C 153 4.43 3.33 -26.39
CA GLN C 153 5.70 2.68 -26.04
C GLN C 153 5.50 1.35 -25.32
N PRO C 154 4.66 1.22 -24.28
CA PRO C 154 4.52 -0.10 -23.64
C PRO C 154 4.00 -1.18 -24.57
N THR C 155 3.11 -0.83 -25.50
CA THR C 155 2.66 -1.83 -26.45
C THR C 155 3.77 -2.18 -27.45
N THR C 156 4.43 -1.16 -28.00
CA THR C 156 5.47 -1.38 -28.99
C THR C 156 6.54 -2.34 -28.45
N SER C 157 7.10 -2.01 -27.27
CA SER C 157 8.08 -2.91 -26.68
C SER C 157 7.47 -4.30 -26.46
N ALA C 158 6.25 -4.36 -25.93
CA ALA C 158 5.61 -5.65 -25.70
C ALA C 158 5.54 -6.45 -26.99
N THR C 159 5.29 -5.78 -28.11
CA THR C 159 5.26 -6.47 -29.38
C THR C 159 6.66 -6.94 -29.77
N LEU C 160 7.65 -6.05 -29.68
CA LEU C 160 8.99 -6.39 -30.15
C LEU C 160 9.57 -7.53 -29.34
N ALA C 161 9.40 -7.49 -28.01
CA ALA C 161 9.82 -8.59 -27.17
C ALA C 161 9.20 -9.90 -27.64
N TYR C 162 7.91 -9.90 -27.95
CA TYR C 162 7.28 -11.14 -28.36
C TYR C 162 7.90 -11.67 -29.65
N GLU C 163 8.38 -10.78 -30.51
CA GLU C 163 9.06 -11.22 -31.73
C GLU C 163 10.28 -12.06 -31.39
N TYR C 164 11.04 -11.64 -30.37
CA TYR C 164 12.11 -12.50 -29.87
C TYR C 164 11.53 -13.81 -29.34
N ARG C 165 10.48 -13.71 -28.51
CA ARG C 165 9.90 -14.89 -27.89
C ARG C 165 9.51 -15.92 -28.93
N LYS C 166 8.73 -15.48 -29.93
CA LYS C 166 8.30 -16.37 -31.01
C LYS C 166 9.48 -17.11 -31.63
N ILE C 167 10.59 -16.41 -31.86
CA ILE C 167 11.74 -17.08 -32.44
C ILE C 167 12.30 -18.11 -31.46
N LEU C 168 12.58 -17.68 -30.22
CA LEU C 168 13.28 -18.54 -29.29
C LEU C 168 12.46 -19.79 -29.01
N ASP C 169 11.18 -19.61 -28.68
CA ASP C 169 10.27 -20.74 -28.51
C ASP C 169 10.40 -21.69 -29.68
N GLU C 170 10.25 -21.18 -30.90
CA GLU C 170 10.23 -22.06 -32.07
C GLU C 170 11.54 -22.82 -32.20
N TYR C 171 12.66 -22.19 -31.85
CA TYR C 171 13.90 -22.93 -31.93
C TYR C 171 14.06 -23.88 -30.75
N ALA C 172 13.65 -23.47 -29.56
CA ALA C 172 13.70 -24.38 -28.42
C ALA C 172 12.89 -25.64 -28.72
N MET C 173 11.63 -25.44 -29.11
CA MET C 173 10.79 -26.52 -29.62
C MET C 173 11.54 -27.40 -30.61
N GLU C 174 12.22 -26.77 -31.57
CA GLU C 174 12.83 -27.54 -32.64
C GLU C 174 14.08 -28.28 -32.17
N THR C 175 14.75 -27.77 -31.15
CA THR C 175 16.08 -28.25 -30.82
C THR C 175 16.19 -28.95 -29.48
N VAL C 176 15.32 -28.63 -28.54
CA VAL C 176 15.33 -29.23 -27.21
C VAL C 176 14.06 -30.03 -26.97
N GLY C 177 12.91 -29.55 -27.45
CA GLY C 177 11.63 -30.20 -27.25
C GLY C 177 10.77 -29.56 -26.18
N ASN C 178 11.33 -28.68 -25.36
CA ASN C 178 10.57 -27.97 -24.36
C ASN C 178 11.01 -26.50 -24.36
N LYS C 179 10.14 -25.65 -23.82
CA LYS C 179 10.34 -24.20 -23.83
C LYS C 179 10.87 -23.67 -22.50
N LEU C 180 11.34 -24.55 -21.62
CA LEU C 180 11.58 -24.20 -20.23
C LEU C 180 12.68 -23.16 -20.04
N ALA C 181 13.62 -23.04 -20.99
CA ALA C 181 14.73 -22.10 -20.85
C ALA C 181 14.46 -20.74 -21.50
N VAL C 182 13.37 -20.60 -22.25
CA VAL C 182 13.17 -19.40 -23.06
C VAL C 182 12.88 -18.18 -22.18
N ASP C 183 12.28 -18.38 -21.01
CA ASP C 183 11.93 -17.25 -20.15
C ASP C 183 13.13 -16.37 -19.85
N PHE C 184 14.32 -16.96 -19.73
CA PHE C 184 15.54 -16.24 -19.41
C PHE C 184 16.39 -15.93 -20.64
N GLN C 185 15.98 -16.37 -21.82
CA GLN C 185 16.79 -16.20 -23.02
C GLN C 185 16.71 -14.79 -23.59
N GLY C 186 15.66 -14.04 -23.25
CA GLY C 186 15.58 -12.64 -23.62
C GLY C 186 15.77 -11.77 -22.40
N HIS C 187 16.93 -11.12 -22.30
CA HIS C 187 17.33 -10.38 -21.11
C HIS C 187 17.49 -8.91 -21.47
N ASP C 188 16.76 -8.05 -20.76
CA ASP C 188 16.67 -6.64 -21.10
C ASP C 188 17.91 -5.89 -20.62
N PHE C 189 18.65 -5.30 -21.56
CA PHE C 189 19.85 -4.53 -21.27
C PHE C 189 19.68 -3.03 -21.53
N SER C 190 18.44 -2.58 -21.79
CA SER C 190 18.21 -1.33 -22.52
C SER C 190 18.18 -0.08 -21.67
N MET C 191 18.19 -0.18 -20.33
CA MET C 191 17.80 0.96 -19.49
C MET C 191 18.61 2.21 -19.81
N ARG C 192 19.94 2.08 -19.88
CA ARG C 192 20.78 3.24 -20.09
C ARG C 192 20.49 3.95 -21.41
N GLY C 193 19.89 3.25 -22.37
CA GLY C 193 19.58 3.82 -23.67
C GLY C 193 18.14 4.24 -23.89
N MET C 194 17.26 4.05 -22.92
CA MET C 194 15.93 4.61 -23.04
C MET C 194 16.00 6.12 -22.83
N SER C 195 14.98 6.82 -23.33
CA SER C 195 15.03 8.28 -23.34
C SER C 195 14.75 8.89 -21.98
N SER C 196 14.16 8.14 -21.06
CA SER C 196 13.85 8.65 -19.72
C SER C 196 13.48 7.47 -18.84
N LEU C 197 13.46 7.72 -17.53
CA LEU C 197 13.12 6.66 -16.58
C LEU C 197 11.70 6.18 -16.77
N GLU C 198 10.76 7.08 -17.07
CA GLU C 198 9.38 6.66 -17.31
C GLU C 198 9.30 5.75 -18.53
N SER C 199 9.98 6.12 -19.62
CA SER C 199 10.03 5.26 -20.80
C SER C 199 10.72 3.94 -20.48
N THR C 200 11.75 3.98 -19.64
CA THR C 200 12.39 2.75 -19.20
C THR C 200 11.39 1.83 -18.52
N LYS C 201 10.58 2.38 -17.62
CA LYS C 201 9.57 1.58 -16.93
C LYS C 201 8.58 0.98 -17.92
N LEU C 202 8.05 1.80 -18.83
CA LEU C 202 7.03 1.31 -19.75
C LEU C 202 7.59 0.22 -20.66
N SER C 203 8.73 0.48 -21.29
CA SER C 203 9.32 -0.48 -22.21
C SER C 203 9.71 -1.76 -21.50
N GLY C 204 10.32 -1.65 -20.31
CA GLY C 204 10.73 -2.85 -19.59
C GLY C 204 9.57 -3.69 -19.12
N ALA C 205 8.47 -3.05 -18.72
CA ALA C 205 7.27 -3.83 -18.40
C ALA C 205 6.79 -4.59 -19.63
N GLY C 206 6.80 -3.93 -20.79
CA GLY C 206 6.48 -4.63 -22.03
C GLY C 206 7.35 -5.84 -22.24
N HIS C 207 8.66 -5.69 -22.02
CA HIS C 207 9.57 -6.84 -22.17
C HIS C 207 9.25 -7.93 -21.16
N LEU C 208 8.87 -7.55 -19.94
CA LEU C 208 8.60 -8.54 -18.90
C LEU C 208 7.34 -9.34 -19.17
N LEU C 209 6.46 -8.86 -20.05
CA LEU C 209 5.31 -9.70 -20.43
C LEU C 209 5.75 -11.03 -21.03
N SER C 210 6.79 -11.02 -21.88
CA SER C 210 7.22 -12.22 -22.59
C SER C 210 8.38 -12.96 -21.93
N PHE C 211 9.23 -12.25 -21.18
CA PHE C 211 10.40 -12.84 -20.57
C PHE C 211 10.43 -12.51 -19.08
N THR C 212 11.28 -13.22 -18.34
CA THR C 212 11.57 -12.88 -16.96
C THR C 212 12.97 -12.31 -16.76
N GLY C 213 13.90 -12.61 -17.66
CA GLY C 213 15.24 -12.06 -17.55
C GLY C 213 15.24 -10.57 -17.85
N THR C 214 15.79 -9.79 -16.95
CA THR C 214 15.90 -8.34 -17.15
C THR C 214 16.97 -7.80 -16.22
N ASP C 215 17.58 -6.70 -16.64
CA ASP C 215 18.42 -5.88 -15.77
C ASP C 215 17.74 -4.57 -15.40
N THR C 216 16.50 -4.37 -15.84
CA THR C 216 15.76 -3.12 -15.63
C THR C 216 14.91 -3.26 -14.39
N ILE C 217 15.52 -2.98 -13.23
CA ILE C 217 14.81 -3.08 -11.95
C ILE C 217 13.53 -2.25 -11.93
N PRO C 218 13.51 -1.00 -12.40
CA PRO C 218 12.26 -0.22 -12.34
C PRO C 218 11.11 -0.87 -13.07
N ALA C 219 11.37 -1.71 -14.09
CA ALA C 219 10.27 -2.35 -14.81
C ALA C 219 9.57 -3.40 -13.95
N ILE C 220 10.37 -4.23 -13.26
CA ILE C 220 9.81 -5.17 -12.29
C ILE C 220 8.97 -4.40 -11.27
N LEU C 221 9.52 -3.32 -10.74
CA LEU C 221 8.77 -2.57 -9.74
C LEU C 221 7.55 -1.89 -10.34
N TYR C 222 7.58 -1.55 -11.64
CA TYR C 222 6.42 -1.00 -12.30
C TYR C 222 5.28 -2.02 -12.34
N HIS C 223 5.62 -3.27 -12.64
CA HIS C 223 4.61 -4.31 -12.60
C HIS C 223 4.07 -4.50 -11.19
N GLU C 224 4.92 -4.29 -10.17
CA GLU C 224 4.40 -4.25 -8.81
C GLU C 224 3.42 -3.10 -8.63
N GLU C 225 3.75 -1.94 -9.20
CA GLU C 225 2.98 -0.72 -8.92
C GLU C 225 1.60 -0.76 -9.56
N PHE C 226 1.51 -1.21 -10.81
CA PHE C 226 0.27 -1.07 -11.55
C PHE C 226 -0.40 -2.37 -11.96
N TYR C 227 0.33 -3.49 -11.98
CA TYR C 227 -0.23 -4.73 -12.48
C TYR C 227 -0.32 -5.80 -11.40
N ASN C 228 -0.33 -5.39 -10.13
CA ASN C 228 -0.66 -6.23 -8.99
C ASN C 228 0.34 -7.36 -8.76
N ALA C 229 1.51 -7.28 -9.38
CA ALA C 229 2.55 -8.26 -9.14
C ALA C 229 3.16 -8.05 -7.75
N ASN C 230 3.78 -9.11 -7.25
CA ASN C 230 4.60 -9.02 -6.04
C ASN C 230 5.76 -9.98 -6.19
N ILE C 231 6.98 -9.47 -6.01
CA ILE C 231 8.18 -10.28 -6.19
C ILE C 231 8.36 -11.32 -5.10
N GLU C 232 7.61 -11.23 -4.01
CA GLU C 232 7.71 -12.22 -2.94
C GLU C 232 6.90 -13.48 -3.21
N ASN C 233 5.93 -13.41 -4.13
CA ASN C 233 5.02 -14.52 -4.36
C ASN C 233 5.07 -15.07 -5.78
N GLU C 234 5.74 -14.39 -6.70
CA GLU C 234 5.84 -14.83 -8.08
C GLU C 234 7.14 -14.31 -8.66
N LEU C 235 7.65 -15.00 -9.68
CA LEU C 235 8.83 -14.52 -10.38
C LEU C 235 8.38 -13.44 -11.36
N VAL C 236 8.65 -12.17 -11.01
CA VAL C 236 8.38 -11.06 -11.92
C VAL C 236 9.60 -10.88 -12.80
N GLY C 237 10.74 -10.59 -12.18
CA GLY C 237 11.98 -10.42 -12.91
C GLY C 237 13.12 -11.04 -12.13
N SER C 238 14.15 -11.46 -12.86
CA SER C 238 15.32 -12.04 -12.23
C SER C 238 16.55 -11.68 -13.05
N SER C 239 17.70 -11.66 -12.37
CA SER C 239 18.97 -11.36 -13.01
C SER C 239 20.06 -12.08 -12.22
N ILE C 240 21.29 -11.84 -12.61
CA ILE C 240 22.44 -12.53 -12.03
C ILE C 240 23.57 -11.53 -11.83
N PRO C 241 24.50 -11.83 -10.92
CA PRO C 241 25.71 -11.00 -10.83
C PRO C 241 26.49 -11.05 -12.13
N ALA C 242 27.01 -9.90 -12.53
CA ALA C 242 27.75 -9.79 -13.78
C ALA C 242 28.75 -8.66 -13.68
N THR C 243 29.92 -8.87 -14.26
CA THR C 243 30.93 -7.83 -14.31
C THR C 243 30.71 -6.93 -15.53
N GLU C 244 31.47 -5.84 -15.55
CA GLU C 244 31.45 -4.88 -16.63
C GLU C 244 32.90 -4.53 -16.97
N HIS C 245 33.09 -3.93 -18.15
CA HIS C 245 34.44 -3.70 -18.66
C HIS C 245 35.30 -2.92 -17.66
N SER C 246 34.70 -1.94 -16.96
CA SER C 246 35.49 -1.11 -16.06
C SER C 246 35.99 -1.91 -14.86
N VAL C 247 35.16 -2.82 -14.34
CA VAL C 247 35.61 -3.66 -13.22
C VAL C 247 36.76 -4.57 -13.67
N MET C 248 36.61 -5.20 -14.83
CA MET C 248 37.66 -6.09 -15.34
C MET C 248 38.96 -5.34 -15.57
N CYS C 249 38.89 -4.14 -16.16
CA CYS C 249 40.09 -3.33 -16.34
C CYS C 249 40.71 -2.97 -15.00
N ALA C 250 39.88 -2.58 -14.04
CA ALA C 250 40.37 -2.24 -12.71
C ALA C 250 41.11 -3.41 -12.07
N ASN C 251 40.66 -4.64 -12.32
CA ASN C 251 41.29 -5.80 -11.69
C ASN C 251 42.58 -6.25 -12.37
N GLY C 252 42.96 -5.65 -13.49
CA GLY C 252 44.25 -5.92 -14.09
C GLY C 252 44.24 -7.03 -15.12
N GLN C 253 45.41 -7.25 -15.72
CA GLN C 253 45.56 -8.13 -16.88
C GLN C 253 45.89 -9.57 -16.52
N ASP C 254 46.11 -9.88 -15.25
CA ASP C 254 46.31 -11.27 -14.82
C ASP C 254 44.93 -11.91 -14.75
N GLU C 255 44.41 -12.24 -15.92
CA GLU C 255 42.98 -12.59 -16.03
C GLU C 255 42.67 -13.93 -15.38
N TYR C 256 43.64 -14.85 -15.31
CA TYR C 256 43.40 -16.10 -14.60
C TYR C 256 43.07 -15.85 -13.13
N VAL C 257 43.87 -15.02 -12.46
CA VAL C 257 43.66 -14.75 -11.05
C VAL C 257 42.32 -14.05 -10.83
N VAL C 258 42.00 -13.08 -11.69
CA VAL C 258 40.76 -12.32 -11.54
C VAL C 258 39.55 -13.24 -11.73
N PHE C 259 39.56 -14.04 -12.81
CA PHE C 259 38.44 -14.96 -13.06
C PHE C 259 38.31 -15.98 -11.93
N LYS C 260 39.43 -16.54 -11.48
CA LYS C 260 39.38 -17.56 -10.44
C LYS C 260 38.85 -16.97 -9.13
N LYS C 261 39.24 -15.74 -8.79
CA LYS C 261 38.68 -15.11 -7.61
C LYS C 261 37.18 -14.86 -7.78
N LEU C 262 36.77 -14.44 -8.97
CA LEU C 262 35.35 -14.17 -9.21
C LEU C 262 34.53 -15.43 -9.01
N ILE C 263 34.99 -16.58 -9.51
CA ILE C 263 34.16 -17.77 -9.47
C ILE C 263 34.40 -18.66 -8.25
N THR C 264 35.50 -18.48 -7.51
CA THR C 264 35.76 -19.30 -6.35
C THR C 264 35.61 -18.57 -5.03
N GLU C 265 35.72 -17.25 -5.01
CA GLU C 265 35.65 -16.50 -3.76
C GLU C 265 34.47 -15.53 -3.72
N THR C 266 34.33 -14.65 -4.71
CA THR C 266 33.24 -13.68 -4.68
C THR C 266 31.89 -14.36 -4.88
N TYR C 267 31.80 -15.22 -5.89
CA TYR C 267 30.57 -15.96 -6.19
C TYR C 267 30.94 -17.43 -6.28
N PRO C 268 31.15 -18.09 -5.14
CA PRO C 268 31.49 -19.52 -5.16
C PRO C 268 30.37 -20.39 -5.70
N GLU C 269 29.13 -19.91 -5.69
CA GLU C 269 27.98 -20.66 -6.17
C GLU C 269 27.06 -19.74 -6.94
N GLY C 270 26.02 -20.33 -7.54
CA GLY C 270 25.07 -19.55 -8.31
C GLY C 270 25.61 -19.16 -9.66
N PHE C 271 24.88 -18.26 -10.30
CA PHE C 271 25.25 -17.74 -11.61
C PHE C 271 26.21 -16.56 -11.47
N VAL C 272 27.11 -16.43 -12.44
CA VAL C 272 27.91 -15.21 -12.56
C VAL C 272 28.31 -15.04 -14.02
N SER C 273 28.01 -13.86 -14.57
CA SER C 273 28.40 -13.49 -15.91
C SER C 273 29.68 -12.66 -15.86
N ILE C 274 30.63 -12.99 -16.73
CA ILE C 274 31.91 -12.29 -16.78
C ILE C 274 32.16 -11.85 -18.21
N VAL C 275 32.20 -10.53 -18.43
CA VAL C 275 32.60 -10.01 -19.73
C VAL C 275 34.09 -10.28 -19.93
N SER C 276 34.43 -10.83 -21.09
CA SER C 276 35.75 -11.44 -21.28
C SER C 276 36.54 -10.86 -22.45
N ASP C 277 36.09 -9.75 -23.04
CA ASP C 277 36.76 -9.18 -24.21
C ASP C 277 37.51 -7.90 -23.90
N THR C 278 37.81 -7.63 -22.62
CA THR C 278 38.42 -6.36 -22.25
C THR C 278 39.77 -6.19 -22.96
N TRP C 279 40.57 -7.24 -23.02
CA TRP C 279 41.83 -7.20 -23.76
C TRP C 279 41.87 -8.19 -24.91
N ASP C 280 41.62 -9.47 -24.66
CA ASP C 280 41.74 -10.49 -25.68
C ASP C 280 40.75 -11.60 -25.35
N PHE C 281 39.61 -11.60 -26.05
CA PHE C 281 38.53 -12.53 -25.74
C PHE C 281 38.95 -13.98 -25.95
N TRP C 282 39.50 -14.28 -27.14
CA TRP C 282 39.84 -15.66 -27.44
C TRP C 282 41.00 -16.16 -26.59
N ASN C 283 41.89 -15.27 -26.16
CA ASN C 283 42.91 -15.68 -25.20
C ASN C 283 42.30 -16.04 -23.87
N VAL C 284 41.25 -15.33 -23.45
CA VAL C 284 40.56 -15.68 -22.21
C VAL C 284 39.91 -17.06 -22.35
N ILE C 285 39.24 -17.30 -23.48
CA ILE C 285 38.60 -18.60 -23.69
C ILE C 285 39.65 -19.72 -23.70
N ASP C 286 40.73 -19.52 -24.45
CA ASP C 286 41.71 -20.58 -24.68
C ASP C 286 42.59 -20.82 -23.46
N THR C 287 42.88 -19.79 -22.68
CA THR C 287 43.88 -19.84 -21.63
C THR C 287 43.31 -19.66 -20.23
N VAL C 288 42.23 -18.89 -20.07
CA VAL C 288 41.68 -18.65 -18.74
C VAL C 288 40.52 -19.59 -18.49
N VAL C 289 39.51 -19.59 -19.37
CA VAL C 289 38.36 -20.47 -19.21
C VAL C 289 38.81 -21.93 -19.23
N ARG C 290 39.68 -22.28 -20.18
CA ARG C 290 40.16 -23.66 -20.28
C ARG C 290 40.90 -24.09 -19.03
N LYS C 291 41.82 -23.26 -18.54
CA LYS C 291 42.61 -23.62 -17.36
C LYS C 291 41.75 -23.74 -16.12
N LEU C 292 40.63 -23.03 -16.07
CA LEU C 292 39.73 -23.04 -14.93
C LEU C 292 38.60 -24.06 -15.07
N LYS C 293 38.75 -25.02 -15.99
CA LYS C 293 37.66 -25.95 -16.28
C LYS C 293 37.26 -26.76 -15.05
N GLY C 294 38.25 -27.21 -14.28
CA GLY C 294 37.92 -27.94 -13.05
C GLY C 294 37.18 -27.08 -12.05
N ASP C 295 37.68 -25.86 -11.82
CA ASP C 295 37.02 -24.96 -10.87
C ASP C 295 35.60 -24.60 -11.34
N ILE C 296 35.43 -24.34 -12.64
CA ILE C 296 34.10 -24.05 -13.17
C ILE C 296 33.17 -25.24 -12.97
N LEU C 297 33.67 -26.45 -13.26
CA LEU C 297 32.85 -27.64 -13.11
C LEU C 297 32.55 -27.96 -11.65
N LYS C 298 33.35 -27.45 -10.71
CA LYS C 298 33.13 -27.75 -9.29
C LYS C 298 32.17 -26.79 -8.61
N ARG C 299 31.75 -25.70 -9.27
CA ARG C 299 30.81 -24.78 -8.67
C ARG C 299 29.39 -25.32 -8.72
N ASP C 300 28.62 -25.09 -7.66
CA ASP C 300 27.19 -25.38 -7.68
C ASP C 300 26.49 -24.17 -8.29
N GLY C 301 26.61 -24.07 -9.61
CA GLY C 301 26.09 -22.91 -10.30
C GLY C 301 26.60 -22.89 -11.73
N LYS C 302 26.56 -21.71 -12.33
CA LYS C 302 26.91 -21.56 -13.73
C LYS C 302 27.79 -20.32 -13.92
N VAL C 303 28.80 -20.46 -14.76
CA VAL C 303 29.65 -19.34 -15.17
C VAL C 303 29.27 -18.99 -16.59
N VAL C 304 28.84 -17.74 -16.80
CA VAL C 304 28.34 -17.28 -18.09
C VAL C 304 29.40 -16.39 -18.72
N ILE C 305 29.89 -16.80 -19.88
CA ILE C 305 30.87 -16.01 -20.61
C ILE C 305 30.14 -14.95 -21.43
N ARG C 306 30.60 -13.71 -21.35
CA ARG C 306 29.99 -12.60 -22.09
C ARG C 306 31.01 -11.94 -23.02
N PRO C 307 30.97 -12.22 -24.31
CA PRO C 307 31.66 -11.37 -25.27
C PRO C 307 30.87 -10.09 -25.52
N ASP C 308 31.59 -9.03 -25.91
CA ASP C 308 30.94 -7.74 -26.11
C ASP C 308 31.42 -7.00 -27.36
N SER C 309 32.18 -7.66 -28.24
CA SER C 309 32.68 -6.97 -29.43
C SER C 309 32.82 -7.98 -30.56
N GLY C 310 32.86 -7.45 -31.78
CA GLY C 310 32.91 -8.26 -32.98
C GLY C 310 31.53 -8.48 -33.57
N ASP C 311 31.49 -9.36 -34.57
CA ASP C 311 30.21 -9.78 -35.13
C ASP C 311 29.55 -10.74 -34.15
N PRO C 312 28.38 -10.41 -33.59
CA PRO C 312 27.74 -11.35 -32.67
C PRO C 312 27.49 -12.71 -33.28
N VAL C 313 27.09 -12.73 -34.55
CA VAL C 313 26.81 -13.99 -35.23
C VAL C 313 28.07 -14.82 -35.36
N LYS C 314 29.16 -14.20 -35.82
CA LYS C 314 30.41 -14.94 -36.01
C LYS C 314 31.04 -15.31 -34.67
N ILE C 315 30.92 -14.44 -33.67
CA ILE C 315 31.49 -14.74 -32.35
C ILE C 315 30.79 -15.95 -31.75
N ILE C 316 29.46 -15.98 -31.82
CA ILE C 316 28.72 -17.06 -31.18
C ILE C 316 28.83 -18.35 -32.00
N CYS C 317 28.62 -18.26 -33.31
CA CYS C 317 28.48 -19.43 -34.16
C CYS C 317 29.76 -19.81 -34.90
N GLY C 318 30.75 -18.93 -34.95
CA GLY C 318 31.96 -19.24 -35.68
C GLY C 318 32.08 -18.39 -36.94
N ASP C 319 33.32 -18.08 -37.32
CA ASP C 319 33.59 -17.39 -38.56
C ASP C 319 34.09 -18.42 -39.57
N PRO C 320 33.27 -18.83 -40.53
CA PRO C 320 33.69 -19.91 -41.45
C PRO C 320 34.96 -19.62 -42.21
N GLU C 321 35.27 -18.34 -42.46
CA GLU C 321 36.44 -17.96 -43.24
C GLU C 321 37.68 -17.69 -42.39
N ALA C 322 37.59 -17.86 -41.07
CA ALA C 322 38.72 -17.59 -40.19
C ALA C 322 39.67 -18.79 -40.15
N LYS C 323 40.96 -18.48 -40.02
CA LYS C 323 41.97 -19.53 -40.02
C LYS C 323 42.24 -20.07 -38.62
N ASP C 324 42.21 -19.20 -37.61
CA ASP C 324 42.35 -19.64 -36.23
C ASP C 324 41.19 -20.57 -35.86
N GLU C 325 41.53 -21.71 -35.25
CA GLU C 325 40.53 -22.74 -34.99
C GLU C 325 39.42 -22.22 -34.09
N LEU C 326 39.79 -21.52 -33.01
CA LEU C 326 38.81 -21.02 -32.06
C LEU C 326 37.83 -20.05 -32.73
N VAL C 327 38.37 -19.14 -33.55
CA VAL C 327 37.52 -18.13 -34.18
C VAL C 327 36.58 -18.78 -35.19
N ARG C 328 37.10 -19.73 -35.98
CA ARG C 328 36.26 -20.41 -36.95
C ARG C 328 35.17 -21.25 -36.28
N LYS C 329 35.47 -21.82 -35.10
CA LYS C 329 34.48 -22.64 -34.42
C LYS C 329 33.43 -21.80 -33.70
N GLY C 330 33.83 -20.66 -33.14
CA GLY C 330 32.90 -19.83 -32.40
C GLY C 330 32.79 -20.25 -30.94
N LEU C 331 32.23 -19.35 -30.13
CA LEU C 331 32.29 -19.50 -28.68
C LEU C 331 31.58 -20.77 -28.21
N ILE C 332 30.40 -21.06 -28.75
CA ILE C 332 29.61 -22.20 -28.27
C ILE C 332 30.35 -23.50 -28.52
N GLU C 333 30.91 -23.66 -29.73
CA GLU C 333 31.61 -24.90 -30.05
C GLU C 333 32.89 -25.05 -29.23
N VAL C 334 33.61 -23.96 -28.99
CA VAL C 334 34.81 -24.04 -28.17
C VAL C 334 34.45 -24.41 -26.73
N LEU C 335 33.37 -23.83 -26.21
CA LEU C 335 32.91 -24.18 -24.87
C LEU C 335 32.49 -25.64 -24.81
N TRP C 336 31.88 -26.17 -25.87
CA TRP C 336 31.59 -27.60 -25.90
C TRP C 336 32.87 -28.42 -25.92
N ASP C 337 33.87 -27.97 -26.68
CA ASP C 337 35.15 -28.66 -26.72
C ASP C 337 35.77 -28.75 -25.32
N ILE C 338 35.59 -27.70 -24.52
CA ILE C 338 36.22 -27.67 -23.21
C ILE C 338 35.40 -28.44 -22.18
N PHE C 339 34.08 -28.19 -22.12
CA PHE C 339 33.24 -28.72 -21.07
C PHE C 339 32.33 -29.85 -21.51
N GLY C 340 32.02 -29.96 -22.80
CA GLY C 340 31.05 -30.96 -23.21
C GLY C 340 29.65 -30.60 -22.73
N GLY C 341 28.80 -31.62 -22.67
CA GLY C 341 27.44 -31.43 -22.20
C GLY C 341 26.55 -32.62 -22.48
N ASN C 342 25.34 -32.35 -22.97
CA ASN C 342 24.36 -33.40 -23.21
C ASN C 342 23.82 -33.29 -24.63
N VAL C 343 23.24 -34.39 -25.10
CA VAL C 343 22.69 -34.47 -26.45
C VAL C 343 21.19 -34.68 -26.32
N THR C 344 20.42 -33.80 -26.95
CA THR C 344 18.97 -33.92 -26.88
C THR C 344 18.48 -35.07 -27.74
N ASP C 345 17.21 -35.42 -27.57
CA ASP C 345 16.62 -36.53 -28.31
C ASP C 345 16.51 -36.25 -29.80
N LYS C 346 16.66 -34.99 -30.23
CA LYS C 346 16.66 -34.62 -31.63
C LYS C 346 18.06 -34.43 -32.19
N GLY C 347 19.09 -34.70 -31.41
CA GLY C 347 20.46 -34.70 -31.90
C GLY C 347 21.24 -33.42 -31.68
N TYR C 348 20.74 -32.49 -30.88
CA TYR C 348 21.39 -31.20 -30.70
C TYR C 348 22.12 -31.15 -29.36
N LYS C 349 23.25 -30.44 -29.36
CA LYS C 349 24.10 -30.34 -28.19
C LYS C 349 23.62 -29.22 -27.28
N VAL C 350 23.63 -29.48 -25.97
CA VAL C 350 23.38 -28.48 -24.95
C VAL C 350 24.59 -28.45 -24.04
N LEU C 351 25.12 -27.25 -23.79
CA LEU C 351 26.33 -27.12 -23.00
C LEU C 351 26.12 -27.67 -21.60
N ASP C 352 27.22 -28.14 -21.00
CA ASP C 352 27.20 -28.54 -19.61
C ASP C 352 26.67 -27.38 -18.76
N PRO C 353 25.78 -27.64 -17.79
CA PRO C 353 25.12 -26.53 -17.08
C PRO C 353 26.05 -25.67 -16.23
N HIS C 354 27.32 -26.05 -16.10
CA HIS C 354 28.27 -25.21 -15.36
C HIS C 354 28.81 -24.06 -16.20
N ILE C 355 28.56 -24.06 -17.51
CA ILE C 355 29.07 -23.03 -18.40
C ILE C 355 27.90 -22.50 -19.22
N GLY C 356 27.97 -21.22 -19.58
CA GLY C 356 26.93 -20.60 -20.36
C GLY C 356 27.48 -19.41 -21.13
N ALA C 357 26.62 -18.83 -21.97
CA ALA C 357 26.99 -17.69 -22.77
C ALA C 357 25.83 -16.72 -22.86
N ILE C 358 26.16 -15.42 -22.85
CA ILE C 358 25.19 -14.36 -23.06
C ILE C 358 25.84 -13.32 -23.98
N TYR C 359 25.04 -12.79 -24.91
CA TYR C 359 25.51 -11.75 -25.81
C TYR C 359 24.54 -10.58 -25.77
N GLY C 360 25.00 -9.43 -25.28
CA GLY C 360 24.16 -8.27 -25.11
C GLY C 360 24.67 -7.03 -25.81
N ASP C 361 25.30 -7.23 -26.97
CA ASP C 361 25.73 -6.12 -27.81
C ASP C 361 25.28 -6.37 -29.24
N ALA C 362 24.65 -5.36 -29.85
CA ALA C 362 24.29 -5.37 -31.27
C ALA C 362 23.32 -6.51 -31.60
N ILE C 363 22.48 -6.88 -30.65
CA ILE C 363 21.47 -7.91 -30.90
C ILE C 363 20.26 -7.26 -31.59
N THR C 364 19.72 -7.97 -32.58
CA THR C 364 18.45 -7.62 -33.20
C THR C 364 17.61 -8.88 -33.31
N ILE C 365 16.33 -8.68 -33.63
CA ILE C 365 15.44 -9.81 -33.90
C ILE C 365 16.03 -10.67 -35.01
N SER C 366 16.48 -10.02 -36.09
CA SER C 366 17.05 -10.74 -37.22
C SER C 366 18.32 -11.48 -36.83
N ARG C 367 19.19 -10.84 -36.05
CA ARG C 367 20.41 -11.51 -35.63
C ARG C 367 20.14 -12.62 -34.63
N CYS C 368 19.11 -12.48 -33.80
CA CYS C 368 18.69 -13.59 -32.94
C CYS C 368 18.27 -14.80 -33.77
N LYS C 369 17.42 -14.57 -34.77
CA LYS C 369 17.00 -15.64 -35.66
C LYS C 369 18.19 -16.26 -36.39
N GLU C 370 19.12 -15.42 -36.85
CA GLU C 370 20.29 -15.89 -37.57
C GLU C 370 21.20 -16.73 -36.66
N ILE C 371 21.37 -16.32 -35.41
CA ILE C 371 22.21 -17.07 -34.48
C ILE C 371 21.59 -18.42 -34.17
N CYS C 372 20.27 -18.45 -33.92
CA CYS C 372 19.59 -19.73 -33.74
C CYS C 372 19.75 -20.63 -34.96
N LYS C 373 19.58 -20.06 -36.15
CA LYS C 373 19.69 -20.83 -37.39
C LYS C 373 21.09 -21.41 -37.56
N LYS C 374 22.12 -20.58 -37.38
CA LYS C 374 23.48 -21.04 -37.61
C LYS C 374 23.95 -22.00 -36.52
N LEU C 375 23.42 -21.87 -35.31
CA LEU C 375 23.72 -22.87 -34.28
C LEU C 375 23.08 -24.20 -34.61
N ALA C 376 21.83 -24.19 -35.06
CA ALA C 376 21.16 -25.43 -35.44
C ALA C 376 21.82 -26.07 -36.65
N ALA C 377 22.41 -25.26 -37.54
CA ALA C 377 23.05 -25.81 -38.73
C ALA C 377 24.28 -26.65 -38.38
N LYS C 378 24.93 -26.38 -37.25
CA LYS C 378 26.03 -27.21 -36.78
C LYS C 378 25.66 -28.04 -35.56
N GLY C 379 24.36 -28.22 -35.31
CA GLY C 379 23.91 -29.15 -34.29
C GLY C 379 24.03 -28.68 -32.87
N PHE C 380 23.93 -27.38 -32.62
CA PHE C 380 23.92 -26.82 -31.27
C PHE C 380 22.55 -26.24 -30.98
N ALA C 381 21.98 -26.64 -29.84
CA ALA C 381 20.65 -26.18 -29.46
C ALA C 381 20.64 -24.68 -29.20
N SER C 382 19.49 -24.06 -29.47
CA SER C 382 19.39 -22.60 -29.36
C SER C 382 19.43 -22.12 -27.91
N VAL C 383 19.11 -22.97 -26.95
CA VAL C 383 19.13 -22.55 -25.55
C VAL C 383 20.53 -22.27 -25.03
N ASN C 384 21.56 -22.56 -25.83
CA ASN C 384 22.94 -22.35 -25.41
C ASN C 384 23.32 -20.87 -25.32
N VAL C 385 22.47 -19.96 -25.80
CA VAL C 385 22.77 -18.53 -25.80
C VAL C 385 21.63 -17.78 -25.13
N VAL C 386 21.97 -16.83 -24.27
CA VAL C 386 21.04 -15.84 -23.75
C VAL C 386 21.28 -14.54 -24.52
N PHE C 387 20.20 -13.91 -24.97
CA PHE C 387 20.29 -12.72 -25.79
C PHE C 387 20.03 -11.48 -24.94
N GLY C 388 20.98 -10.57 -24.93
CA GLY C 388 20.80 -9.28 -24.29
C GLY C 388 20.19 -8.26 -25.24
N ILE C 389 18.94 -7.89 -24.99
CA ILE C 389 18.20 -7.01 -25.89
C ILE C 389 18.38 -5.58 -25.41
N GLY C 390 18.89 -4.72 -26.29
CA GLY C 390 19.30 -3.39 -25.94
C GLY C 390 18.37 -2.31 -26.46
N SER C 391 18.86 -1.06 -26.37
CA SER C 391 18.03 0.10 -26.69
C SER C 391 17.81 0.26 -28.19
N PHE C 392 18.60 -0.40 -29.04
CA PHE C 392 18.28 -0.37 -30.47
C PHE C 392 16.90 -0.98 -30.71
N THR C 393 16.58 -2.07 -30.00
CA THR C 393 15.25 -2.65 -30.12
C THR C 393 14.20 -1.76 -29.49
N TYR C 394 14.41 -1.36 -28.25
CA TYR C 394 13.32 -0.82 -27.43
C TYR C 394 13.20 0.69 -27.49
N GLN C 395 14.28 1.41 -27.77
CA GLN C 395 14.20 2.87 -27.83
C GLN C 395 13.95 3.38 -29.25
N TYR C 396 14.58 2.75 -30.25
CA TYR C 396 14.58 3.27 -31.62
C TYR C 396 13.29 2.88 -32.34
N ASN C 397 12.20 3.49 -31.90
CA ASN C 397 10.92 3.37 -32.56
C ASN C 397 10.22 4.72 -32.52
N THR C 398 9.07 4.78 -33.18
CA THR C 398 8.13 5.89 -33.00
C THR C 398 6.74 5.33 -32.81
N ARG C 399 5.82 6.23 -32.49
CA ARG C 399 4.40 5.91 -32.49
C ARG C 399 3.93 5.42 -33.86
N ASP C 400 4.66 5.79 -34.92
CA ASP C 400 4.36 5.32 -36.27
C ASP C 400 4.94 3.95 -36.59
N THR C 401 5.76 3.37 -35.70
CA THR C 401 6.29 2.04 -35.95
C THR C 401 5.16 1.03 -36.14
N PHE C 402 4.10 1.16 -35.35
CA PHE C 402 2.90 0.39 -35.56
C PHE C 402 1.70 1.29 -35.86
N GLY C 403 1.96 2.47 -36.41
CA GLY C 403 0.91 3.32 -36.96
C GLY C 403 -0.14 3.77 -35.97
N PHE C 404 0.21 3.87 -34.69
CA PHE C 404 -0.78 4.18 -33.67
C PHE C 404 -1.37 5.56 -33.89
N ALA C 405 -2.68 5.67 -33.68
CA ALA C 405 -3.35 6.95 -33.76
C ALA C 405 -4.58 6.97 -32.85
N MET C 406 -4.74 8.12 -32.19
CA MET C 406 -5.97 8.49 -31.49
C MET C 406 -6.86 9.25 -32.46
N LYS C 407 -7.98 8.67 -32.85
CA LYS C 407 -8.85 9.29 -33.84
C LYS C 407 -10.26 9.40 -33.30
N ALA C 408 -10.82 10.59 -33.34
CA ALA C 408 -12.23 10.79 -33.02
C ALA C 408 -13.07 10.26 -34.17
N THR C 409 -13.87 9.24 -33.89
CA THR C 409 -14.70 8.62 -34.92
C THR C 409 -16.18 8.94 -34.79
N TYR C 410 -16.63 9.47 -33.64
CA TYR C 410 -18.07 9.57 -33.45
C TYR C 410 -18.40 10.81 -32.61
N THR C 411 -19.49 11.49 -32.97
CA THR C 411 -19.96 12.63 -32.18
C THR C 411 -21.48 12.60 -32.12
N VAL C 412 -22.02 13.16 -31.05
CA VAL C 412 -23.44 13.44 -30.93
C VAL C 412 -23.59 14.94 -30.73
N VAL C 413 -24.34 15.58 -31.64
CA VAL C 413 -24.58 17.03 -31.65
C VAL C 413 -26.09 17.24 -31.65
N ASN C 414 -26.61 17.83 -30.57
CA ASN C 414 -28.05 18.06 -30.39
C ASN C 414 -28.85 16.78 -30.63
N GLY C 415 -28.31 15.67 -30.16
CA GLY C 415 -28.98 14.38 -30.30
C GLY C 415 -28.80 13.72 -31.65
N GLU C 416 -28.12 14.37 -32.60
CA GLU C 416 -27.86 13.78 -33.90
C GLU C 416 -26.53 13.04 -33.87
N GLU C 417 -26.57 11.76 -34.22
CA GLU C 417 -25.36 10.94 -34.29
C GLU C 417 -24.65 11.21 -35.60
N ARG C 418 -23.34 11.50 -35.52
CA ARG C 418 -22.55 11.88 -36.68
C ARG C 418 -21.21 11.14 -36.67
N GLN C 419 -20.67 10.96 -37.87
CA GLN C 419 -19.36 10.36 -38.09
C GLN C 419 -18.34 11.44 -38.41
N ILE C 420 -17.10 11.22 -37.98
CA ILE C 420 -15.99 12.15 -38.20
C ILE C 420 -14.88 11.40 -38.90
N PHE C 421 -14.39 11.97 -40.00
CA PHE C 421 -13.25 11.40 -40.71
C PHE C 421 -12.76 12.40 -41.73
N LYS C 422 -11.45 12.44 -41.92
CA LYS C 422 -10.84 13.28 -42.95
C LYS C 422 -10.64 12.47 -44.22
N ASN C 423 -10.56 13.18 -45.35
CA ASN C 423 -10.36 12.56 -46.65
C ASN C 423 -9.64 13.55 -47.56
N PRO C 424 -8.34 13.77 -47.32
CA PRO C 424 -7.62 14.81 -48.06
C PRO C 424 -7.38 14.40 -49.51
N LYS C 425 -7.52 15.37 -50.41
CA LYS C 425 -7.16 15.15 -51.81
C LYS C 425 -5.64 15.15 -51.98
N THR C 426 -4.92 15.83 -51.09
CA THR C 426 -3.46 15.85 -51.14
C THR C 426 -2.83 14.61 -50.53
N ASP C 427 -3.64 13.71 -49.96
CA ASP C 427 -3.19 12.41 -49.50
C ASP C 427 -3.50 11.37 -50.57
N ASP C 428 -2.62 10.39 -50.71
CA ASP C 428 -2.79 9.34 -51.70
C ASP C 428 -4.05 8.52 -51.45
N LYS C 432 -7.73 3.62 -45.53
CA LYS C 432 -9.11 3.89 -45.15
C LYS C 432 -9.21 4.33 -43.70
N SER C 433 -10.42 4.64 -43.27
CA SER C 433 -10.64 5.27 -41.97
C SER C 433 -11.79 4.56 -41.25
N GLN C 434 -11.76 4.64 -39.91
CA GLN C 434 -12.88 4.19 -39.11
C GLN C 434 -13.93 5.30 -39.01
N LYS C 435 -15.21 4.89 -38.98
CA LYS C 435 -16.33 5.82 -38.92
C LYS C 435 -17.30 5.37 -37.85
N GLY C 436 -17.79 6.33 -37.06
CA GLY C 436 -18.82 6.05 -36.07
C GLY C 436 -18.29 5.19 -34.94
N LEU C 437 -19.23 4.67 -34.16
CA LEU C 437 -18.89 3.74 -33.09
C LEU C 437 -18.30 2.47 -33.69
N VAL C 438 -17.42 1.82 -32.94
CA VAL C 438 -16.71 0.65 -33.41
C VAL C 438 -16.89 -0.49 -32.41
N ALA C 439 -16.62 -1.70 -32.89
CA ALA C 439 -16.60 -2.89 -32.07
C ALA C 439 -15.61 -3.87 -32.69
N VAL C 440 -15.09 -4.77 -31.87
CA VAL C 440 -14.16 -5.79 -32.33
C VAL C 440 -14.79 -7.14 -32.02
N VAL C 441 -14.97 -7.96 -33.06
CA VAL C 441 -15.68 -9.22 -32.93
C VAL C 441 -14.75 -10.37 -33.32
N ASN C 442 -14.88 -11.48 -32.59
CA ASN C 442 -14.18 -12.71 -32.92
C ASN C 442 -14.96 -13.41 -34.03
N ASN C 443 -14.39 -13.47 -35.23
CA ASN C 443 -15.10 -14.04 -36.37
C ASN C 443 -14.32 -15.25 -36.86
N GLY C 444 -14.60 -16.40 -36.25
CA GLY C 444 -13.86 -17.60 -36.59
C GLY C 444 -12.48 -17.60 -35.97
N ASN C 445 -11.46 -17.35 -36.79
CA ASN C 445 -10.08 -17.41 -36.34
C ASN C 445 -9.55 -16.06 -35.84
N GLU C 446 -9.95 -14.97 -36.48
CA GLU C 446 -9.33 -13.68 -36.22
C GLU C 446 -10.32 -12.65 -35.70
N LEU C 447 -9.77 -11.60 -35.11
CA LEU C 447 -10.54 -10.45 -34.67
C LEU C 447 -10.74 -9.47 -35.82
N SER C 448 -11.95 -8.94 -35.94
CA SER C 448 -12.28 -8.03 -37.02
C SER C 448 -12.96 -6.79 -36.48
N LEU C 449 -12.70 -5.67 -37.15
CA LEU C 449 -13.36 -4.40 -36.84
C LEU C 449 -14.73 -4.35 -37.49
N VAL C 450 -15.70 -3.85 -36.74
CA VAL C 450 -17.00 -3.46 -37.27
C VAL C 450 -17.20 -1.99 -36.90
N ASP C 451 -17.44 -1.16 -37.92
CA ASP C 451 -17.66 0.26 -37.68
C ASP C 451 -18.93 0.72 -38.38
N GLU C 452 -19.12 2.03 -38.48
CA GLU C 452 -20.34 2.62 -39.02
C GLU C 452 -21.56 2.24 -38.18
N LEU C 453 -21.35 2.14 -36.87
CA LEU C 453 -22.38 1.69 -35.95
C LEU C 453 -22.95 2.90 -35.22
N ASP C 454 -24.26 3.07 -35.26
CA ASP C 454 -24.89 4.01 -34.35
C ASP C 454 -25.03 3.35 -32.98
N ARG C 455 -25.60 4.07 -32.02
CA ARG C 455 -25.70 3.55 -30.67
C ARG C 455 -26.55 2.29 -30.62
N ASN C 456 -27.64 2.25 -31.41
CA ASN C 456 -28.51 1.09 -31.41
C ASN C 456 -27.77 -0.17 -31.87
N ALA C 457 -27.12 -0.10 -33.03
CA ALA C 457 -26.38 -1.25 -33.54
C ALA C 457 -25.19 -1.59 -32.66
N TYR C 458 -24.59 -0.58 -32.02
CA TYR C 458 -23.50 -0.81 -31.09
C TYR C 458 -23.97 -1.65 -29.90
N LYS C 459 -25.13 -1.29 -29.34
CA LYS C 459 -25.69 -2.08 -28.24
C LYS C 459 -26.10 -3.47 -28.71
N GLN C 460 -26.58 -3.58 -29.95
CA GLN C 460 -26.92 -4.90 -30.50
C GLN C 460 -25.71 -5.81 -30.56
N LEU C 461 -24.55 -5.27 -30.91
CA LEU C 461 -23.33 -6.05 -31.10
C LEU C 461 -22.53 -6.25 -29.81
N SER C 462 -22.95 -5.66 -28.69
CA SER C 462 -22.10 -5.64 -27.50
C SER C 462 -21.85 -7.03 -26.93
N ASN C 463 -22.66 -8.02 -27.28
CA ASN C 463 -22.39 -9.39 -26.84
C ASN C 463 -21.13 -9.94 -27.52
N ASP C 464 -20.84 -9.50 -28.74
CA ASP C 464 -19.69 -9.96 -29.49
C ASP C 464 -18.50 -9.01 -29.40
N ASP C 465 -18.69 -7.82 -28.82
CA ASP C 465 -17.60 -6.86 -28.69
C ASP C 465 -16.63 -7.32 -27.62
N ILE C 466 -15.37 -7.54 -28.00
CA ILE C 466 -14.35 -7.97 -27.03
C ILE C 466 -13.75 -6.80 -26.28
N LEU C 467 -14.13 -5.58 -26.59
CA LEU C 467 -13.79 -4.45 -25.74
C LEU C 467 -14.62 -4.51 -24.46
N GLU C 468 -13.96 -4.34 -23.32
CA GLU C 468 -14.62 -4.42 -22.02
C GLU C 468 -14.51 -3.10 -21.31
N ASP C 469 -15.49 -2.82 -20.45
CA ASP C 469 -15.45 -1.62 -19.61
C ASP C 469 -14.22 -1.67 -18.71
N VAL C 470 -13.35 -0.66 -18.84
CA VAL C 470 -12.15 -0.57 -18.05
C VAL C 470 -12.23 0.58 -17.04
N PHE C 471 -12.70 1.75 -17.46
CA PHE C 471 -12.70 2.89 -16.55
C PHE C 471 -13.91 3.77 -16.84
N ILE C 472 -14.83 3.89 -15.88
CA ILE C 472 -15.98 4.78 -16.01
C ILE C 472 -16.09 5.64 -14.76
N ASN C 473 -16.14 6.97 -14.97
CA ASN C 473 -16.51 7.93 -13.93
C ASN C 473 -15.68 7.76 -12.66
N GLY C 474 -14.38 7.56 -12.83
CA GLY C 474 -13.47 7.46 -11.72
C GLY C 474 -13.30 6.07 -11.14
N GLN C 475 -14.11 5.11 -11.55
CA GLN C 475 -14.05 3.75 -11.04
C GLN C 475 -13.24 2.88 -12.01
N LEU C 476 -12.24 2.19 -11.48
CA LEU C 476 -11.49 1.20 -12.26
C LEU C 476 -12.25 -0.12 -12.22
N LEU C 477 -12.79 -0.53 -13.37
CA LEU C 477 -13.65 -1.69 -13.43
C LEU C 477 -12.94 -2.97 -13.83
N ARG C 478 -11.78 -2.88 -14.47
CA ARG C 478 -10.97 -4.05 -14.78
C ARG C 478 -9.57 -3.85 -14.21
N ASN C 479 -9.10 -4.83 -13.44
CA ASN C 479 -7.79 -4.77 -12.79
C ASN C 479 -7.05 -6.06 -13.10
N GLN C 480 -6.39 -6.08 -14.26
CA GLN C 480 -5.66 -7.27 -14.69
C GLN C 480 -4.37 -7.42 -13.90
N THR C 481 -3.94 -8.66 -13.73
CA THR C 481 -2.65 -8.94 -13.10
C THR C 481 -1.62 -9.33 -14.16
N LEU C 482 -0.35 -9.16 -13.78
CA LEU C 482 0.74 -9.57 -14.65
C LEU C 482 0.66 -11.04 -15.00
N SER C 483 0.32 -11.89 -14.02
CA SER C 483 0.21 -13.32 -14.28
C SER C 483 -0.87 -13.61 -15.32
N GLU C 484 -2.02 -12.94 -15.21
CA GLU C 484 -3.09 -13.13 -16.19
C GLU C 484 -2.65 -12.68 -17.57
N ILE C 485 -1.95 -11.53 -17.66
CA ILE C 485 -1.53 -11.03 -18.96
C ILE C 485 -0.52 -11.97 -19.60
N ARG C 486 0.45 -12.44 -18.81
CA ARG C 486 1.43 -13.41 -19.32
C ARG C 486 0.73 -14.68 -19.78
N GLU C 487 -0.23 -15.16 -19.00
CA GLU C 487 -0.98 -16.36 -19.37
C GLU C 487 -1.74 -16.15 -20.68
N LEU C 488 -2.41 -15.01 -20.82
CA LEU C 488 -3.17 -14.75 -22.04
C LEU C 488 -2.25 -14.64 -23.25
N LEU C 489 -1.08 -14.04 -23.06
CA LEU C 489 -0.16 -13.84 -24.18
C LEU C 489 0.46 -15.14 -24.65
N LEU C 490 0.88 -15.99 -23.71
CA LEU C 490 1.63 -17.20 -24.04
C LEU C 490 0.85 -18.49 -23.85
N ASP C 491 -0.31 -18.44 -23.19
CA ASP C 491 -1.09 -19.65 -22.88
C ASP C 491 -0.24 -20.70 -22.16
N MET D 1 1.09 1.12 -5.93
CA MET D 1 0.04 2.07 -5.61
C MET D 1 0.42 3.45 -6.18
N THR D 2 -0.10 4.49 -5.54
CA THR D 2 0.42 5.84 -5.77
C THR D 2 1.73 6.04 -5.02
N LYS D 3 1.75 5.68 -3.73
CA LYS D 3 2.94 5.85 -2.90
C LYS D 3 3.89 4.70 -3.08
N TYR D 4 3.76 3.95 -4.17
CA TYR D 4 4.79 2.97 -4.48
C TYR D 4 6.08 3.75 -4.68
N THR D 5 7.09 3.39 -3.91
CA THR D 5 8.34 4.12 -3.89
C THR D 5 9.39 3.26 -4.57
N TYR D 6 9.88 3.72 -5.73
CA TYR D 6 10.99 3.05 -6.39
C TYR D 6 12.25 3.45 -5.65
N PRO D 7 12.91 2.50 -4.98
CA PRO D 7 14.06 2.85 -4.15
C PRO D 7 15.10 3.62 -4.94
N ALA D 8 15.57 4.73 -4.35
CA ALA D 8 16.57 5.55 -5.02
C ALA D 8 17.85 4.77 -5.27
N THR D 9 18.07 3.68 -4.54
CA THR D 9 19.25 2.85 -4.66
C THR D 9 19.11 1.74 -5.69
N LEU D 10 17.96 1.64 -6.36
CA LEU D 10 17.73 0.58 -7.35
C LEU D 10 17.27 1.15 -8.69
N LEU D 11 17.71 2.36 -9.02
CA LEU D 11 17.45 2.96 -10.33
C LEU D 11 18.68 2.79 -11.21
N CYS D 12 18.89 1.56 -11.66
CA CYS D 12 20.12 1.21 -12.36
C CYS D 12 19.95 -0.16 -13.00
N ASP D 13 20.98 -0.57 -13.73
CA ASP D 13 21.06 -1.96 -14.18
C ASP D 13 21.32 -2.87 -12.99
N PHE D 14 20.79 -4.10 -13.06
CA PHE D 14 20.92 -5.04 -11.96
C PHE D 14 22.37 -5.27 -11.56
N TYR D 15 23.26 -5.45 -12.54
CA TYR D 15 24.64 -5.83 -12.26
C TYR D 15 25.44 -4.67 -11.66
N LYS D 16 24.95 -3.44 -11.79
CA LYS D 16 25.52 -2.32 -11.04
C LYS D 16 25.51 -2.62 -9.55
N VAL D 17 24.52 -3.36 -9.07
CA VAL D 17 24.45 -3.73 -7.67
C VAL D 17 25.57 -4.71 -7.30
N SER D 18 25.92 -5.63 -8.21
CA SER D 18 26.94 -6.62 -7.92
C SER D 18 28.37 -6.09 -8.10
N HIS D 19 28.53 -4.95 -8.75
CA HIS D 19 29.90 -4.50 -9.07
C HIS D 19 30.72 -4.13 -7.82
N LYS D 20 30.08 -3.65 -6.75
CA LYS D 20 30.85 -3.15 -5.60
C LYS D 20 31.84 -4.19 -5.09
N GLU D 21 31.39 -5.44 -4.96
CA GLU D 21 32.24 -6.50 -4.45
C GLU D 21 33.24 -7.02 -5.47
N GLN D 22 33.15 -6.63 -6.74
CA GLN D 22 34.07 -7.12 -7.74
C GLN D 22 35.31 -6.25 -7.92
N TYR D 23 35.27 -5.01 -7.46
CA TYR D 23 36.41 -4.12 -7.60
C TYR D 23 37.59 -4.66 -6.77
N PRO D 24 38.82 -4.35 -7.17
CA PRO D 24 39.97 -4.82 -6.38
C PRO D 24 39.95 -4.22 -4.98
N GLU D 25 40.57 -4.95 -4.06
CA GLU D 25 40.66 -4.48 -2.68
C GLU D 25 41.31 -3.10 -2.63
N GLY D 26 40.79 -2.24 -1.77
CA GLY D 26 41.36 -0.93 -1.59
C GLY D 26 40.98 0.09 -2.64
N THR D 27 40.04 -0.23 -3.52
CA THR D 27 39.57 0.78 -4.47
C THR D 27 39.02 1.98 -3.71
N GLU D 28 39.60 3.14 -4.00
CA GLU D 28 39.25 4.37 -3.31
C GLU D 28 38.57 5.39 -4.19
N LEU D 29 38.77 5.35 -5.51
CA LEU D 29 38.12 6.33 -6.36
C LEU D 29 37.78 5.75 -7.71
N ILE D 30 36.58 6.05 -8.20
CA ILE D 30 36.17 5.76 -9.57
C ILE D 30 35.67 7.07 -10.20
N TYR D 31 36.20 7.39 -11.38
CA TYR D 31 35.96 8.66 -12.06
C TYR D 31 35.57 8.36 -13.49
N SER D 32 34.41 8.90 -13.90
CA SER D 32 33.77 8.60 -15.17
C SER D 32 33.44 9.89 -15.90
N THR D 33 33.34 9.77 -17.23
CA THR D 33 33.07 10.87 -18.13
C THR D 33 31.86 10.56 -19.00
N TRP D 34 31.22 11.61 -19.49
CA TRP D 34 30.06 11.51 -20.38
C TRP D 34 30.47 12.13 -21.71
N THR D 35 30.56 11.31 -22.76
CA THR D 35 31.08 11.84 -24.00
C THR D 35 30.17 11.47 -25.17
N PRO D 36 29.88 12.43 -26.07
CA PRO D 36 29.33 12.07 -27.39
C PRO D 36 30.47 11.69 -28.33
N ARG D 37 30.60 10.39 -28.61
CA ARG D 37 31.79 9.90 -29.30
C ARG D 37 31.67 9.91 -30.82
N THR D 38 30.47 10.03 -31.36
CA THR D 38 30.30 10.06 -32.81
C THR D 38 28.99 10.76 -33.14
N SER D 39 28.85 11.15 -34.41
CA SER D 39 27.63 11.77 -34.90
C SER D 39 27.06 10.94 -36.04
N ARG D 40 25.78 10.58 -35.92
CA ARG D 40 25.06 9.91 -36.99
C ARG D 40 24.12 10.83 -37.73
N VAL D 41 24.23 12.13 -37.51
CA VAL D 41 23.43 13.14 -38.19
C VAL D 41 24.36 13.95 -39.09
N GLU D 42 24.01 14.06 -40.37
CA GLU D 42 24.86 14.73 -41.34
C GLU D 42 25.02 16.21 -40.99
N ASP D 43 26.21 16.73 -41.22
CA ASP D 43 26.59 18.13 -41.01
C ASP D 43 26.55 18.55 -39.55
N ILE D 44 26.41 17.61 -38.62
CA ILE D 44 26.40 17.91 -37.20
C ILE D 44 27.64 17.29 -36.58
N ASP D 45 28.57 18.14 -36.15
CA ASP D 45 29.79 17.68 -35.49
C ASP D 45 29.95 18.23 -34.08
N ARG D 46 28.96 18.97 -33.58
CA ARG D 46 28.94 19.43 -32.21
C ARG D 46 27.53 19.23 -31.66
N VAL D 47 27.44 19.09 -30.35
CA VAL D 47 26.15 18.95 -29.68
C VAL D 47 25.97 20.14 -28.75
N VAL D 48 24.70 20.45 -28.48
CA VAL D 48 24.33 21.47 -27.51
C VAL D 48 24.20 20.78 -26.15
N ALA D 49 25.10 21.08 -25.23
CA ALA D 49 25.05 20.48 -23.91
C ALA D 49 23.82 20.98 -23.17
N PHE D 50 22.91 20.07 -22.81
CA PHE D 50 21.72 20.47 -22.07
C PHE D 50 21.16 19.28 -21.32
N GLY D 51 20.82 19.51 -20.05
CA GLY D 51 20.06 18.54 -19.29
C GLY D 51 20.60 18.24 -17.90
N PHE D 52 21.88 18.53 -17.66
CA PHE D 52 22.52 18.09 -16.42
C PHE D 52 21.82 18.67 -15.20
N GLN D 53 21.47 19.96 -15.25
CA GLN D 53 20.86 20.62 -14.10
C GLN D 53 19.52 19.99 -13.75
N GLY D 54 18.68 19.71 -14.76
CA GLY D 54 17.39 19.10 -14.49
C GLY D 54 17.53 17.72 -13.85
N PHE D 55 18.48 16.92 -14.35
CA PHE D 55 18.71 15.61 -13.74
C PHE D 55 19.21 15.75 -12.31
N ILE D 56 20.18 16.64 -12.08
CA ILE D 56 20.78 16.78 -10.75
C ILE D 56 19.73 17.22 -9.75
N LYS D 57 18.95 18.25 -10.10
CA LYS D 57 17.91 18.74 -9.21
C LYS D 57 16.83 17.68 -8.98
N LYS D 58 16.41 17.01 -10.06
CA LYS D 58 15.25 16.12 -9.93
C LYS D 58 15.59 14.84 -9.19
N TYR D 59 16.73 14.23 -9.47
CA TYR D 59 17.05 12.92 -8.91
C TYR D 59 18.09 12.97 -7.81
N LEU D 60 19.24 13.59 -8.07
CA LEU D 60 20.29 13.61 -7.07
C LEU D 60 19.90 14.43 -5.84
N ILE D 61 19.13 15.49 -6.02
CA ILE D 61 18.74 16.34 -4.90
C ILE D 61 17.35 15.96 -4.41
N ASP D 62 16.33 16.16 -5.25
CA ASP D 62 14.96 15.99 -4.81
C ASP D 62 14.66 14.53 -4.49
N TYR D 63 14.95 13.63 -5.43
CA TYR D 63 14.56 12.23 -5.27
C TYR D 63 15.30 11.58 -4.11
N PHE D 64 16.61 11.78 -4.03
CA PHE D 64 17.39 11.10 -3.00
C PHE D 64 17.05 11.63 -1.61
N ASN D 65 16.81 12.93 -1.48
CA ASN D 65 16.43 13.48 -0.19
C ASN D 65 15.03 13.02 0.20
N GLU D 66 14.06 13.13 -0.72
CA GLU D 66 12.67 12.85 -0.40
C GLU D 66 12.42 11.38 -0.17
N ASN D 67 13.04 10.51 -0.97
CA ASN D 67 12.76 9.08 -0.93
C ASN D 67 13.83 8.25 -0.26
N PHE D 68 15.04 8.79 -0.03
CA PHE D 68 16.07 8.03 0.66
C PHE D 68 16.50 8.67 1.98
N PHE D 69 17.01 9.91 1.95
CA PHE D 69 17.69 10.45 3.14
C PHE D 69 16.70 10.86 4.22
N LYS D 70 15.61 11.52 3.84
CA LYS D 70 14.61 11.99 4.78
C LYS D 70 13.69 10.87 5.28
N ARG D 71 13.96 9.64 4.91
CA ARG D 71 13.15 8.51 5.33
C ARG D 71 13.90 7.69 6.38
N PRO D 72 13.18 6.93 7.21
CA PRO D 72 13.88 6.14 8.25
C PRO D 72 14.84 5.13 7.63
N LYS D 73 15.95 4.90 8.33
CA LYS D 73 17.01 4.04 7.81
C LYS D 73 16.49 2.62 7.58
N GLN D 74 15.70 2.09 8.51
CA GLN D 74 15.18 0.74 8.36
C GLN D 74 14.33 0.60 7.11
N ASP D 75 13.60 1.66 6.74
CA ASP D 75 12.71 1.58 5.58
C ASP D 75 13.49 1.43 4.27
N VAL D 76 14.51 2.27 4.06
CA VAL D 76 15.30 2.16 2.83
C VAL D 76 16.07 0.83 2.82
N VAL D 77 16.60 0.41 3.98
CA VAL D 77 17.28 -0.88 4.04
C VAL D 77 16.32 -2.01 3.65
N ASN D 78 15.09 -1.96 4.16
CA ASN D 78 14.13 -3.04 3.89
C ASN D 78 13.71 -3.05 2.43
N GLU D 79 13.46 -1.89 1.83
CA GLU D 79 13.09 -1.88 0.41
C GLU D 79 14.22 -2.47 -0.44
N TYR D 80 15.46 -2.08 -0.16
CA TYR D 80 16.60 -2.60 -0.92
C TYR D 80 16.73 -4.10 -0.73
N LYS D 81 16.67 -4.57 0.51
CA LYS D 81 16.83 -5.99 0.79
C LYS D 81 15.71 -6.80 0.16
N ARG D 82 14.48 -6.29 0.21
CA ARG D 82 13.35 -6.98 -0.41
C ARG D 82 13.60 -7.19 -1.89
N VAL D 83 13.95 -6.13 -2.62
CA VAL D 83 14.12 -6.28 -4.07
C VAL D 83 15.29 -7.22 -4.37
N ILE D 84 16.45 -6.98 -3.73
CA ILE D 84 17.62 -7.81 -4.02
C ILE D 84 17.33 -9.27 -3.70
N LYS D 85 16.77 -9.53 -2.52
CA LYS D 85 16.47 -10.89 -2.09
C LYS D 85 15.57 -11.61 -3.09
N HIS D 86 14.46 -10.97 -3.48
CA HIS D 86 13.47 -11.69 -4.27
C HIS D 86 13.69 -11.59 -5.77
N THR D 87 14.71 -10.87 -6.24
CA THR D 87 15.03 -10.85 -7.67
C THR D 87 16.40 -11.40 -8.02
N LEU D 88 17.40 -11.26 -7.16
CA LEU D 88 18.72 -11.84 -7.41
C LEU D 88 18.93 -13.14 -6.62
N GLN D 89 17.87 -13.68 -6.02
CA GLN D 89 17.90 -14.98 -5.37
C GLN D 89 18.98 -15.06 -4.29
N VAL D 90 19.14 -13.97 -3.55
CA VAL D 90 20.02 -13.91 -2.39
C VAL D 90 19.16 -14.09 -1.14
N ASP D 91 19.55 -15.01 -0.27
CA ASP D 91 18.75 -15.25 0.92
C ASP D 91 18.86 -14.10 1.92
N ASP D 92 20.07 -13.61 2.16
CA ASP D 92 20.31 -12.51 3.10
C ASP D 92 21.24 -11.49 2.45
N PRO D 93 20.69 -10.56 1.67
CA PRO D 93 21.54 -9.58 1.00
C PRO D 93 22.24 -8.67 1.99
N ASP D 94 23.47 -8.27 1.65
CA ASP D 94 24.17 -7.25 2.40
C ASP D 94 23.67 -5.88 2.00
N ALA D 95 23.27 -5.07 2.99
CA ALA D 95 22.86 -3.70 2.76
C ALA D 95 23.61 -2.73 3.67
N SER D 96 24.76 -3.16 4.21
CA SER D 96 25.51 -2.29 5.10
C SER D 96 25.98 -1.02 4.39
N HIS D 97 26.23 -1.10 3.08
CA HIS D 97 26.62 0.10 2.35
C HIS D 97 25.44 1.06 2.18
N ILE D 98 24.24 0.54 1.93
CA ILE D 98 23.04 1.38 1.90
C ILE D 98 22.85 2.06 3.26
N GLU D 99 23.02 1.27 4.32
CA GLU D 99 22.92 1.79 5.69
C GLU D 99 23.93 2.91 5.94
N SER D 100 25.17 2.70 5.49
CA SER D 100 26.22 3.70 5.71
C SER D 100 25.94 4.97 4.90
N LEU D 101 25.45 4.83 3.67
CA LEU D 101 25.09 6.00 2.88
C LEU D 101 23.97 6.78 3.56
N HIS D 102 22.96 6.09 4.09
CA HIS D 102 21.90 6.79 4.80
C HIS D 102 22.41 7.49 6.04
N GLU D 103 23.31 6.84 6.79
CA GLU D 103 23.91 7.49 7.95
C GLU D 103 24.72 8.71 7.54
N LEU D 104 25.34 8.69 6.37
CA LEU D 104 26.13 9.83 5.91
C LEU D 104 25.26 11.07 5.70
N GLY D 105 24.09 10.89 5.08
CA GLY D 105 23.12 11.96 4.96
C GLY D 105 23.12 12.72 3.65
N TYR D 106 24.05 12.42 2.73
CA TYR D 106 24.12 13.11 1.45
C TYR D 106 24.90 12.24 0.48
N LEU D 107 24.78 12.55 -0.80
CA LEU D 107 25.51 11.82 -1.82
C LEU D 107 26.97 12.28 -1.82
N PRO D 108 27.93 11.40 -1.52
CA PRO D 108 29.36 11.79 -1.51
C PRO D 108 29.93 11.75 -2.92
N ILE D 109 29.55 12.75 -3.71
CA ILE D 109 29.69 12.72 -5.16
C ILE D 109 30.10 14.11 -5.64
N LYS D 110 30.94 14.14 -6.67
CA LYS D 110 31.34 15.39 -7.31
C LYS D 110 31.11 15.27 -8.81
N ILE D 111 30.31 16.18 -9.34
CA ILE D 111 29.98 16.26 -10.75
C ILE D 111 30.42 17.61 -11.28
N LYS D 112 31.21 17.56 -12.35
CA LYS D 112 31.61 18.72 -13.14
C LYS D 112 30.92 18.64 -14.50
N ALA D 113 30.59 19.80 -15.06
CA ALA D 113 29.97 19.82 -16.37
C ALA D 113 30.26 21.14 -17.07
N VAL D 114 30.29 21.10 -18.40
CA VAL D 114 30.35 22.34 -19.15
C VAL D 114 29.06 23.12 -18.92
N LYS D 115 29.11 24.42 -19.21
CA LYS D 115 27.90 25.22 -19.15
C LYS D 115 26.89 24.70 -20.17
N GLU D 116 25.65 24.53 -19.72
CA GLU D 116 24.60 24.15 -20.65
C GLU D 116 24.38 25.30 -21.64
N GLY D 117 24.21 24.95 -22.91
CA GLY D 117 24.22 25.90 -24.00
C GLY D 117 25.52 25.94 -24.77
N THR D 118 26.59 25.36 -24.23
CA THR D 118 27.88 25.33 -24.91
C THR D 118 27.89 24.28 -26.01
N PHE D 119 28.54 24.59 -27.12
CA PHE D 119 28.75 23.62 -28.19
C PHE D 119 29.94 22.74 -27.86
N ILE D 120 29.70 21.43 -27.80
CA ILE D 120 30.73 20.45 -27.45
C ILE D 120 30.99 19.61 -28.69
N PRO D 121 32.20 19.65 -29.27
CA PRO D 121 32.48 18.82 -30.44
C PRO D 121 32.43 17.34 -30.12
N ILE D 122 32.20 16.55 -31.17
CA ILE D 122 32.27 15.10 -31.05
C ILE D 122 33.62 14.71 -30.46
N LYS D 123 33.61 13.72 -29.57
CA LYS D 123 34.80 13.15 -28.91
C LYS D 123 35.37 14.04 -27.82
N VAL D 124 34.61 15.03 -27.37
CA VAL D 124 35.00 15.89 -26.26
C VAL D 124 34.02 15.64 -25.10
N PRO D 125 34.51 15.30 -23.91
CA PRO D 125 33.60 15.08 -22.79
C PRO D 125 32.91 16.37 -22.37
N MET D 126 31.72 16.22 -21.81
CA MET D 126 30.96 17.37 -21.32
C MET D 126 30.60 17.29 -19.85
N LEU D 127 30.84 16.16 -19.19
CA LEU D 127 30.49 15.98 -17.80
C LEU D 127 31.39 14.90 -17.22
N THR D 128 31.78 15.06 -15.95
CA THR D 128 32.46 14.01 -15.22
C THR D 128 31.83 13.85 -13.85
N ILE D 129 31.89 12.63 -13.33
CA ILE D 129 31.38 12.30 -12.00
C ILE D 129 32.40 11.43 -11.29
N GLU D 130 32.53 11.64 -9.98
CA GLU D 130 33.41 10.82 -9.16
C GLU D 130 32.85 10.80 -7.74
N ASN D 131 33.41 9.93 -6.91
CA ASN D 131 33.08 9.91 -5.49
C ASN D 131 34.08 10.77 -4.73
N THR D 132 33.64 11.30 -3.57
CA THR D 132 34.46 12.16 -2.75
C THR D 132 34.86 11.53 -1.43
N ILE D 133 34.38 10.33 -1.13
CA ILE D 133 34.82 9.59 0.05
C ILE D 133 35.21 8.19 -0.41
N PRO D 134 36.41 7.71 -0.05
CA PRO D 134 36.87 6.42 -0.62
C PRO D 134 35.92 5.26 -0.37
N GLU D 135 35.32 5.20 0.83
CA GLU D 135 34.44 4.08 1.16
C GLU D 135 33.30 3.95 0.17
N PHE D 136 32.86 5.07 -0.41
CA PHE D 136 31.73 5.08 -1.34
C PHE D 136 32.18 5.08 -2.80
N PHE D 137 33.35 4.51 -3.08
CA PHE D 137 33.83 4.32 -4.45
C PHE D 137 32.75 3.73 -5.36
N TRP D 138 31.90 2.87 -4.79
CA TRP D 138 30.90 2.14 -5.57
C TRP D 138 29.77 3.02 -6.05
N ILE D 139 29.61 4.22 -5.50
CA ILE D 139 28.45 5.03 -5.85
C ILE D 139 28.55 5.55 -7.27
N THR D 140 29.76 5.93 -7.71
CA THR D 140 29.95 6.50 -9.05
C THR D 140 29.39 5.56 -10.11
N ASN D 141 29.94 4.36 -10.18
CA ASN D 141 29.45 3.35 -11.11
C ASN D 141 27.94 3.19 -11.00
N TYR D 142 27.42 3.16 -9.76
CA TYR D 142 25.99 2.93 -9.57
C TYR D 142 25.16 3.94 -10.34
N LEU D 143 25.58 5.20 -10.33
CA LEU D 143 24.73 6.23 -10.89
C LEU D 143 24.81 6.30 -12.41
N GLU D 144 25.66 5.50 -13.04
CA GLU D 144 25.91 5.67 -14.46
C GLU D 144 24.66 5.39 -15.30
N THR D 145 23.93 4.33 -14.96
CA THR D 145 22.75 3.96 -15.74
C THR D 145 21.73 5.10 -15.76
N LEU D 146 21.21 5.48 -14.59
CA LEU D 146 20.13 6.46 -14.52
C LEU D 146 20.56 7.78 -15.16
N MET D 147 21.75 8.28 -14.81
CA MET D 147 22.25 9.49 -15.44
C MET D 147 22.18 9.38 -16.95
N SER D 148 22.74 8.29 -17.50
CA SER D 148 22.65 8.09 -18.94
C SER D 148 21.20 8.17 -19.37
N ASN D 149 20.35 7.36 -18.71
CA ASN D 149 18.94 7.26 -19.07
C ASN D 149 18.27 8.62 -19.14
N GLU D 150 18.77 9.59 -18.38
CA GLU D 150 18.04 10.85 -18.27
C GLU D 150 18.62 11.99 -19.10
N ILE D 151 19.86 11.92 -19.55
CA ILE D 151 20.51 13.11 -20.10
C ILE D 151 20.87 13.03 -21.57
N TRP D 152 20.78 11.87 -22.21
CA TRP D 152 21.10 11.84 -23.64
C TRP D 152 19.98 12.46 -24.48
N GLN D 153 18.73 12.22 -24.10
CA GLN D 153 17.61 12.78 -24.86
C GLN D 153 17.56 14.29 -24.82
N PRO D 154 17.62 14.98 -23.67
CA PRO D 154 17.52 16.45 -23.69
C PRO D 154 18.63 17.11 -24.49
N THR D 155 19.83 16.56 -24.47
CA THR D 155 20.88 17.11 -25.32
C THR D 155 20.59 16.85 -26.79
N THR D 156 20.22 15.60 -27.12
CA THR D 156 19.95 15.25 -28.50
C THR D 156 18.92 16.19 -29.11
N SER D 157 17.77 16.35 -28.44
CA SER D 157 16.77 17.28 -28.93
C SER D 157 17.35 18.67 -29.09
N ALA D 158 18.04 19.15 -28.05
CA ALA D 158 18.62 20.49 -28.13
C ALA D 158 19.55 20.63 -29.31
N THR D 159 20.26 19.55 -29.66
CA THR D 159 21.12 19.60 -30.83
C THR D 159 20.28 19.62 -32.10
N LEU D 160 19.30 18.71 -32.22
CA LEU D 160 18.49 18.66 -33.44
C LEU D 160 17.73 19.95 -33.61
N ALA D 161 17.13 20.45 -32.52
CA ALA D 161 16.49 21.76 -32.55
C ALA D 161 17.44 22.82 -33.09
N TYR D 162 18.68 22.87 -32.57
CA TYR D 162 19.57 23.93 -33.02
C TYR D 162 19.84 23.82 -34.51
N GLU D 163 19.84 22.59 -35.05
CA GLU D 163 20.09 22.44 -36.48
C GLU D 163 19.01 23.11 -37.30
N TYR D 164 17.76 23.06 -36.84
CA TYR D 164 16.73 23.88 -37.47
C TYR D 164 17.09 25.35 -37.31
N ARG D 165 17.39 25.77 -36.07
CA ARG D 165 17.70 27.16 -35.78
C ARG D 165 18.79 27.67 -36.73
N LYS D 166 19.91 26.94 -36.78
CA LYS D 166 20.99 27.27 -37.69
C LYS D 166 20.44 27.62 -39.07
N ILE D 167 19.76 26.67 -39.70
CA ILE D 167 19.26 26.91 -41.05
C ILE D 167 18.39 28.15 -41.05
N LEU D 168 17.41 28.18 -40.13
CA LEU D 168 16.47 29.28 -40.10
C LEU D 168 17.16 30.61 -39.81
N ASP D 169 18.24 30.59 -39.03
CA ASP D 169 18.96 31.84 -38.82
C ASP D 169 19.61 32.29 -40.11
N GLU D 170 20.36 31.40 -40.77
CA GLU D 170 21.14 31.82 -41.93
C GLU D 170 20.23 32.37 -43.01
N TYR D 171 19.21 31.61 -43.39
CA TYR D 171 18.28 32.07 -44.41
C TYR D 171 17.62 33.37 -43.99
N ALA D 172 17.29 33.52 -42.71
CA ALA D 172 16.74 34.80 -42.26
C ALA D 172 17.73 35.92 -42.56
N MET D 173 18.98 35.76 -42.12
CA MET D 173 19.99 36.79 -42.37
C MET D 173 20.16 37.03 -43.86
N GLU D 174 19.88 36.01 -44.68
CA GLU D 174 20.06 36.19 -46.11
C GLU D 174 18.83 36.80 -46.77
N THR D 175 17.63 36.51 -46.27
CA THR D 175 16.44 36.95 -46.97
C THR D 175 15.71 38.11 -46.29
N VAL D 176 15.97 38.35 -45.01
CA VAL D 176 15.38 39.46 -44.29
C VAL D 176 16.44 40.48 -43.86
N GLY D 177 17.54 40.00 -43.29
CA GLY D 177 18.55 40.85 -42.72
C GLY D 177 18.57 40.84 -41.21
N ASN D 178 17.63 40.15 -40.57
CA ASN D 178 17.59 39.99 -39.13
C ASN D 178 16.93 38.65 -38.83
N LYS D 179 17.01 38.22 -37.58
CA LYS D 179 16.50 36.92 -37.18
C LYS D 179 15.29 37.03 -36.24
N LEU D 180 14.58 38.16 -36.28
CA LEU D 180 13.53 38.41 -35.29
C LEU D 180 12.42 37.36 -35.36
N ALA D 181 12.09 36.90 -36.57
CA ALA D 181 10.98 35.97 -36.74
C ALA D 181 11.33 34.52 -36.39
N VAL D 182 12.62 34.21 -36.22
CA VAL D 182 13.05 32.81 -36.17
C VAL D 182 12.52 32.11 -34.92
N ASP D 183 12.43 32.82 -33.79
CA ASP D 183 12.06 32.19 -32.53
C ASP D 183 10.75 31.42 -32.62
N PHE D 184 9.84 31.86 -33.48
CA PHE D 184 8.55 31.22 -33.67
C PHE D 184 8.50 30.35 -34.92
N GLN D 185 9.60 30.23 -35.65
CA GLN D 185 9.63 29.44 -36.88
C GLN D 185 9.80 27.95 -36.62
N GLY D 186 10.34 27.57 -35.47
CA GLY D 186 10.39 26.18 -35.10
C GLY D 186 9.37 25.88 -34.02
N HIS D 187 8.35 25.08 -34.35
CA HIS D 187 7.25 24.82 -33.44
C HIS D 187 7.19 23.32 -33.13
N ASP D 188 7.30 23.00 -31.84
CA ASP D 188 7.29 21.62 -31.38
C ASP D 188 5.86 21.05 -31.43
N PHE D 189 5.66 20.00 -32.22
CA PHE D 189 4.39 19.32 -32.35
C PHE D 189 4.41 17.92 -31.77
N SER D 190 5.51 17.51 -31.14
CA SER D 190 5.88 16.11 -31.03
C SER D 190 5.30 15.37 -29.84
N MET D 191 4.60 16.05 -28.92
CA MET D 191 4.29 15.45 -27.62
C MET D 191 3.59 14.11 -27.75
N ARG D 192 2.56 14.04 -28.59
CA ARG D 192 1.81 12.79 -28.72
C ARG D 192 2.66 11.64 -29.23
N GLY D 193 3.82 11.93 -29.83
CA GLY D 193 4.70 10.91 -30.35
C GLY D 193 5.92 10.58 -29.49
N MET D 194 6.12 11.34 -28.42
CA MET D 194 7.16 10.98 -27.46
C MET D 194 6.72 9.74 -26.69
N SER D 195 7.71 9.00 -26.18
CA SER D 195 7.46 7.70 -25.57
C SER D 195 6.92 7.79 -24.15
N SER D 196 7.02 8.95 -23.51
CA SER D 196 6.54 9.13 -22.15
C SER D 196 6.47 10.61 -21.86
N LEU D 197 5.70 10.95 -20.81
CA LEU D 197 5.60 12.35 -20.41
C LEU D 197 6.95 12.92 -20.00
N GLU D 198 7.78 12.11 -19.33
CA GLU D 198 9.10 12.59 -18.91
C GLU D 198 9.98 12.89 -20.13
N SER D 199 10.01 11.97 -21.09
CA SER D 199 10.74 12.23 -22.33
C SER D 199 10.16 13.42 -23.07
N THR D 200 8.84 13.58 -23.01
CA THR D 200 8.21 14.77 -23.57
C THR D 200 8.80 16.04 -22.97
N LYS D 201 8.86 16.10 -21.63
CA LYS D 201 9.41 17.28 -20.97
C LYS D 201 10.86 17.52 -21.39
N LEU D 202 11.70 16.48 -21.32
CA LEU D 202 13.12 16.67 -21.58
C LEU D 202 13.37 17.11 -23.01
N SER D 203 12.73 16.44 -23.98
CA SER D 203 12.92 16.78 -25.38
C SER D 203 12.37 18.17 -25.70
N GLY D 204 11.20 18.51 -25.17
CA GLY D 204 10.63 19.82 -25.43
C GLY D 204 11.46 20.93 -24.83
N ALA D 205 12.06 20.70 -23.66
CA ALA D 205 12.96 21.70 -23.09
C ALA D 205 14.17 21.91 -23.99
N GLY D 206 14.76 20.80 -24.47
CA GLY D 206 15.82 20.92 -25.45
C GLY D 206 15.39 21.75 -26.65
N HIS D 207 14.17 21.53 -27.14
CA HIS D 207 13.65 22.33 -28.25
C HIS D 207 13.57 23.81 -27.88
N LEU D 208 13.09 24.11 -26.67
CA LEU D 208 12.87 25.49 -26.26
C LEU D 208 14.16 26.24 -26.03
N LEU D 209 15.29 25.55 -25.93
CA LEU D 209 16.57 26.27 -25.95
C LEU D 209 16.70 27.16 -27.19
N SER D 210 16.21 26.69 -28.34
CA SER D 210 16.44 27.37 -29.62
C SER D 210 15.25 28.20 -30.08
N PHE D 211 14.03 27.83 -29.67
CA PHE D 211 12.81 28.44 -30.17
C PHE D 211 11.89 28.77 -29.01
N THR D 212 10.95 29.68 -29.26
CA THR D 212 9.87 29.95 -28.32
C THR D 212 8.56 29.28 -28.70
N GLY D 213 8.38 28.90 -29.95
CA GLY D 213 7.16 28.25 -30.38
C GLY D 213 7.12 26.80 -29.95
N THR D 214 6.08 26.42 -29.23
CA THR D 214 5.88 25.02 -28.86
C THR D 214 4.40 24.81 -28.53
N ASP D 215 3.93 23.59 -28.80
CA ASP D 215 2.64 23.14 -28.31
C ASP D 215 2.77 22.28 -27.08
N THR D 216 4.01 21.99 -26.65
CA THR D 216 4.28 21.09 -25.54
C THR D 216 4.35 21.90 -24.25
N ILE D 217 3.18 22.09 -23.63
CA ILE D 217 3.11 22.84 -22.37
C ILE D 217 4.02 22.26 -21.29
N PRO D 218 4.06 20.94 -21.06
CA PRO D 218 4.94 20.42 -20.01
C PRO D 218 6.40 20.82 -20.17
N ALA D 219 6.86 21.06 -21.40
CA ALA D 219 8.23 21.55 -21.58
C ALA D 219 8.41 22.95 -21.01
N ILE D 220 7.45 23.84 -21.30
CA ILE D 220 7.47 25.17 -20.72
C ILE D 220 7.54 25.07 -19.20
N LEU D 221 6.68 24.24 -18.63
CA LEU D 221 6.64 24.15 -17.17
C LEU D 221 7.87 23.44 -16.62
N TYR D 222 8.52 22.58 -17.41
CA TYR D 222 9.80 22.01 -17.00
C TYR D 222 10.85 23.09 -16.86
N HIS D 223 10.92 24.00 -17.83
CA HIS D 223 11.88 25.08 -17.71
C HIS D 223 11.56 25.96 -16.51
N GLU D 224 10.28 26.07 -16.15
CA GLU D 224 9.96 26.71 -14.87
C GLU D 224 10.48 25.89 -13.69
N GLU D 225 10.34 24.56 -13.73
CA GLU D 225 10.63 23.76 -12.56
C GLU D 225 12.13 23.71 -12.25
N PHE D 226 12.97 23.54 -13.27
CA PHE D 226 14.37 23.27 -13.03
C PHE D 226 15.35 24.33 -13.51
N TYR D 227 14.94 25.24 -14.38
CA TYR D 227 15.87 26.20 -14.96
C TYR D 227 15.46 27.64 -14.69
N ASN D 228 14.75 27.86 -13.58
CA ASN D 228 14.47 29.19 -13.04
C ASN D 228 13.66 30.07 -13.99
N ALA D 229 12.94 29.47 -14.95
CA ALA D 229 12.09 30.25 -15.83
C ALA D 229 10.82 30.68 -15.09
N ASN D 230 10.18 31.71 -15.63
CA ASN D 230 8.92 32.21 -15.07
C ASN D 230 8.14 32.86 -16.20
N ILE D 231 7.06 32.20 -16.63
CA ILE D 231 6.30 32.65 -17.78
C ILE D 231 5.65 34.02 -17.57
N GLU D 232 5.56 34.48 -16.31
CA GLU D 232 5.00 35.80 -16.05
C GLU D 232 5.96 36.91 -16.43
N ASN D 233 7.27 36.64 -16.47
CA ASN D 233 8.27 37.66 -16.67
C ASN D 233 9.13 37.46 -17.92
N GLU D 234 8.97 36.35 -18.63
CA GLU D 234 9.74 36.09 -19.82
C GLU D 234 8.95 35.18 -20.75
N LEU D 235 9.28 35.26 -22.04
CA LEU D 235 8.67 34.41 -23.05
C LEU D 235 9.40 33.07 -23.03
N VAL D 236 8.84 32.08 -22.34
CA VAL D 236 9.43 30.76 -22.31
C VAL D 236 8.93 30.00 -23.54
N GLY D 237 7.62 29.78 -23.60
CA GLY D 237 7.01 29.18 -24.75
C GLY D 237 5.76 29.95 -25.13
N SER D 238 5.48 29.94 -26.44
CA SER D 238 4.30 30.61 -26.94
C SER D 238 3.63 29.74 -27.98
N SER D 239 2.30 29.84 -28.03
CA SER D 239 1.52 29.15 -29.05
C SER D 239 0.28 29.98 -29.34
N ILE D 240 -0.53 29.50 -30.28
CA ILE D 240 -1.71 30.21 -30.76
C ILE D 240 -2.86 29.21 -30.85
N PRO D 241 -4.10 29.71 -30.82
CA PRO D 241 -5.24 28.81 -31.05
C PRO D 241 -5.15 28.16 -32.42
N ALA D 242 -5.50 26.88 -32.47
CA ALA D 242 -5.38 26.13 -33.72
C ALA D 242 -6.45 25.05 -33.77
N THR D 243 -7.01 24.85 -34.96
CA THR D 243 -7.98 23.80 -35.20
C THR D 243 -7.28 22.49 -35.51
N GLU D 244 -8.03 21.41 -35.43
CA GLU D 244 -7.58 20.07 -35.77
C GLU D 244 -8.60 19.43 -36.71
N HIS D 245 -8.21 18.30 -37.30
CA HIS D 245 -9.02 17.70 -38.35
C HIS D 245 -10.40 17.28 -37.85
N SER D 246 -10.46 16.70 -36.65
CA SER D 246 -11.75 16.23 -36.14
C SER D 246 -12.71 17.39 -35.93
N VAL D 247 -12.19 18.54 -35.50
CA VAL D 247 -13.06 19.70 -35.31
C VAL D 247 -13.55 20.25 -36.65
N MET D 248 -12.66 20.34 -37.64
CA MET D 248 -13.06 20.79 -38.97
C MET D 248 -14.14 19.86 -39.55
N CYS D 249 -13.97 18.55 -39.35
CA CYS D 249 -14.96 17.59 -39.85
C CYS D 249 -16.27 17.68 -39.10
N ALA D 250 -16.21 17.93 -37.78
CA ALA D 250 -17.42 18.10 -37.00
C ALA D 250 -18.20 19.34 -37.41
N ASN D 251 -17.49 20.39 -37.86
CA ASN D 251 -18.18 21.59 -38.29
C ASN D 251 -18.82 21.46 -39.67
N GLY D 252 -18.40 20.49 -40.48
CA GLY D 252 -19.04 20.24 -41.76
C GLY D 252 -18.30 20.87 -42.92
N GLN D 253 -18.79 20.55 -44.12
CA GLN D 253 -18.11 20.86 -45.37
C GLN D 253 -18.44 22.23 -45.94
N ASP D 254 -19.33 22.99 -45.31
CA ASP D 254 -19.57 24.38 -45.73
C ASP D 254 -18.43 25.22 -45.16
N GLU D 255 -17.27 25.11 -45.82
CA GLU D 255 -16.03 25.61 -45.22
C GLU D 255 -15.94 27.13 -45.24
N TYR D 256 -16.61 27.80 -46.18
CA TYR D 256 -16.65 29.25 -46.14
C TYR D 256 -17.25 29.75 -44.83
N VAL D 257 -18.41 29.21 -44.48
CA VAL D 257 -19.09 29.63 -43.25
C VAL D 257 -18.24 29.27 -42.04
N VAL D 258 -17.64 28.08 -42.03
CA VAL D 258 -16.85 27.63 -40.89
C VAL D 258 -15.65 28.55 -40.67
N PHE D 259 -14.91 28.82 -41.76
CA PHE D 259 -13.75 29.70 -41.66
C PHE D 259 -14.14 31.11 -41.25
N LYS D 260 -15.24 31.64 -41.81
CA LYS D 260 -15.69 32.98 -41.45
C LYS D 260 -16.05 33.04 -39.97
N LYS D 261 -16.76 32.03 -39.46
CA LYS D 261 -17.06 31.98 -38.03
C LYS D 261 -15.78 31.98 -37.21
N LEU D 262 -14.81 31.16 -37.59
CA LEU D 262 -13.58 31.06 -36.82
C LEU D 262 -12.84 32.40 -36.78
N ILE D 263 -12.72 33.07 -37.92
CA ILE D 263 -11.83 34.23 -37.99
C ILE D 263 -12.53 35.56 -37.70
N THR D 264 -13.86 35.61 -37.73
CA THR D 264 -14.57 36.83 -37.40
C THR D 264 -15.38 36.74 -36.12
N GLU D 265 -15.67 35.53 -35.64
CA GLU D 265 -16.44 35.37 -34.41
C GLU D 265 -15.67 34.65 -33.32
N THR D 266 -15.13 33.45 -33.58
CA THR D 266 -14.47 32.69 -32.53
C THR D 266 -13.16 33.35 -32.11
N TYR D 267 -12.36 33.79 -33.08
CA TYR D 267 -11.12 34.53 -32.82
C TYR D 267 -11.13 35.77 -33.70
N PRO D 268 -11.83 36.82 -33.28
CA PRO D 268 -11.90 38.04 -34.10
C PRO D 268 -10.56 38.74 -34.25
N GLU D 269 -9.62 38.55 -33.32
CA GLU D 269 -8.31 39.16 -33.37
C GLU D 269 -7.27 38.13 -32.95
N GLY D 270 -6.01 38.53 -32.98
CA GLY D 270 -4.94 37.63 -32.62
C GLY D 270 -4.71 36.57 -33.67
N PHE D 271 -3.85 35.61 -33.32
CA PHE D 271 -3.49 34.53 -34.23
C PHE D 271 -4.50 33.41 -34.15
N VAL D 272 -4.68 32.71 -35.27
CA VAL D 272 -5.43 31.45 -35.29
C VAL D 272 -4.94 30.63 -36.48
N SER D 273 -4.62 29.36 -36.21
CA SER D 273 -4.21 28.41 -37.23
C SER D 273 -5.36 27.48 -37.56
N ILE D 274 -5.68 27.35 -38.83
CA ILE D 274 -6.79 26.53 -39.30
C ILE D 274 -6.24 25.48 -40.26
N VAL D 275 -6.34 24.21 -39.88
CA VAL D 275 -5.95 23.13 -40.78
C VAL D 275 -6.97 23.05 -41.90
N SER D 276 -6.48 22.98 -43.14
CA SER D 276 -7.32 23.27 -44.30
C SER D 276 -7.47 22.13 -45.28
N ASP D 277 -6.93 20.94 -45.00
CA ASP D 277 -6.95 19.86 -45.97
C ASP D 277 -7.90 18.72 -45.56
N THR D 278 -8.94 19.04 -44.78
CA THR D 278 -9.85 17.99 -44.32
C THR D 278 -10.54 17.31 -45.49
N TRP D 279 -10.97 18.07 -46.49
CA TRP D 279 -11.55 17.49 -47.69
C TRP D 279 -10.78 17.84 -48.96
N ASP D 280 -10.49 19.13 -49.18
CA ASP D 280 -9.79 19.55 -50.39
C ASP D 280 -9.05 20.84 -50.05
N PHE D 281 -7.73 20.73 -49.86
CA PHE D 281 -6.93 21.88 -49.44
C PHE D 281 -6.96 22.99 -50.48
N TRP D 282 -6.65 22.67 -51.74
CA TRP D 282 -6.52 23.69 -52.75
C TRP D 282 -7.86 24.35 -53.08
N ASN D 283 -8.95 23.60 -52.97
CA ASN D 283 -10.27 24.23 -53.09
C ASN D 283 -10.50 25.24 -51.97
N VAL D 284 -10.06 24.92 -50.76
CA VAL D 284 -10.15 25.86 -49.65
C VAL D 284 -9.35 27.12 -49.96
N ILE D 285 -8.15 26.96 -50.50
CA ILE D 285 -7.32 28.13 -50.82
C ILE D 285 -7.99 28.96 -51.92
N ASP D 286 -8.52 28.30 -52.95
CA ASP D 286 -9.03 29.00 -54.13
C ASP D 286 -10.39 29.65 -53.89
N THR D 287 -11.23 29.07 -53.03
CA THR D 287 -12.60 29.53 -52.88
C THR D 287 -12.98 29.93 -51.47
N VAL D 288 -12.24 29.50 -50.45
CA VAL D 288 -12.55 29.92 -49.09
C VAL D 288 -11.64 31.10 -48.72
N VAL D 289 -10.33 30.86 -48.73
CA VAL D 289 -9.39 31.90 -48.34
C VAL D 289 -9.46 33.09 -49.29
N ARG D 290 -9.56 32.82 -50.60
CA ARG D 290 -9.68 33.92 -51.56
C ARG D 290 -10.93 34.74 -51.31
N LYS D 291 -12.06 34.08 -51.07
CA LYS D 291 -13.30 34.80 -50.84
C LYS D 291 -13.28 35.57 -49.52
N LEU D 292 -12.46 35.14 -48.56
CA LEU D 292 -12.40 35.74 -47.24
C LEU D 292 -11.31 36.79 -47.11
N LYS D 293 -10.79 37.31 -48.23
CA LYS D 293 -9.60 38.16 -48.17
C LYS D 293 -9.85 39.43 -47.36
N GLY D 294 -10.98 40.09 -47.57
CA GLY D 294 -11.27 41.31 -46.83
C GLY D 294 -11.46 41.06 -45.35
N ASP D 295 -12.12 39.95 -45.01
CA ASP D 295 -12.29 39.58 -43.60
C ASP D 295 -10.94 39.31 -42.96
N ILE D 296 -10.02 38.69 -43.70
CA ILE D 296 -8.69 38.39 -43.17
C ILE D 296 -7.89 39.68 -42.99
N LEU D 297 -7.98 40.60 -43.95
CA LEU D 297 -7.22 41.85 -43.87
C LEU D 297 -7.83 42.81 -42.86
N LYS D 298 -9.09 42.64 -42.47
CA LYS D 298 -9.69 43.51 -41.48
C LYS D 298 -9.34 43.13 -40.05
N ARG D 299 -8.89 41.90 -39.83
CA ARG D 299 -8.56 41.46 -38.47
C ARG D 299 -7.30 42.14 -37.97
N ASP D 300 -7.28 42.48 -36.68
CA ASP D 300 -6.05 42.88 -36.00
C ASP D 300 -5.37 41.60 -35.55
N GLY D 301 -4.71 40.94 -36.48
CA GLY D 301 -4.08 39.66 -36.19
C GLY D 301 -3.73 38.93 -37.48
N LYS D 302 -3.52 37.63 -37.34
CA LYS D 302 -3.04 36.81 -38.43
C LYS D 302 -3.84 35.53 -38.51
N VAL D 303 -4.26 35.16 -39.71
CA VAL D 303 -4.86 33.85 -39.97
C VAL D 303 -3.79 32.98 -40.60
N VAL D 304 -3.46 31.88 -39.94
CA VAL D 304 -2.41 30.97 -40.38
C VAL D 304 -3.05 29.78 -41.06
N ILE D 305 -2.61 29.50 -42.28
CA ILE D 305 -3.13 28.37 -43.06
C ILE D 305 -2.23 27.17 -42.81
N ARG D 306 -2.83 26.06 -42.37
CA ARG D 306 -2.09 24.83 -42.09
C ARG D 306 -2.52 23.70 -43.01
N PRO D 307 -1.74 23.38 -44.03
CA PRO D 307 -1.91 22.08 -44.70
C PRO D 307 -1.33 20.96 -43.86
N ASP D 308 -1.79 19.74 -44.15
CA ASP D 308 -1.30 18.60 -43.38
C ASP D 308 -1.07 17.34 -44.22
N SER D 309 -1.03 17.42 -45.55
CA SER D 309 -0.83 16.23 -46.35
C SER D 309 -0.20 16.61 -47.69
N GLY D 310 0.41 15.63 -48.34
CA GLY D 310 1.14 15.85 -49.57
C GLY D 310 2.63 16.00 -49.33
N ASP D 311 3.33 16.38 -50.39
CA ASP D 311 4.75 16.66 -50.30
C ASP D 311 4.93 18.06 -49.68
N PRO D 312 5.54 18.18 -48.49
CA PRO D 312 5.67 19.50 -47.89
C PRO D 312 6.40 20.50 -48.77
N VAL D 313 7.48 20.07 -49.42
CA VAL D 313 8.23 20.95 -50.31
C VAL D 313 7.34 21.42 -51.46
N LYS D 314 6.58 20.50 -52.06
CA LYS D 314 5.75 20.85 -53.19
C LYS D 314 4.55 21.70 -52.77
N ILE D 315 3.95 21.38 -51.61
CA ILE D 315 2.81 22.17 -51.15
C ILE D 315 3.22 23.61 -50.84
N ILE D 316 4.36 23.78 -50.16
CA ILE D 316 4.76 25.12 -49.75
C ILE D 316 5.35 25.90 -50.93
N CYS D 317 6.27 25.29 -51.69
CA CYS D 317 7.01 25.99 -52.72
C CYS D 317 6.45 25.78 -54.12
N GLY D 318 5.58 24.81 -54.33
CA GLY D 318 5.02 24.56 -55.63
C GLY D 318 5.57 23.29 -56.25
N ASP D 319 4.78 22.74 -57.18
CA ASP D 319 5.19 21.57 -57.97
C ASP D 319 5.33 22.00 -59.42
N PRO D 320 6.57 22.12 -59.94
CA PRO D 320 6.72 22.59 -61.33
C PRO D 320 6.03 21.72 -62.35
N GLU D 321 5.89 20.42 -62.08
CA GLU D 321 5.25 19.51 -63.03
C GLU D 321 3.73 19.52 -62.96
N ALA D 322 3.14 20.24 -62.00
CA ALA D 322 1.70 20.26 -61.87
C ALA D 322 1.05 21.10 -62.96
N LYS D 323 -0.12 20.66 -63.42
CA LYS D 323 -0.85 21.39 -64.44
C LYS D 323 -1.74 22.48 -63.85
N ASP D 324 -2.34 22.25 -62.69
CA ASP D 324 -3.14 23.29 -62.05
C ASP D 324 -2.24 24.44 -61.60
N GLU D 325 -2.66 25.67 -61.89
CA GLU D 325 -1.81 26.82 -61.64
C GLU D 325 -1.53 27.00 -60.15
N LEU D 326 -2.56 26.79 -59.31
CA LEU D 326 -2.38 26.94 -57.87
C LEU D 326 -1.39 25.90 -57.32
N VAL D 327 -1.55 24.64 -57.74
CA VAL D 327 -0.64 23.59 -57.28
C VAL D 327 0.78 23.87 -57.76
N ARG D 328 0.92 24.33 -59.01
CA ARG D 328 2.24 24.63 -59.55
C ARG D 328 2.91 25.79 -58.81
N LYS D 329 2.13 26.81 -58.44
CA LYS D 329 2.71 27.96 -57.76
C LYS D 329 3.05 27.65 -56.31
N GLY D 330 2.21 26.87 -55.62
CA GLY D 330 2.41 26.57 -54.23
C GLY D 330 1.76 27.59 -53.30
N LEU D 331 1.71 27.23 -52.02
CA LEU D 331 0.91 28.00 -51.07
C LEU D 331 1.46 29.40 -50.88
N ILE D 332 2.78 29.53 -50.67
CA ILE D 332 3.35 30.84 -50.36
C ILE D 332 3.13 31.81 -51.51
N GLU D 333 3.39 31.36 -52.75
CA GLU D 333 3.21 32.23 -53.90
C GLU D 333 1.75 32.60 -54.10
N VAL D 334 0.84 31.65 -53.92
CA VAL D 334 -0.59 31.92 -54.10
C VAL D 334 -1.08 32.92 -53.06
N LEU D 335 -0.67 32.72 -51.80
CA LEU D 335 -1.02 33.66 -50.74
C LEU D 335 -0.46 35.04 -51.03
N TRP D 336 0.74 35.10 -51.61
CA TRP D 336 1.30 36.39 -52.03
C TRP D 336 0.45 37.02 -53.12
N ASP D 337 0.00 36.22 -54.09
CA ASP D 337 -0.82 36.75 -55.17
C ASP D 337 -2.12 37.33 -54.64
N ILE D 338 -2.72 36.66 -53.65
CA ILE D 338 -3.99 37.15 -53.11
C ILE D 338 -3.76 38.38 -52.23
N PHE D 339 -2.84 38.27 -51.28
CA PHE D 339 -2.70 39.26 -50.21
C PHE D 339 -1.54 40.23 -50.43
N GLY D 340 -0.57 39.89 -51.27
CA GLY D 340 0.58 40.75 -51.39
C GLY D 340 1.39 40.76 -50.10
N GLY D 341 2.16 41.84 -49.94
CA GLY D 341 2.96 41.99 -48.74
C GLY D 341 4.03 43.06 -48.85
N ASN D 342 5.22 42.77 -48.35
CA ASN D 342 6.31 43.72 -48.34
C ASN D 342 7.57 43.08 -48.92
N VAL D 343 8.56 43.91 -49.19
CA VAL D 343 9.88 43.48 -49.65
C VAL D 343 10.90 43.82 -48.56
N THR D 344 11.73 42.85 -48.20
CA THR D 344 12.72 43.06 -47.15
C THR D 344 13.90 43.86 -47.67
N ASP D 345 14.85 44.12 -46.76
CA ASP D 345 16.05 44.87 -47.11
C ASP D 345 16.94 44.11 -48.09
N LYS D 346 16.80 42.79 -48.17
CA LYS D 346 17.60 41.97 -49.07
C LYS D 346 16.90 41.70 -50.40
N GLY D 347 15.68 42.19 -50.57
CA GLY D 347 14.97 42.02 -51.82
C GLY D 347 14.06 40.81 -51.92
N TYR D 348 13.69 40.21 -50.80
CA TYR D 348 12.82 39.04 -50.80
C TYR D 348 11.41 39.42 -50.34
N LYS D 349 10.43 38.66 -50.80
CA LYS D 349 9.03 38.95 -50.53
C LYS D 349 8.57 38.31 -49.23
N VAL D 350 7.81 39.06 -48.44
CA VAL D 350 7.22 38.57 -47.21
C VAL D 350 5.72 38.83 -47.27
N LEU D 351 4.94 37.81 -46.87
CA LEU D 351 3.49 37.89 -46.94
C LEU D 351 2.96 39.00 -46.06
N ASP D 352 1.82 39.55 -46.47
CA ASP D 352 1.12 40.53 -45.64
C ASP D 352 0.89 39.94 -44.25
N PRO D 353 1.16 40.69 -43.18
CA PRO D 353 1.15 40.09 -41.84
C PRO D 353 -0.19 39.54 -41.40
N HIS D 354 -1.26 39.78 -42.14
CA HIS D 354 -2.56 39.21 -41.78
C HIS D 354 -2.72 37.77 -42.20
N ILE D 355 -1.85 37.25 -43.06
CA ILE D 355 -1.89 35.87 -43.52
C ILE D 355 -0.55 35.21 -43.23
N GLY D 356 -0.58 33.89 -43.09
CA GLY D 356 0.63 33.14 -42.78
C GLY D 356 0.43 31.66 -43.05
N ALA D 357 1.54 30.93 -42.98
CA ALA D 357 1.54 29.50 -43.28
C ALA D 357 2.31 28.73 -42.21
N ILE D 358 1.82 27.54 -41.91
CA ILE D 358 2.51 26.60 -41.03
C ILE D 358 2.34 25.20 -41.60
N TYR D 359 3.42 24.42 -41.56
CA TYR D 359 3.38 23.02 -42.00
C TYR D 359 3.98 22.17 -40.89
N GLY D 360 3.21 21.19 -40.42
CA GLY D 360 3.64 20.38 -39.29
C GLY D 360 3.53 18.88 -39.49
N ASP D 361 3.63 18.43 -40.74
CA ASP D 361 3.61 17.01 -41.05
C ASP D 361 4.82 16.67 -41.91
N ALA D 362 5.54 15.62 -41.53
CA ALA D 362 6.67 15.08 -42.30
C ALA D 362 7.78 16.11 -42.50
N ILE D 363 7.95 17.02 -41.53
CA ILE D 363 9.06 17.98 -41.58
C ILE D 363 10.33 17.30 -41.11
N THR D 364 11.43 17.54 -41.84
CA THR D 364 12.75 17.11 -41.42
C THR D 364 13.72 18.29 -41.59
N ILE D 365 14.91 18.14 -41.02
CA ILE D 365 15.96 19.15 -41.20
C ILE D 365 16.22 19.36 -42.68
N SER D 366 16.35 18.26 -43.43
CA SER D 366 16.60 18.34 -44.86
C SER D 366 15.44 19.03 -45.58
N ARG D 367 14.21 18.72 -45.18
CA ARG D 367 13.05 19.34 -45.82
C ARG D 367 12.91 20.81 -45.45
N CYS D 368 13.24 21.17 -44.22
CA CYS D 368 13.25 22.59 -43.84
C CYS D 368 14.26 23.37 -44.68
N LYS D 369 15.46 22.81 -44.84
CA LYS D 369 16.48 23.44 -45.67
C LYS D 369 16.02 23.55 -47.12
N GLU D 370 15.43 22.48 -47.65
CA GLU D 370 14.97 22.50 -49.05
C GLU D 370 13.87 23.53 -49.25
N ILE D 371 12.95 23.64 -48.30
CA ILE D 371 11.87 24.62 -48.40
C ILE D 371 12.45 26.03 -48.40
N CYS D 372 13.38 26.31 -47.48
CA CYS D 372 13.99 27.63 -47.44
C CYS D 372 14.70 27.93 -48.76
N LYS D 373 15.48 26.97 -49.27
CA LYS D 373 16.25 27.20 -50.49
C LYS D 373 15.35 27.46 -51.68
N LYS D 374 14.29 26.65 -51.84
CA LYS D 374 13.42 26.80 -53.00
C LYS D 374 12.58 28.06 -52.90
N LEU D 375 12.16 28.43 -51.68
CA LEU D 375 11.46 29.72 -51.52
C LEU D 375 12.38 30.87 -51.87
N ALA D 376 13.65 30.79 -51.47
CA ALA D 376 14.62 31.83 -51.84
C ALA D 376 14.80 31.91 -53.34
N ALA D 377 14.82 30.75 -54.02
CA ALA D 377 14.96 30.74 -55.46
C ALA D 377 13.78 31.41 -56.16
N LYS D 378 12.60 31.44 -55.53
CA LYS D 378 11.45 32.14 -56.06
C LYS D 378 11.35 33.58 -55.55
N GLY D 379 12.35 34.05 -54.80
CA GLY D 379 12.34 35.40 -54.27
C GLY D 379 11.56 35.59 -53.00
N PHE D 380 11.18 34.51 -52.32
CA PHE D 380 10.39 34.59 -51.10
C PHE D 380 11.28 34.35 -49.88
N ALA D 381 11.09 35.18 -48.86
CA ALA D 381 11.87 35.05 -47.64
C ALA D 381 11.48 33.79 -46.88
N SER D 382 12.44 33.27 -46.09
CA SER D 382 12.21 32.05 -45.36
C SER D 382 11.19 32.22 -44.23
N VAL D 383 11.03 33.44 -43.72
CA VAL D 383 10.19 33.69 -42.56
C VAL D 383 8.71 33.55 -42.90
N ASN D 384 8.42 33.24 -44.17
CA ASN D 384 7.03 33.07 -44.60
C ASN D 384 6.42 31.77 -44.12
N VAL D 385 7.21 30.83 -43.60
CA VAL D 385 6.72 29.53 -43.19
C VAL D 385 7.18 29.23 -41.76
N VAL D 386 6.27 28.73 -40.95
CA VAL D 386 6.59 28.15 -39.65
C VAL D 386 6.66 26.64 -39.83
N PHE D 387 7.63 26.01 -39.18
CA PHE D 387 7.85 24.58 -39.31
C PHE D 387 7.42 23.85 -38.05
N GLY D 388 6.39 23.02 -38.16
CA GLY D 388 6.02 22.14 -37.08
C GLY D 388 6.94 20.93 -37.02
N ILE D 389 7.76 20.87 -35.97
CA ILE D 389 8.72 19.79 -35.78
C ILE D 389 8.07 18.74 -34.90
N GLY D 390 7.98 17.51 -35.42
CA GLY D 390 7.27 16.44 -34.77
C GLY D 390 8.18 15.36 -34.21
N SER D 391 7.58 14.22 -33.89
CA SER D 391 8.28 13.16 -33.17
C SER D 391 9.30 12.44 -34.01
N PHE D 392 9.21 12.50 -35.34
CA PHE D 392 10.24 11.86 -36.15
C PHE D 392 11.61 12.48 -35.89
N THR D 393 11.65 13.81 -35.73
CA THR D 393 12.89 14.46 -35.34
C THR D 393 13.30 14.10 -33.91
N TYR D 394 12.39 14.31 -32.95
CA TYR D 394 12.77 14.27 -31.55
C TYR D 394 12.71 12.87 -30.92
N GLN D 395 11.77 12.03 -31.34
CA GLN D 395 11.63 10.72 -30.72
C GLN D 395 12.52 9.68 -31.38
N TYR D 396 12.60 9.67 -32.72
CA TYR D 396 13.28 8.62 -33.46
C TYR D 396 14.80 8.82 -33.37
N ASN D 397 15.33 8.54 -32.18
CA ASN D 397 16.76 8.61 -31.93
C ASN D 397 17.14 7.52 -30.94
N THR D 398 18.43 7.26 -30.83
CA THR D 398 18.99 6.51 -29.72
C THR D 398 20.06 7.35 -29.03
N ARG D 399 20.44 6.90 -27.84
CA ARG D 399 21.62 7.44 -27.17
C ARG D 399 22.85 7.40 -28.07
N ASP D 400 22.86 6.50 -29.06
CA ASP D 400 23.96 6.37 -30.01
C ASP D 400 23.84 7.31 -31.19
N THR D 401 22.74 8.06 -31.31
CA THR D 401 22.62 9.03 -32.39
C THR D 401 23.77 10.02 -32.36
N PHE D 402 24.15 10.47 -31.17
CA PHE D 402 25.38 11.22 -30.96
C PHE D 402 26.37 10.44 -30.10
N GLY D 403 26.30 9.11 -30.14
CA GLY D 403 27.33 8.26 -29.58
C GLY D 403 27.63 8.50 -28.12
N PHE D 404 26.59 8.69 -27.31
CA PHE D 404 26.79 9.04 -25.92
C PHE D 404 27.26 7.84 -25.12
N ALA D 405 28.21 8.06 -24.21
CA ALA D 405 28.68 6.98 -23.37
C ALA D 405 29.14 7.51 -22.02
N MET D 406 28.72 6.82 -20.96
CA MET D 406 29.28 6.90 -19.62
C MET D 406 30.47 5.96 -19.56
N LYS D 407 31.67 6.50 -19.33
CA LYS D 407 32.89 5.71 -19.35
C LYS D 407 33.71 5.97 -18.10
N ALA D 408 33.95 4.93 -17.31
CA ALA D 408 34.97 5.02 -16.29
C ALA D 408 36.32 5.18 -16.96
N THR D 409 37.05 6.23 -16.59
CA THR D 409 38.38 6.46 -17.13
C THR D 409 39.46 6.49 -16.07
N TYR D 410 39.12 6.61 -14.79
CA TYR D 410 40.20 6.80 -13.82
C TYR D 410 39.84 6.15 -12.49
N THR D 411 40.80 5.50 -11.86
CA THR D 411 40.56 4.88 -10.57
C THR D 411 41.76 5.11 -9.67
N VAL D 412 41.50 5.05 -8.37
CA VAL D 412 42.56 5.04 -7.36
C VAL D 412 42.34 3.82 -6.48
N VAL D 413 43.38 2.99 -6.38
CA VAL D 413 43.36 1.75 -5.62
C VAL D 413 44.57 1.77 -4.68
N ASN D 414 44.31 1.75 -3.37
CA ASN D 414 45.35 1.78 -2.34
C ASN D 414 46.34 2.92 -2.59
N GLY D 415 45.81 4.09 -2.92
CA GLY D 415 46.61 5.27 -3.15
C GLY D 415 47.30 5.34 -4.49
N GLU D 416 47.10 4.35 -5.36
CA GLU D 416 47.72 4.33 -6.67
C GLU D 416 46.71 4.79 -7.72
N GLU D 417 47.07 5.86 -8.43
CA GLU D 417 46.30 6.32 -9.59
C GLU D 417 46.49 5.33 -10.74
N ARG D 418 45.37 4.94 -11.36
CA ARG D 418 45.38 4.04 -12.50
C ARG D 418 44.41 4.54 -13.55
N GLN D 419 44.74 4.24 -14.80
CA GLN D 419 43.86 4.55 -15.92
C GLN D 419 43.03 3.33 -16.27
N ILE D 420 41.76 3.57 -16.59
CA ILE D 420 40.82 2.52 -16.99
C ILE D 420 40.48 2.72 -18.45
N PHE D 421 40.63 1.66 -19.24
CA PHE D 421 40.26 1.68 -20.65
C PHE D 421 40.32 0.26 -21.18
N LYS D 422 39.36 -0.09 -22.04
CA LYS D 422 39.36 -1.37 -22.71
C LYS D 422 40.02 -1.24 -24.08
N ASN D 423 40.54 -2.37 -24.57
CA ASN D 423 41.15 -2.44 -25.91
C ASN D 423 40.83 -3.79 -26.51
N PRO D 424 39.59 -4.00 -26.93
CA PRO D 424 39.15 -5.33 -27.37
C PRO D 424 39.76 -5.70 -28.72
N LYS D 425 40.49 -6.81 -28.76
CA LYS D 425 41.07 -7.30 -30.00
C LYS D 425 40.03 -7.77 -31.00
N THR D 426 38.75 -7.79 -30.61
CA THR D 426 37.66 -8.19 -31.49
C THR D 426 36.87 -7.00 -32.05
N ASP D 427 37.39 -5.79 -31.88
CA ASP D 427 36.68 -4.57 -32.26
C ASP D 427 37.29 -3.95 -33.51
N ASP D 428 36.54 -3.04 -34.13
CA ASP D 428 36.99 -2.35 -35.34
C ASP D 428 38.34 -1.66 -35.11
N GLY D 429 38.43 -0.87 -34.06
CA GLY D 429 39.67 -0.16 -33.74
C GLY D 429 39.81 1.15 -34.50
N LYS D 432 39.88 6.23 -30.41
CA LYS D 432 40.74 6.48 -29.26
C LYS D 432 39.93 6.66 -27.99
N SER D 433 40.33 5.97 -26.93
CA SER D 433 39.61 6.01 -25.66
C SER D 433 40.21 7.04 -24.72
N GLN D 434 39.36 7.55 -23.83
CA GLN D 434 39.81 8.48 -22.79
C GLN D 434 40.48 7.70 -21.66
N LYS D 435 41.64 8.18 -21.22
CA LYS D 435 42.40 7.53 -20.15
C LYS D 435 42.73 8.54 -19.08
N GLY D 436 42.53 8.17 -17.81
CA GLY D 436 42.85 9.03 -16.70
C GLY D 436 41.87 10.18 -16.55
N LEU D 437 42.32 11.20 -15.82
CA LEU D 437 41.50 12.39 -15.63
C LEU D 437 41.46 13.20 -16.92
N VAL D 438 40.35 13.88 -17.14
CA VAL D 438 40.13 14.61 -18.38
C VAL D 438 39.81 16.06 -18.06
N ALA D 439 40.17 16.94 -19.00
CA ALA D 439 39.84 18.35 -18.97
C ALA D 439 39.52 18.78 -20.39
N VAL D 440 38.73 19.85 -20.53
CA VAL D 440 38.44 20.41 -21.83
C VAL D 440 38.89 21.86 -21.78
N VAL D 441 39.77 22.25 -22.71
CA VAL D 441 40.39 23.56 -22.65
C VAL D 441 40.15 24.30 -23.96
N ASN D 442 40.16 25.63 -23.88
CA ASN D 442 40.12 26.45 -25.07
C ASN D 442 41.48 26.39 -25.76
N ASN D 443 41.47 26.00 -27.03
CA ASN D 443 42.67 25.71 -27.82
C ASN D 443 42.48 26.53 -29.09
N GLY D 444 43.09 27.70 -29.13
CA GLY D 444 42.76 28.67 -30.15
C GLY D 444 41.26 28.92 -30.17
N ASN D 445 40.62 28.56 -31.28
CA ASN D 445 39.19 28.77 -31.44
C ASN D 445 38.34 27.56 -31.09
N GLU D 446 38.93 26.39 -30.80
CA GLU D 446 38.16 25.18 -30.59
C GLU D 446 38.37 24.63 -29.20
N LEU D 447 37.35 23.97 -28.66
CA LEU D 447 37.52 23.22 -27.43
C LEU D 447 38.27 21.93 -27.73
N SER D 448 39.23 21.58 -26.88
CA SER D 448 40.06 20.41 -27.07
C SER D 448 40.07 19.56 -25.81
N LEU D 449 39.97 18.26 -26.00
CA LEU D 449 40.12 17.31 -24.90
C LEU D 449 41.59 17.19 -24.52
N VAL D 450 41.84 17.14 -23.22
CA VAL D 450 43.12 16.78 -22.63
C VAL D 450 42.86 15.61 -21.71
N ASP D 451 43.62 14.53 -21.86
CA ASP D 451 43.43 13.37 -21.01
C ASP D 451 44.80 12.82 -20.62
N GLU D 452 44.81 11.64 -20.01
CA GLU D 452 46.02 11.03 -19.46
C GLU D 452 46.62 11.92 -18.36
N LEU D 453 45.77 12.68 -17.69
CA LEU D 453 46.17 13.56 -16.60
C LEU D 453 46.11 12.79 -15.28
N ASP D 454 47.16 12.91 -14.47
CA ASP D 454 47.05 12.46 -13.09
C ASP D 454 46.51 13.62 -12.25
N ARG D 455 46.27 13.36 -10.96
CA ARG D 455 45.60 14.35 -10.12
C ARG D 455 46.38 15.65 -10.04
N ASN D 456 47.72 15.57 -9.95
CA ASN D 456 48.54 16.77 -9.87
C ASN D 456 48.40 17.62 -11.13
N ALA D 457 48.55 17.00 -12.30
CA ALA D 457 48.43 17.74 -13.56
C ALA D 457 47.03 18.29 -13.75
N TYR D 458 46.02 17.52 -13.36
CA TYR D 458 44.63 17.96 -13.44
C TYR D 458 44.39 19.20 -12.59
N LYS D 459 44.90 19.19 -11.34
CA LYS D 459 44.82 20.37 -10.50
C LYS D 459 45.52 21.55 -11.15
N GLN D 460 46.70 21.30 -11.76
CA GLN D 460 47.41 22.37 -12.44
C GLN D 460 46.56 23.01 -13.52
N LEU D 461 45.79 22.20 -14.25
CA LEU D 461 45.00 22.68 -15.39
C LEU D 461 43.61 23.17 -14.99
N SER D 462 43.26 23.10 -13.70
CA SER D 462 41.87 23.31 -13.28
C SER D 462 41.34 24.68 -13.71
N ASN D 463 42.20 25.70 -13.79
CA ASN D 463 41.73 27.03 -14.13
C ASN D 463 41.33 27.15 -15.60
N ASP D 464 41.87 26.32 -16.48
CA ASP D 464 41.55 26.38 -17.90
C ASP D 464 40.52 25.34 -18.32
N ASP D 465 40.19 24.38 -17.46
CA ASP D 465 39.12 23.44 -17.76
C ASP D 465 37.80 24.17 -17.82
N ILE D 466 37.07 24.02 -18.93
CA ILE D 466 35.75 24.63 -19.05
C ILE D 466 34.66 23.76 -18.45
N LEU D 467 35.00 22.55 -18.00
CA LEU D 467 34.15 21.81 -17.08
C LEU D 467 34.18 22.51 -15.72
N GLU D 468 33.01 22.79 -15.16
CA GLU D 468 32.92 23.52 -13.91
C GLU D 468 32.24 22.65 -12.85
N ASP D 469 32.60 22.89 -11.60
CA ASP D 469 31.91 22.24 -10.48
C ASP D 469 30.41 22.55 -10.54
N VAL D 470 29.60 21.50 -10.57
CA VAL D 470 28.14 21.65 -10.58
C VAL D 470 27.50 21.04 -9.34
N PHE D 471 28.00 19.91 -8.86
CA PHE D 471 27.35 19.28 -7.71
C PHE D 471 28.36 18.55 -6.84
N ILE D 472 28.38 18.88 -5.55
CA ILE D 472 29.30 18.22 -4.62
C ILE D 472 28.59 18.00 -3.29
N ASN D 473 28.58 16.75 -2.82
CA ASN D 473 28.14 16.39 -1.47
C ASN D 473 26.79 17.00 -1.12
N GLY D 474 25.85 16.90 -2.07
CA GLY D 474 24.52 17.43 -1.88
C GLY D 474 24.37 18.90 -2.21
N GLN D 475 25.46 19.59 -2.53
CA GLN D 475 25.42 21.03 -2.79
C GLN D 475 25.31 21.29 -4.27
N LEU D 476 24.30 22.08 -4.66
CA LEU D 476 24.26 22.65 -5.99
C LEU D 476 25.28 23.77 -6.06
N LEU D 477 26.20 23.68 -7.01
CA LEU D 477 27.25 24.67 -7.16
C LEU D 477 27.05 25.61 -8.34
N ARG D 478 26.22 25.22 -9.31
CA ARG D 478 25.89 26.05 -10.45
C ARG D 478 24.41 25.94 -10.71
N ASN D 479 23.75 27.08 -10.95
CA ASN D 479 22.30 27.15 -11.12
C ASN D 479 22.02 28.09 -12.28
N GLN D 480 21.94 27.54 -13.49
CA GLN D 480 21.74 28.32 -14.69
C GLN D 480 20.26 28.58 -14.93
N THR D 481 19.97 29.70 -15.58
CA THR D 481 18.62 30.02 -16.01
C THR D 481 18.45 29.71 -17.48
N LEU D 482 17.19 29.52 -17.89
CA LEU D 482 16.89 29.33 -19.30
C LEU D 482 17.36 30.51 -20.13
N SER D 483 17.20 31.73 -19.60
CA SER D 483 17.64 32.91 -20.32
C SER D 483 19.15 32.89 -20.56
N GLU D 484 19.92 32.52 -19.54
CA GLU D 484 21.37 32.44 -19.70
C GLU D 484 21.77 31.37 -20.71
N ILE D 485 21.10 30.22 -20.69
CA ILE D 485 21.43 29.15 -21.62
C ILE D 485 21.09 29.57 -23.06
N ARG D 486 19.93 30.20 -23.25
CA ARG D 486 19.56 30.70 -24.56
C ARG D 486 20.56 31.74 -25.05
N GLU D 487 21.00 32.62 -24.15
CA GLU D 487 21.99 33.63 -24.55
C GLU D 487 23.31 32.99 -24.93
N LEU D 488 23.77 32.00 -24.16
CA LEU D 488 25.01 31.31 -24.50
C LEU D 488 24.90 30.61 -25.85
N LEU D 489 23.75 30.01 -26.12
CA LEU D 489 23.59 29.24 -27.35
C LEU D 489 23.61 30.14 -28.58
N LEU D 490 22.87 31.25 -28.53
CA LEU D 490 22.58 32.04 -29.73
C LEU D 490 23.37 33.35 -29.81
N ASP D 491 24.32 33.57 -28.89
CA ASP D 491 24.99 34.86 -28.66
C ASP D 491 24.07 35.78 -27.85
#